data_9J60
#
_entry.id   9J60
#
_cell.length_a   1.00
_cell.length_b   1.00
_cell.length_c   1.00
_cell.angle_alpha   90.00
_cell.angle_beta   90.00
_cell.angle_gamma   90.00
#
_symmetry.space_group_name_H-M   'P 1'
#
_entity_poly.entity_id   1
_entity_poly.type   'polypeptide(L)'
_entity_poly.pdbx_seq_one_letter_code
;MGSSHHHHHHSSGLVPRGSHSDEVDAHMSVASAVEVGVGEDEEEGVEEEEEEVEAVVMPERYALGGACRVLAGMPAPLGA
TALDGGVNFAVYSAGASAASLCLFTPDDLEADEVTEEVPLDPLFNRTGNVWHVFIEGELHNMLYGYRFDGMFAPHCGQYF
DVSNVVVDPYAKAVISRGEYGVPGPGGDCWPQMAGMIPLPYSTFDWQGDLPLRYPQKDLVIYEMHLRGFTKHSSSNVEHP
GTYIGAISKLDYLKELGVNCVELMPCHEFNELEYFSCSSKMNFWGYSTINFFSPMIRYSSGGIRNCGRDAINEFKTFVRE
AHKRGIEVIMDVVFNHTAEGNEKGPILSFRGIDNSTYYMLAPKGEFYNYSGCGNTFNCNHPVVREFIVDCLRYWVTEMHV
DGFRFDLASIMTRGCSLWDPVNVYGSPVEGDMTTTGTPLATPPLIDMISNDPILGDVKLIAEAWDAGGLYQVGQFPHWKI
WSEWNGKYRDIVRQFIKGTDGFAGGFAECLCGSPHLYQAGGRKPWHSINFVCAHDGFTLADLVTYNKKYNSSNGEDNRDG
ENHNLSWNCGEEGEFAGLSVKRLRKRQMRNFFVSLMVSQGVPMFYMGDEYGHTKGGNNNTYCHDHYVNYFRWDKKEESSD
LQRFCSLMTKFRKQCESLGLADFPTAQRLHWHGHQPGKPDWSETSRFVAFSTKDETKGEIYVAFNASHLPAVVGLPERPG
YRWEPLVDTGKPAPYDFLTDDLPDRAHAVHLFSHFLNSNLYPMLSYSSIILELQPDD
;
_entity_poly.pdbx_strand_id   A,B
#
# COMPACT_ATOMS: atom_id res chain seq x y z
N ARG A 69 43.65 -0.05 -76.13
CA ARG A 69 43.34 -0.96 -77.27
C ARG A 69 42.01 -1.65 -77.08
N VAL A 70 41.18 -1.65 -78.11
CA VAL A 70 39.85 -2.25 -78.05
C VAL A 70 39.95 -3.70 -78.48
N LEU A 71 39.47 -4.62 -77.64
CA LEU A 71 39.46 -6.04 -77.92
C LEU A 71 38.02 -6.58 -77.84
N ALA A 72 37.90 -7.89 -77.95
CA ALA A 72 36.58 -8.51 -78.06
C ALA A 72 35.79 -8.43 -76.75
N GLY A 73 36.32 -9.01 -75.69
CA GLY A 73 35.61 -9.11 -74.43
C GLY A 73 34.89 -10.45 -74.26
N MET A 74 34.45 -10.69 -73.04
CA MET A 74 33.86 -11.96 -72.67
C MET A 74 32.60 -11.71 -71.86
N PRO A 75 31.65 -12.65 -71.88
CA PRO A 75 30.35 -12.41 -71.22
C PRO A 75 30.46 -12.09 -69.74
N ALA A 76 31.35 -12.76 -69.02
CA ALA A 76 31.38 -12.62 -67.57
C ALA A 76 32.47 -11.65 -67.14
N PRO A 77 32.22 -10.83 -66.11
CA PRO A 77 30.96 -10.65 -65.38
C PRO A 77 30.00 -9.75 -66.16
N LEU A 78 28.71 -9.73 -65.82
CA LEU A 78 27.78 -8.84 -66.51
C LEU A 78 27.90 -7.43 -65.95
N GLY A 79 29.08 -6.84 -66.07
CA GLY A 79 29.34 -5.52 -65.52
C GLY A 79 30.69 -4.99 -65.94
N ALA A 80 31.43 -4.39 -65.02
CA ALA A 80 32.77 -3.90 -65.30
C ALA A 80 33.73 -4.50 -64.29
N THR A 81 34.88 -4.97 -64.79
CA THR A 81 35.88 -5.59 -63.93
C THR A 81 37.27 -5.14 -64.38
N ALA A 82 38.20 -5.14 -63.43
CA ALA A 82 39.58 -4.72 -63.68
C ALA A 82 40.53 -5.90 -63.86
N LEU A 83 40.01 -7.13 -63.95
CA LEU A 83 40.86 -8.28 -64.19
C LEU A 83 41.49 -8.20 -65.58
N ASP A 84 42.58 -8.92 -65.78
CA ASP A 84 43.18 -8.99 -67.12
C ASP A 84 43.54 -7.59 -67.59
N GLY A 85 44.59 -6.99 -67.02
CA GLY A 85 44.76 -5.56 -66.97
C GLY A 85 44.18 -4.81 -68.15
N GLY A 86 43.39 -3.79 -67.83
CA GLY A 86 42.35 -3.27 -68.68
C GLY A 86 41.00 -3.44 -68.00
N VAL A 87 39.95 -3.05 -68.72
CA VAL A 87 38.60 -3.14 -68.19
C VAL A 87 37.72 -3.85 -69.19
N ASN A 88 36.94 -4.81 -68.71
CA ASN A 88 36.00 -5.56 -69.54
C ASN A 88 34.57 -5.17 -69.15
N PHE A 89 33.82 -4.65 -70.11
CA PHE A 89 32.44 -4.25 -69.91
C PHE A 89 31.53 -5.20 -70.66
N ALA A 90 30.50 -5.68 -69.98
CA ALA A 90 29.52 -6.58 -70.58
C ALA A 90 28.14 -6.16 -70.13
N VAL A 91 27.19 -6.07 -71.07
CA VAL A 91 25.84 -5.64 -70.76
C VAL A 91 24.84 -6.52 -71.51
N TYR A 92 23.81 -6.99 -70.79
CA TYR A 92 22.74 -7.76 -71.41
C TYR A 92 21.64 -6.83 -71.89
N SER A 93 21.09 -7.12 -73.07
CA SER A 93 19.97 -6.36 -73.62
C SER A 93 19.09 -7.33 -74.39
N ALA A 94 18.02 -6.79 -75.00
CA ALA A 94 17.11 -7.59 -75.79
C ALA A 94 16.76 -6.91 -77.12
N GLY A 95 17.06 -5.62 -77.22
CA GLY A 95 16.73 -4.88 -78.42
C GLY A 95 17.76 -3.84 -78.81
N ALA A 96 18.92 -3.86 -78.16
CA ALA A 96 19.96 -2.89 -78.46
C ALA A 96 20.68 -3.27 -79.75
N SER A 97 20.17 -2.77 -80.88
CA SER A 97 20.82 -3.01 -82.17
C SER A 97 22.08 -2.17 -82.35
N ALA A 98 22.19 -1.05 -81.63
CA ALA A 98 23.38 -0.21 -81.66
C ALA A 98 23.84 0.07 -80.23
N ALA A 99 25.14 -0.03 -80.01
CA ALA A 99 25.69 0.12 -78.67
C ALA A 99 27.12 0.58 -78.75
N SER A 100 27.47 1.54 -77.89
CA SER A 100 28.84 2.01 -77.78
C SER A 100 29.07 2.46 -76.34
N LEU A 101 30.34 2.48 -75.95
CA LEU A 101 30.75 2.79 -74.58
C LEU A 101 31.23 4.23 -74.51
N CYS A 102 30.59 5.04 -73.67
CA CYS A 102 30.99 6.43 -73.45
C CYS A 102 31.88 6.49 -72.23
N LEU A 103 32.99 7.21 -72.33
CA LEU A 103 33.87 7.48 -71.22
C LEU A 103 33.92 8.98 -70.96
N PHE A 104 33.61 9.35 -69.72
CA PHE A 104 33.57 10.73 -69.24
C PHE A 104 34.74 10.99 -68.32
N THR A 105 35.23 12.24 -68.35
CA THR A 105 36.14 12.76 -67.34
C THR A 105 35.31 13.51 -66.30
N PRO A 106 35.63 13.42 -65.00
CA PRO A 106 34.76 14.06 -64.00
C PRO A 106 34.50 15.53 -64.27
N ASP A 107 35.53 16.28 -64.66
CA ASP A 107 35.31 17.68 -65.01
C ASP A 107 34.42 17.80 -66.24
N ASP A 108 34.65 16.94 -67.24
CA ASP A 108 33.78 16.93 -68.42
C ASP A 108 32.38 16.45 -68.07
N LEU A 109 32.26 15.47 -67.17
CA LEU A 109 30.94 15.01 -66.74
C LEU A 109 30.16 16.14 -66.09
N GLU A 110 30.83 16.95 -65.27
CA GLU A 110 30.16 18.11 -64.68
C GLU A 110 29.62 19.03 -65.75
N ALA A 111 30.35 19.17 -66.87
CA ALA A 111 29.91 19.99 -67.98
C ALA A 111 29.04 19.24 -68.97
N ASP A 112 28.77 17.95 -68.73
CA ASP A 112 27.87 17.17 -69.58
C ASP A 112 28.45 16.96 -70.97
N GLU A 113 29.72 16.58 -71.03
CA GLU A 113 30.42 16.34 -72.29
C GLU A 113 31.05 14.96 -72.28
N VAL A 114 30.93 14.26 -73.41
CA VAL A 114 31.54 12.95 -73.59
C VAL A 114 32.95 13.16 -74.14
N THR A 115 33.93 12.53 -73.50
CA THR A 115 35.32 12.68 -73.94
C THR A 115 35.85 11.47 -74.69
N GLU A 116 35.14 10.34 -74.66
CA GLU A 116 35.53 9.22 -75.51
C GLU A 116 34.32 8.33 -75.78
N GLU A 117 34.35 7.67 -76.94
CA GLU A 117 33.28 6.77 -77.33
C GLU A 117 33.85 5.62 -78.15
N VAL A 118 33.58 4.40 -77.72
CA VAL A 118 34.08 3.19 -78.36
C VAL A 118 32.89 2.44 -78.94
N PRO A 119 32.71 2.46 -80.26
CA PRO A 119 31.63 1.67 -80.86
C PRO A 119 31.86 0.17 -80.70
N LEU A 120 30.75 -0.57 -80.66
CA LEU A 120 30.81 -2.03 -80.52
C LEU A 120 30.28 -2.70 -81.79
N ASP A 121 30.95 -3.77 -82.18
CA ASP A 121 30.58 -4.50 -83.39
C ASP A 121 29.46 -5.48 -83.07
N PRO A 122 28.36 -5.51 -83.85
CA PRO A 122 27.28 -6.47 -83.56
C PRO A 122 27.71 -7.93 -83.55
N LEU A 123 28.77 -8.28 -84.29
CA LEU A 123 29.25 -9.65 -84.34
C LEU A 123 30.53 -9.87 -83.54
N PHE A 124 31.55 -9.02 -83.75
CA PHE A 124 32.82 -9.20 -83.05
C PHE A 124 32.70 -8.89 -81.57
N ASN A 125 31.77 -8.02 -81.20
CA ASN A 125 31.61 -7.57 -79.81
C ASN A 125 30.24 -7.92 -79.24
N ARG A 126 29.73 -9.12 -79.49
CA ARG A 126 28.44 -9.49 -78.97
C ARG A 126 28.25 -11.00 -79.07
N THR A 127 27.85 -11.63 -77.97
CA THR A 127 27.59 -13.06 -77.91
C THR A 127 26.15 -13.25 -77.46
N GLY A 128 25.32 -13.77 -78.36
CA GLY A 128 23.90 -13.83 -78.06
C GLY A 128 23.32 -12.43 -78.00
N ASN A 129 22.85 -12.05 -76.81
CA ASN A 129 22.28 -10.72 -76.58
C ASN A 129 23.12 -9.88 -75.63
N VAL A 130 24.39 -10.24 -75.43
CA VAL A 130 25.27 -9.54 -74.49
C VAL A 130 26.32 -8.79 -75.29
N TRP A 131 26.37 -7.47 -75.11
CA TRP A 131 27.44 -6.66 -75.69
C TRP A 131 28.68 -6.75 -74.83
N HIS A 132 29.84 -6.78 -75.49
CA HIS A 132 31.15 -6.86 -74.85
C HIS A 132 32.04 -5.74 -75.37
N VAL A 133 32.95 -5.27 -74.51
CA VAL A 133 34.05 -4.42 -74.96
C VAL A 133 35.16 -4.49 -73.92
N PHE A 134 36.38 -4.70 -74.39
CA PHE A 134 37.55 -4.79 -73.52
C PHE A 134 38.53 -3.70 -73.93
N ILE A 135 38.93 -2.87 -72.97
CA ILE A 135 39.84 -1.76 -73.23
C ILE A 135 41.11 -2.02 -72.44
N GLU A 136 42.23 -2.18 -73.16
CA GLU A 136 43.52 -2.41 -72.53
C GLU A 136 44.13 -1.08 -72.14
N GLY A 137 44.24 -0.82 -70.85
CA GLY A 137 44.77 0.43 -70.37
C GLY A 137 44.27 0.72 -68.96
N GLU A 138 44.50 1.96 -68.55
CA GLU A 138 44.13 2.42 -67.22
C GLU A 138 42.98 3.41 -67.31
N LEU A 139 41.84 3.06 -66.73
CA LEU A 139 40.66 3.91 -66.70
C LEU A 139 40.20 4.15 -65.26
N HIS A 140 41.12 4.04 -64.31
CA HIS A 140 40.74 4.11 -62.90
C HIS A 140 40.20 5.49 -62.53
N ASN A 141 40.54 6.51 -63.30
CA ASN A 141 40.12 7.88 -63.02
C ASN A 141 39.04 8.35 -63.99
N MET A 142 38.20 7.45 -64.47
CA MET A 142 37.30 7.71 -65.58
C MET A 142 35.92 7.18 -65.23
N LEU A 143 34.88 7.80 -65.75
CA LEU A 143 33.52 7.31 -65.56
C LEU A 143 32.96 6.87 -66.91
N TYR A 144 31.81 6.17 -66.89
CA TYR A 144 31.39 5.52 -68.12
C TYR A 144 29.87 5.40 -68.19
N GLY A 145 29.41 5.19 -69.41
CA GLY A 145 28.01 4.96 -69.71
C GLY A 145 27.88 4.28 -71.06
N TYR A 146 26.65 4.14 -71.54
CA TYR A 146 26.37 3.42 -72.77
C TYR A 146 25.47 4.24 -73.69
N ARG A 147 25.80 4.19 -74.98
CA ARG A 147 25.01 4.82 -76.05
C ARG A 147 24.18 3.72 -76.74
N PHE A 148 23.25 3.12 -76.00
CA PHE A 148 22.40 2.09 -76.57
C PHE A 148 21.32 2.72 -77.45
N ASP A 149 21.03 2.05 -78.56
CA ASP A 149 19.96 2.48 -79.46
C ASP A 149 19.34 1.27 -80.14
N GLY A 150 18.12 1.46 -80.63
CA GLY A 150 17.36 0.42 -81.29
C GLY A 150 15.95 0.86 -81.56
N MET A 151 14.98 -0.02 -81.32
CA MET A 151 13.57 0.32 -81.55
C MET A 151 13.09 1.28 -80.47
N PHE A 152 12.44 2.36 -80.91
CA PHE A 152 11.86 3.35 -80.01
C PHE A 152 10.36 3.41 -80.27
N ALA A 153 9.58 2.87 -79.34
CA ALA A 153 8.12 2.84 -79.46
C ALA A 153 7.52 2.84 -78.07
N PRO A 154 7.49 3.99 -77.40
CA PRO A 154 6.90 4.05 -76.06
C PRO A 154 5.49 3.51 -75.99
N HIS A 155 4.67 3.79 -77.00
CA HIS A 155 3.33 3.24 -77.07
C HIS A 155 3.32 1.74 -77.30
N CYS A 156 4.46 1.15 -77.66
CA CYS A 156 4.56 -0.29 -77.86
C CYS A 156 5.41 -1.00 -76.81
N GLY A 157 6.27 -0.27 -76.10
CA GLY A 157 7.07 -0.85 -75.04
C GLY A 157 8.56 -0.82 -75.29
N GLN A 158 9.05 0.19 -76.01
CA GLN A 158 10.47 0.33 -76.29
C GLN A 158 10.88 1.78 -76.06
N TYR A 159 12.03 1.97 -75.42
CA TYR A 159 12.50 3.29 -75.01
C TYR A 159 13.99 3.45 -75.34
N PHE A 160 14.36 3.06 -76.55
CA PHE A 160 15.74 3.17 -77.01
C PHE A 160 15.98 4.55 -77.61
N ASP A 161 17.13 5.15 -77.26
CA ASP A 161 17.47 6.48 -77.74
C ASP A 161 18.97 6.67 -77.59
N VAL A 162 19.68 6.88 -78.70
CA VAL A 162 21.12 7.06 -78.66
C VAL A 162 21.52 8.35 -77.95
N SER A 163 20.73 9.42 -78.10
CA SER A 163 21.14 10.71 -77.57
C SER A 163 21.36 10.67 -76.05
N ASN A 164 20.78 9.71 -75.36
CA ASN A 164 20.88 9.63 -73.90
C ASN A 164 21.97 8.65 -73.49
N VAL A 165 22.60 8.95 -72.35
CA VAL A 165 23.65 8.13 -71.77
C VAL A 165 23.09 7.48 -70.51
N VAL A 166 23.20 6.17 -70.41
CA VAL A 166 22.65 5.42 -69.30
C VAL A 166 23.79 4.94 -68.41
N VAL A 167 23.44 4.53 -67.19
CA VAL A 167 24.40 4.02 -66.22
C VAL A 167 24.27 2.50 -66.15
N ASP A 168 25.40 1.83 -66.04
CA ASP A 168 25.41 0.38 -66.00
C ASP A 168 24.60 -0.12 -64.82
N PRO A 169 23.67 -1.06 -65.01
CA PRO A 169 22.93 -1.58 -63.85
C PRO A 169 23.81 -2.16 -62.77
N TYR A 170 24.96 -2.73 -63.15
CA TYR A 170 25.88 -3.34 -62.21
C TYR A 170 26.96 -2.37 -61.72
N ALA A 171 26.89 -1.10 -62.08
CA ALA A 171 27.87 -0.15 -61.61
C ALA A 171 27.86 -0.09 -60.09
N LYS A 172 29.05 0.01 -59.49
CA LYS A 172 29.17 0.03 -58.04
C LYS A 172 29.02 1.43 -57.45
N ALA A 173 29.08 2.48 -58.27
CA ALA A 173 28.89 3.83 -57.76
C ALA A 173 28.38 4.71 -58.89
N VAL A 174 27.60 5.72 -58.53
CA VAL A 174 27.04 6.67 -59.49
C VAL A 174 27.39 8.07 -59.03
N ILE A 175 28.04 8.84 -59.91
CA ILE A 175 28.59 10.15 -59.57
C ILE A 175 27.78 11.22 -60.28
N SER A 176 26.85 11.84 -59.56
CA SER A 176 26.12 12.99 -60.09
C SER A 176 26.33 14.22 -59.22
N ARG A 177 26.07 14.10 -57.93
CA ARG A 177 26.15 15.22 -56.99
C ARG A 177 26.79 14.75 -55.70
N GLY A 178 27.36 15.69 -54.94
CA GLY A 178 28.13 15.35 -53.76
C GLY A 178 27.71 16.05 -52.48
N GLU A 179 26.64 16.84 -52.52
CA GLU A 179 26.17 17.55 -51.34
C GLU A 179 24.67 17.35 -51.20
N TYR A 180 24.25 16.81 -50.06
CA TYR A 180 22.85 16.46 -49.86
C TYR A 180 21.99 17.72 -49.91
N GLY A 181 20.95 17.68 -50.72
CA GLY A 181 20.01 18.78 -50.83
C GLY A 181 20.47 19.95 -51.68
N VAL A 182 21.62 19.85 -52.32
CA VAL A 182 22.20 20.93 -53.13
C VAL A 182 22.09 20.52 -54.59
N PRO A 183 21.27 21.18 -55.40
CA PRO A 183 21.13 20.79 -56.81
C PRO A 183 22.34 21.22 -57.63
N GLY A 184 22.33 20.81 -58.89
CA GLY A 184 23.41 21.10 -59.80
C GLY A 184 23.35 22.49 -60.36
N PRO A 185 24.12 22.76 -61.41
CA PRO A 185 24.13 24.11 -62.01
C PRO A 185 22.75 24.56 -62.43
N GLY A 186 22.41 25.82 -62.16
CA GLY A 186 21.11 26.34 -62.50
C GLY A 186 19.96 25.65 -61.82
N GLY A 187 20.18 25.05 -60.66
CA GLY A 187 19.12 24.31 -59.99
C GLY A 187 18.66 23.08 -60.73
N ASP A 188 19.59 22.28 -61.23
CA ASP A 188 19.25 21.09 -62.01
C ASP A 188 19.17 19.89 -61.06
N CYS A 189 17.96 19.34 -60.91
CA CYS A 189 17.74 18.21 -60.01
C CYS A 189 18.13 16.88 -60.64
N TRP A 190 18.32 16.83 -61.96
CA TRP A 190 18.63 15.59 -62.67
C TRP A 190 19.84 15.81 -63.58
N PRO A 191 21.02 15.98 -63.00
CA PRO A 191 22.23 16.07 -63.82
C PRO A 191 22.62 14.72 -64.39
N GLN A 192 23.58 14.74 -65.31
CA GLN A 192 24.03 13.53 -65.96
C GLN A 192 24.74 12.62 -64.96
N MET A 193 24.46 11.33 -65.05
CA MET A 193 25.06 10.34 -64.17
C MET A 193 26.09 9.50 -64.93
N ALA A 194 27.01 8.90 -64.17
CA ALA A 194 28.02 8.04 -64.75
C ALA A 194 28.50 7.04 -63.71
N GLY A 195 29.06 5.93 -64.18
CA GLY A 195 29.51 4.87 -63.30
C GLY A 195 31.01 4.90 -63.07
N MET A 196 31.43 4.26 -61.98
CA MET A 196 32.83 4.27 -61.58
C MET A 196 33.52 3.02 -62.14
N ILE A 197 34.70 3.22 -62.74
CA ILE A 197 35.52 2.10 -63.18
C ILE A 197 36.18 1.46 -61.96
N PRO A 198 36.09 0.15 -61.77
CA PRO A 198 36.67 -0.47 -60.58
C PRO A 198 38.19 -0.57 -60.66
N LEU A 199 38.80 -0.86 -59.52
CA LEU A 199 40.21 -1.15 -59.40
C LEU A 199 40.45 -2.65 -59.38
N PRO A 200 41.65 -3.10 -59.70
CA PRO A 200 41.92 -4.55 -59.71
C PRO A 200 42.35 -5.09 -58.35
N TYR A 201 42.28 -4.26 -57.32
CA TYR A 201 42.77 -4.64 -56.00
C TYR A 201 41.90 -4.01 -54.94
N SER A 202 41.97 -4.57 -53.73
CA SER A 202 41.21 -4.07 -52.59
C SER A 202 41.94 -2.88 -51.98
N THR A 203 41.17 -2.05 -51.28
CA THR A 203 41.69 -0.83 -50.67
C THR A 203 41.33 -0.69 -49.20
N PHE A 204 40.45 -1.52 -48.66
CA PHE A 204 39.92 -1.36 -47.31
C PHE A 204 40.42 -2.49 -46.42
N ASP A 205 40.79 -2.13 -45.19
CA ASP A 205 41.30 -3.08 -44.19
C ASP A 205 40.18 -3.40 -43.22
N TRP A 206 39.79 -4.68 -43.15
CA TRP A 206 38.79 -5.10 -42.18
C TRP A 206 39.36 -5.26 -40.77
N GLN A 207 40.68 -5.22 -40.62
CA GLN A 207 41.33 -5.42 -39.33
C GLN A 207 40.99 -6.79 -38.74
N GLY A 208 40.56 -7.72 -39.59
CA GLY A 208 40.17 -9.03 -39.12
C GLY A 208 38.70 -9.05 -38.76
N ASP A 209 37.89 -9.78 -39.53
CA ASP A 209 36.46 -9.76 -39.33
C ASP A 209 35.89 -11.12 -39.67
N LEU A 210 34.75 -11.43 -39.05
CA LEU A 210 34.08 -12.71 -39.24
C LEU A 210 32.62 -12.52 -38.87
N PRO A 211 31.68 -13.16 -39.55
CA PRO A 211 30.27 -12.96 -39.21
C PRO A 211 30.02 -13.27 -37.74
N LEU A 212 29.18 -12.44 -37.11
CA LEU A 212 28.83 -12.69 -35.71
C LEU A 212 27.92 -13.89 -35.57
N ARG A 213 27.02 -14.09 -36.54
CA ARG A 213 26.13 -15.25 -36.54
C ARG A 213 25.36 -15.39 -35.24
N TYR A 214 24.73 -14.31 -34.79
CA TYR A 214 23.87 -14.45 -33.62
C TYR A 214 22.64 -15.28 -33.99
N PRO A 215 22.15 -16.14 -33.10
CA PRO A 215 20.84 -16.75 -33.32
C PRO A 215 19.77 -15.66 -33.42
N GLN A 216 18.85 -15.83 -34.37
CA GLN A 216 17.84 -14.80 -34.59
C GLN A 216 16.94 -14.64 -33.38
N LYS A 217 16.81 -15.66 -32.54
CA LYS A 217 15.96 -15.54 -31.37
C LYS A 217 16.56 -14.60 -30.32
N ASP A 218 17.85 -14.30 -30.42
CA ASP A 218 18.53 -13.47 -29.42
C ASP A 218 18.69 -12.03 -29.87
N LEU A 219 17.95 -11.59 -30.88
CA LEU A 219 18.10 -10.25 -31.43
C LEU A 219 17.18 -9.26 -30.74
N VAL A 220 17.60 -7.99 -30.75
CA VAL A 220 16.79 -6.85 -30.36
C VAL A 220 17.03 -5.78 -31.41
N ILE A 221 16.12 -5.65 -32.37
CA ILE A 221 16.37 -4.89 -33.58
C ILE A 221 16.02 -3.42 -33.33
N TYR A 222 16.85 -2.53 -33.87
CA TYR A 222 16.72 -1.10 -33.69
C TYR A 222 16.75 -0.46 -35.08
N GLU A 223 15.61 0.11 -35.49
CA GLU A 223 15.48 0.70 -36.81
C GLU A 223 15.88 2.16 -36.74
N MET A 224 16.82 2.56 -37.59
CA MET A 224 17.35 3.92 -37.57
C MET A 224 17.50 4.45 -38.97
N HIS A 225 17.29 5.76 -39.10
CA HIS A 225 17.56 6.48 -40.34
C HIS A 225 18.94 7.10 -40.23
N LEU A 226 19.78 6.87 -41.25
CA LEU A 226 21.19 7.22 -41.12
C LEU A 226 21.35 8.73 -40.92
N ARG A 227 20.72 9.53 -41.77
CA ARG A 227 20.90 10.98 -41.68
C ARG A 227 20.29 11.54 -40.42
N GLY A 228 19.06 11.13 -40.10
CA GLY A 228 18.39 11.68 -38.93
C GLY A 228 19.04 11.27 -37.63
N PHE A 229 19.85 10.21 -37.67
CA PHE A 229 20.41 9.66 -36.43
C PHE A 229 21.36 10.66 -35.77
N THR A 230 22.20 11.33 -36.56
CA THR A 230 23.19 12.27 -36.04
C THR A 230 23.27 13.52 -36.89
N LYS A 231 22.12 14.08 -37.28
CA LYS A 231 22.11 15.33 -38.03
C LYS A 231 21.73 16.53 -37.18
N HIS A 232 20.97 16.34 -36.11
CA HIS A 232 20.61 17.45 -35.24
C HIS A 232 21.88 18.04 -34.62
N SER A 233 21.89 19.37 -34.47
CA SER A 233 23.08 20.05 -33.98
C SER A 233 23.50 19.57 -32.61
N SER A 234 22.56 19.03 -31.82
CA SER A 234 22.87 18.52 -30.50
C SER A 234 23.69 17.23 -30.55
N SER A 235 23.83 16.61 -31.72
CA SER A 235 24.60 15.37 -31.82
C SER A 235 26.07 15.60 -31.49
N ASN A 236 26.64 16.74 -31.89
CA ASN A 236 28.03 17.06 -31.59
C ASN A 236 28.96 16.01 -32.17
N VAL A 237 28.99 15.91 -33.50
CA VAL A 237 29.82 14.96 -34.20
C VAL A 237 30.59 15.69 -35.30
N GLU A 238 31.68 15.07 -35.76
CA GLU A 238 32.53 15.70 -36.76
C GLU A 238 31.81 15.84 -38.11
N HIS A 239 31.06 14.83 -38.52
CA HIS A 239 30.36 14.83 -39.80
C HIS A 239 28.90 14.47 -39.58
N PRO A 240 28.10 15.42 -39.11
CA PRO A 240 26.69 15.13 -38.82
C PRO A 240 25.96 14.59 -40.04
N GLY A 241 25.16 13.55 -39.83
CA GLY A 241 24.32 13.01 -40.87
C GLY A 241 25.01 12.17 -41.91
N THR A 242 26.19 11.62 -41.63
CA THR A 242 26.92 10.79 -42.56
C THR A 242 27.13 9.39 -41.99
N TYR A 243 27.76 8.54 -42.80
CA TYR A 243 28.10 7.20 -42.34
C TYR A 243 29.07 7.25 -41.17
N ILE A 244 30.07 8.13 -41.26
CA ILE A 244 31.13 8.22 -40.25
C ILE A 244 30.72 9.10 -39.07
N GLY A 245 29.54 9.69 -39.10
CA GLY A 245 29.05 10.44 -37.96
C GLY A 245 28.30 9.56 -36.99
N ALA A 246 27.81 8.41 -37.45
CA ALA A 246 27.08 7.50 -36.58
C ALA A 246 27.98 6.46 -35.93
N ILE A 247 29.24 6.36 -36.35
CA ILE A 247 30.15 5.39 -35.73
C ILE A 247 30.43 5.78 -34.29
N SER A 248 30.51 7.08 -34.01
CA SER A 248 30.72 7.52 -32.64
C SER A 248 29.61 7.04 -31.72
N LYS A 249 28.37 7.14 -32.18
CA LYS A 249 27.19 6.85 -31.36
C LYS A 249 26.91 5.35 -31.23
N LEU A 250 27.61 4.49 -31.95
CA LEU A 250 27.33 3.07 -31.83
C LEU A 250 27.46 2.58 -30.40
N ASP A 251 28.45 3.08 -29.65
CA ASP A 251 28.56 2.68 -28.24
C ASP A 251 27.27 2.99 -27.50
N TYR A 252 26.67 4.14 -27.75
CA TYR A 252 25.38 4.45 -27.13
C TYR A 252 24.38 3.35 -27.36
N LEU A 253 24.29 2.86 -28.60
CA LEU A 253 23.35 1.77 -28.88
C LEU A 253 23.69 0.54 -28.08
N LYS A 254 24.98 0.22 -27.96
CA LYS A 254 25.38 -0.93 -27.16
C LYS A 254 24.90 -0.79 -25.72
N GLU A 255 24.74 0.44 -25.24
CA GLU A 255 24.27 0.64 -23.89
C GLU A 255 22.78 0.35 -23.77
N LEU A 256 22.03 0.56 -24.85
CA LEU A 256 20.60 0.27 -24.83
C LEU A 256 20.33 -1.23 -24.83
N GLY A 257 21.31 -2.03 -25.18
CA GLY A 257 21.12 -3.45 -25.37
C GLY A 257 20.78 -3.86 -26.79
N VAL A 258 20.96 -2.96 -27.75
CA VAL A 258 20.66 -3.27 -29.15
C VAL A 258 21.66 -4.30 -29.66
N ASN A 259 21.15 -5.44 -30.12
CA ASN A 259 21.95 -6.48 -30.72
C ASN A 259 22.03 -6.36 -32.24
N CYS A 260 21.20 -5.52 -32.85
CA CYS A 260 21.11 -5.44 -34.29
C CYS A 260 20.59 -4.06 -34.66
N VAL A 261 21.11 -3.51 -35.75
CA VAL A 261 20.70 -2.20 -36.25
C VAL A 261 20.22 -2.38 -37.68
N GLU A 262 19.03 -1.87 -37.96
CA GLU A 262 18.42 -2.00 -39.29
C GLU A 262 18.40 -0.64 -39.97
N LEU A 263 19.02 -0.55 -41.13
CA LEU A 263 19.21 0.71 -41.82
C LEU A 263 18.10 0.93 -42.84
N MET A 264 17.49 2.11 -42.76
CA MET A 264 16.56 2.51 -43.80
C MET A 264 17.34 2.71 -45.11
N PRO A 265 16.66 2.61 -46.26
CA PRO A 265 17.38 2.47 -47.54
C PRO A 265 18.61 3.35 -47.69
N CYS A 266 19.76 2.71 -47.91
CA CYS A 266 21.03 3.40 -48.10
C CYS A 266 21.62 3.09 -49.47
N HIS A 267 20.76 2.81 -50.45
CA HIS A 267 21.17 2.71 -51.84
C HIS A 267 21.16 4.09 -52.48
N GLU A 268 21.87 4.22 -53.59
CA GLU A 268 21.91 5.49 -54.28
C GLU A 268 20.51 5.91 -54.70
N PHE A 269 20.02 7.00 -54.12
CA PHE A 269 18.72 7.54 -54.48
C PHE A 269 18.80 9.05 -54.51
N ASN A 270 17.92 9.65 -55.31
CA ASN A 270 17.91 11.09 -55.53
C ASN A 270 16.94 11.73 -54.55
N GLU A 271 17.47 12.48 -53.58
CA GLU A 271 16.62 13.14 -52.60
C GLU A 271 15.83 14.30 -53.18
N LEU A 272 16.29 14.87 -54.30
CA LEU A 272 15.57 15.93 -54.99
C LEU A 272 14.76 15.39 -56.16
N GLU A 273 14.25 14.17 -56.06
CA GLU A 273 13.59 13.55 -57.20
C GLU A 273 12.36 14.34 -57.64
N TYR A 274 11.56 14.80 -56.68
CA TYR A 274 10.40 15.63 -56.96
C TYR A 274 10.51 17.00 -56.28
N PHE A 275 11.74 17.52 -56.18
CA PHE A 275 11.93 18.84 -55.60
C PHE A 275 11.52 19.93 -56.58
N SER A 276 11.77 19.72 -57.88
CA SER A 276 11.33 20.68 -58.88
C SER A 276 9.82 20.83 -58.88
N CYS A 277 9.11 19.72 -58.76
CA CYS A 277 7.66 19.76 -58.59
C CYS A 277 7.33 20.06 -57.13
N SER A 278 6.63 21.17 -56.90
CA SER A 278 6.33 21.65 -55.55
C SER A 278 7.68 22.01 -54.91
N SER A 279 7.91 21.70 -53.63
CA SER A 279 9.19 22.03 -53.00
C SER A 279 9.65 20.92 -52.07
N LYS A 280 8.92 19.81 -52.04
CA LYS A 280 9.20 18.74 -51.10
C LYS A 280 10.43 17.94 -51.52
N MET A 281 11.07 17.30 -50.55
CA MET A 281 12.22 16.44 -50.76
C MET A 281 11.89 15.02 -50.32
N ASN A 282 12.69 14.07 -50.81
CA ASN A 282 12.53 12.65 -50.50
C ASN A 282 13.50 12.31 -49.38
N PHE A 283 12.97 12.11 -48.17
CA PHE A 283 13.80 11.91 -46.99
C PHE A 283 14.05 10.44 -46.69
N TRP A 284 12.99 9.62 -46.67
CA TRP A 284 13.15 8.23 -46.29
C TRP A 284 14.03 7.50 -47.29
N GLY A 285 13.83 7.72 -48.58
CA GLY A 285 14.69 7.15 -49.59
C GLY A 285 14.18 5.87 -50.22
N TYR A 286 12.88 5.60 -50.17
CA TYR A 286 12.32 4.40 -50.77
C TYR A 286 12.13 4.61 -52.28
N SER A 287 13.26 4.78 -52.95
CA SER A 287 13.30 4.87 -54.41
C SER A 287 14.74 4.67 -54.84
N THR A 288 15.00 3.62 -55.61
CA THR A 288 16.36 3.18 -55.87
C THR A 288 16.73 3.47 -57.32
N ILE A 289 17.94 4.00 -57.51
CA ILE A 289 18.50 4.20 -58.84
C ILE A 289 19.46 3.07 -59.20
N ASN A 290 20.45 2.82 -58.34
CA ASN A 290 21.44 1.76 -58.55
C ASN A 290 21.36 0.84 -57.34
N PHE A 291 21.33 -0.47 -57.60
CA PHE A 291 21.19 -1.43 -56.51
C PHE A 291 22.53 -1.89 -55.96
N PHE A 292 23.65 -1.51 -56.56
CA PHE A 292 24.97 -1.89 -56.09
C PHE A 292 25.71 -0.75 -55.39
N SER A 293 25.16 0.45 -55.39
CA SER A 293 25.92 1.61 -54.96
C SER A 293 25.35 2.21 -53.68
N PRO A 294 26.19 2.55 -52.71
CA PRO A 294 25.69 3.23 -51.51
C PRO A 294 25.42 4.70 -51.80
N MET A 295 24.60 5.30 -50.94
CA MET A 295 24.27 6.72 -51.08
C MET A 295 25.52 7.54 -50.82
N ILE A 296 26.09 8.10 -51.89
CA ILE A 296 27.32 8.88 -51.76
C ILE A 296 27.09 10.17 -50.97
N ARG A 297 25.90 10.76 -51.05
CA ARG A 297 25.60 11.98 -50.33
C ARG A 297 25.34 11.73 -48.85
N TYR A 298 25.36 10.48 -48.41
CA TYR A 298 25.44 10.14 -46.99
C TYR A 298 26.88 9.98 -46.53
N SER A 299 27.86 10.21 -47.39
CA SER A 299 29.25 10.12 -47.03
C SER A 299 29.89 11.51 -47.03
N SER A 300 30.96 11.64 -46.25
CA SER A 300 31.70 12.90 -46.19
C SER A 300 32.54 13.14 -47.43
N GLY A 301 32.97 12.08 -48.12
CA GLY A 301 33.77 12.23 -49.31
C GLY A 301 32.99 12.65 -50.54
N GLY A 302 31.71 12.29 -50.58
CA GLY A 302 30.91 12.63 -51.74
C GLY A 302 31.48 12.00 -52.99
N ILE A 303 31.62 12.83 -54.04
CA ILE A 303 32.12 12.34 -55.33
C ILE A 303 33.64 12.21 -55.36
N ARG A 304 34.32 12.51 -54.24
CA ARG A 304 35.78 12.50 -54.24
C ARG A 304 36.31 11.13 -54.62
N ASN A 305 37.40 11.12 -55.38
CA ASN A 305 38.04 9.87 -55.83
C ASN A 305 37.02 8.96 -56.51
N CYS A 306 36.28 9.51 -57.46
CA CYS A 306 35.28 8.78 -58.24
C CYS A 306 34.23 8.11 -57.36
N GLY A 307 34.13 8.51 -56.09
CA GLY A 307 33.20 7.89 -55.17
C GLY A 307 33.70 6.65 -54.49
N ARG A 308 34.87 6.14 -54.89
CA ARG A 308 35.40 4.93 -54.28
C ARG A 308 35.71 5.13 -52.80
N ASP A 309 35.93 6.37 -52.36
CA ASP A 309 36.06 6.62 -50.93
C ASP A 309 34.74 6.37 -50.22
N ALA A 310 33.63 6.80 -50.81
CA ALA A 310 32.33 6.60 -50.17
C ALA A 310 32.09 5.14 -49.86
N ILE A 311 32.32 4.26 -50.84
CA ILE A 311 32.10 2.83 -50.61
C ILE A 311 32.95 2.34 -49.46
N ASN A 312 34.13 2.92 -49.25
CA ASN A 312 34.93 2.52 -48.10
C ASN A 312 34.35 3.05 -46.80
N GLU A 313 33.88 4.30 -46.77
CA GLU A 313 33.30 4.82 -45.55
C GLU A 313 32.17 3.94 -45.05
N PHE A 314 31.24 3.58 -45.93
CA PHE A 314 30.19 2.65 -45.55
C PHE A 314 30.79 1.40 -44.92
N LYS A 315 31.77 0.79 -45.60
CA LYS A 315 32.43 -0.38 -45.03
C LYS A 315 32.93 -0.10 -43.63
N THR A 316 33.60 1.03 -43.42
CA THR A 316 34.08 1.38 -42.09
C THR A 316 32.94 1.24 -41.08
N PHE A 317 31.80 1.88 -41.37
CA PHE A 317 30.65 1.76 -40.48
C PHE A 317 30.42 0.30 -40.12
N VAL A 318 30.20 -0.54 -41.13
CA VAL A 318 29.93 -1.95 -40.85
C VAL A 318 30.99 -2.51 -39.94
N ARG A 319 32.26 -2.32 -40.30
CA ARG A 319 33.34 -2.86 -39.50
C ARG A 319 33.21 -2.41 -38.05
N GLU A 320 33.06 -1.11 -37.83
CA GLU A 320 32.98 -0.60 -36.47
C GLU A 320 31.78 -1.19 -35.74
N ALA A 321 30.63 -1.30 -36.42
CA ALA A 321 29.48 -1.90 -35.77
C ALA A 321 29.77 -3.32 -35.34
N HIS A 322 30.47 -4.08 -36.18
CA HIS A 322 30.77 -5.47 -35.83
C HIS A 322 31.73 -5.55 -34.66
N LYS A 323 32.45 -4.46 -34.37
CA LYS A 323 33.32 -4.45 -33.21
C LYS A 323 32.59 -4.06 -31.93
N ARG A 324 31.32 -3.66 -32.02
CA ARG A 324 30.49 -3.45 -30.86
C ARG A 324 29.52 -4.59 -30.62
N GLY A 325 29.61 -5.67 -31.41
CA GLY A 325 28.69 -6.77 -31.27
C GLY A 325 27.33 -6.55 -31.90
N ILE A 326 27.23 -5.59 -32.82
CA ILE A 326 25.98 -5.22 -33.46
C ILE A 326 26.02 -5.70 -34.90
N GLU A 327 24.97 -6.39 -35.32
CA GLU A 327 24.83 -6.76 -36.73
C GLU A 327 24.18 -5.62 -37.50
N VAL A 328 24.29 -5.69 -38.82
CA VAL A 328 23.72 -4.70 -39.72
C VAL A 328 22.78 -5.41 -40.68
N ILE A 329 21.51 -5.01 -40.66
CA ILE A 329 20.50 -5.49 -41.61
C ILE A 329 20.16 -4.35 -42.55
N MET A 330 20.22 -4.63 -43.85
CA MET A 330 20.03 -3.60 -44.86
C MET A 330 18.60 -3.67 -45.39
N ASP A 331 17.96 -2.51 -45.49
CA ASP A 331 16.60 -2.41 -46.02
C ASP A 331 16.68 -2.23 -47.54
N VAL A 332 16.23 -3.23 -48.29
CA VAL A 332 16.31 -3.23 -49.74
C VAL A 332 14.90 -3.14 -50.31
N VAL A 333 14.80 -2.52 -51.49
CA VAL A 333 13.53 -2.33 -52.18
C VAL A 333 13.74 -2.72 -53.64
N PHE A 334 13.42 -3.97 -53.97
CA PHE A 334 13.56 -4.47 -55.34
C PHE A 334 12.24 -4.47 -56.10
N ASN A 335 11.17 -3.95 -55.52
CA ASN A 335 9.86 -4.00 -56.14
C ASN A 335 9.52 -2.76 -56.96
N HIS A 336 10.34 -1.72 -56.90
CA HIS A 336 10.16 -0.58 -57.79
C HIS A 336 11.49 0.13 -57.96
N THR A 337 11.55 1.00 -58.96
CA THR A 337 12.74 1.77 -59.26
C THR A 337 12.34 3.22 -59.51
N ALA A 338 13.33 4.11 -59.41
CA ALA A 338 13.11 5.54 -59.57
C ALA A 338 12.85 5.96 -61.01
N GLU A 339 12.82 5.01 -61.95
CA GLU A 339 12.63 5.36 -63.35
C GLU A 339 11.28 6.06 -63.59
N GLY A 340 10.33 5.91 -62.68
CA GLY A 340 9.00 6.43 -62.89
C GLY A 340 8.21 5.50 -63.79
N ASN A 341 7.35 6.05 -64.65
CA ASN A 341 6.60 5.22 -65.58
C ASN A 341 7.03 5.49 -67.02
N GLU A 342 6.81 6.71 -67.50
CA GLU A 342 7.39 7.14 -68.78
C GLU A 342 7.74 8.63 -68.76
N LYS A 343 7.70 9.26 -67.58
CA LYS A 343 7.88 10.70 -67.48
C LYS A 343 9.22 11.10 -66.90
N GLY A 344 9.82 10.27 -66.05
CA GLY A 344 11.10 10.58 -65.46
C GLY A 344 12.24 10.24 -66.38
N PRO A 345 13.44 10.74 -66.07
CA PRO A 345 14.58 10.50 -66.95
C PRO A 345 15.00 9.04 -66.94
N ILE A 346 15.65 8.63 -68.03
CA ILE A 346 16.16 7.27 -68.15
C ILE A 346 17.56 7.24 -67.56
N LEU A 347 17.66 6.72 -66.34
CA LEU A 347 18.94 6.55 -65.66
C LEU A 347 19.58 5.21 -65.96
N SER A 348 18.79 4.13 -65.89
CA SER A 348 19.28 2.80 -66.18
C SER A 348 18.07 1.88 -66.31
N PHE A 349 18.27 0.75 -67.00
CA PHE A 349 17.25 -0.27 -67.21
C PHE A 349 16.40 0.06 -68.42
N ARG A 350 15.67 1.18 -68.38
CA ARG A 350 14.78 1.53 -69.49
C ARG A 350 15.55 1.81 -70.77
N GLY A 351 16.73 2.41 -70.68
CA GLY A 351 17.57 2.66 -71.83
C GLY A 351 18.44 1.50 -72.25
N ILE A 352 18.31 0.35 -71.59
CA ILE A 352 19.09 -0.84 -71.94
C ILE A 352 18.12 -1.94 -72.35
N ASP A 353 17.23 -2.32 -71.44
CA ASP A 353 16.15 -3.26 -71.77
C ASP A 353 14.97 -2.91 -70.85
N ASN A 354 14.02 -2.15 -71.40
CA ASN A 354 12.85 -1.78 -70.61
C ASN A 354 11.82 -2.89 -70.52
N SER A 355 11.99 -3.97 -71.28
CA SER A 355 11.06 -5.09 -71.21
C SER A 355 11.48 -6.12 -70.17
N THR A 356 12.77 -6.49 -70.17
CA THR A 356 13.24 -7.50 -69.23
C THR A 356 13.11 -7.01 -67.78
N TYR A 357 13.44 -5.76 -67.53
CA TYR A 357 13.58 -5.25 -66.18
C TYR A 357 12.30 -4.60 -65.65
N TYR A 358 11.20 -4.65 -66.40
CA TYR A 358 9.95 -4.06 -65.94
C TYR A 358 8.77 -4.86 -66.46
N MET A 359 7.74 -4.97 -65.62
CA MET A 359 6.51 -5.68 -65.95
C MET A 359 5.59 -4.71 -66.68
N LEU A 360 5.75 -4.68 -68.00
CA LEU A 360 4.97 -3.80 -68.86
C LEU A 360 3.51 -4.23 -68.87
N ASN A 368 1.08 -1.51 -62.03
CA ASN A 368 1.52 -0.69 -60.92
C ASN A 368 0.99 -1.23 -59.60
N TYR A 369 1.75 -2.11 -58.97
CA TYR A 369 1.40 -2.68 -57.68
C TYR A 369 2.33 -2.22 -56.56
N SER A 370 3.34 -1.42 -56.87
CA SER A 370 4.28 -0.93 -55.87
C SER A 370 3.91 0.44 -55.33
N GLY A 371 3.08 1.20 -56.06
CA GLY A 371 2.73 2.55 -55.68
C GLY A 371 3.67 3.61 -56.20
N CYS A 372 4.81 3.22 -56.78
CA CYS A 372 5.77 4.13 -57.36
C CYS A 372 5.44 4.47 -58.82
N GLY A 373 5.03 3.46 -59.59
CA GLY A 373 4.72 3.67 -60.99
C GLY A 373 5.16 2.51 -61.86
N ASN A 374 5.93 1.58 -61.31
CA ASN A 374 6.44 0.45 -62.07
C ASN A 374 6.85 -0.66 -61.11
N THR A 375 7.04 -1.85 -61.66
CA THR A 375 7.54 -3.00 -60.91
C THR A 375 8.75 -3.57 -61.64
N PHE A 376 9.63 -4.23 -60.90
CA PHE A 376 10.95 -4.59 -61.40
C PHE A 376 10.96 -6.01 -61.98
N ASN A 377 9.78 -6.50 -62.32
CA ASN A 377 9.65 -7.83 -62.94
C ASN A 377 10.48 -8.87 -62.19
N CYS A 378 10.12 -9.15 -60.94
CA CYS A 378 10.90 -10.08 -60.13
C CYS A 378 11.01 -11.45 -60.81
N ASN A 379 10.00 -11.82 -61.60
CA ASN A 379 9.92 -13.16 -62.17
C ASN A 379 10.45 -13.16 -63.61
N HIS A 380 11.78 -13.30 -63.72
CA HIS A 380 12.44 -13.37 -65.00
C HIS A 380 13.87 -13.84 -64.77
N PRO A 381 14.37 -14.80 -65.55
CA PRO A 381 15.71 -15.35 -65.23
C PRO A 381 16.80 -14.30 -65.15
N VAL A 382 16.81 -13.34 -66.06
CA VAL A 382 17.81 -12.28 -66.00
C VAL A 382 17.64 -11.46 -64.73
N VAL A 383 16.40 -11.07 -64.42
CA VAL A 383 16.15 -10.28 -63.22
C VAL A 383 16.48 -11.09 -61.97
N ARG A 384 16.13 -12.37 -61.97
CA ARG A 384 16.42 -13.20 -60.81
C ARG A 384 17.92 -13.30 -60.57
N GLU A 385 18.69 -13.55 -61.64
CA GLU A 385 20.13 -13.60 -61.48
C GLU A 385 20.68 -12.25 -61.02
N PHE A 386 20.14 -11.16 -61.54
CA PHE A 386 20.57 -9.83 -61.12
C PHE A 386 20.36 -9.63 -59.62
N ILE A 387 19.17 -9.97 -59.13
CA ILE A 387 18.87 -9.76 -57.71
C ILE A 387 19.76 -10.65 -56.85
N VAL A 388 19.93 -11.90 -57.25
CA VAL A 388 20.77 -12.81 -56.48
C VAL A 388 22.20 -12.29 -56.42
N ASP A 389 22.72 -11.81 -57.56
CA ASP A 389 24.09 -11.32 -57.60
C ASP A 389 24.24 -10.06 -56.75
N CYS A 390 23.23 -9.19 -56.76
CA CYS A 390 23.28 -7.99 -55.92
C CYS A 390 23.33 -8.37 -54.44
N LEU A 391 22.45 -9.29 -54.03
CA LEU A 391 22.45 -9.70 -52.63
C LEU A 391 23.77 -10.35 -52.25
N ARG A 392 24.32 -11.18 -53.13
CA ARG A 392 25.61 -11.80 -52.83
C ARG A 392 26.72 -10.78 -52.73
N TYR A 393 26.73 -9.78 -53.62
CA TYR A 393 27.71 -8.72 -53.53
C TYR A 393 27.62 -8.02 -52.18
N TRP A 394 26.42 -7.65 -51.77
CA TRP A 394 26.28 -6.97 -50.48
C TRP A 394 26.73 -7.86 -49.33
N VAL A 395 26.41 -9.15 -49.37
CA VAL A 395 26.78 -10.03 -48.26
C VAL A 395 28.29 -10.21 -48.20
N THR A 396 28.92 -10.49 -49.33
CA THR A 396 30.33 -10.86 -49.34
C THR A 396 31.26 -9.67 -49.50
N GLU A 397 30.95 -8.73 -50.39
CA GLU A 397 31.81 -7.57 -50.57
C GLU A 397 31.65 -6.55 -49.46
N MET A 398 30.47 -6.43 -48.88
CA MET A 398 30.22 -5.43 -47.85
C MET A 398 30.01 -6.04 -46.46
N HIS A 399 29.83 -7.35 -46.36
CA HIS A 399 29.71 -8.05 -45.08
C HIS A 399 28.41 -7.67 -44.36
N VAL A 400 27.33 -7.55 -45.12
CA VAL A 400 26.01 -7.32 -44.52
C VAL A 400 25.47 -8.64 -43.99
N ASP A 401 24.79 -8.58 -42.85
CA ASP A 401 24.35 -9.78 -42.16
C ASP A 401 22.94 -10.22 -42.55
N GLY A 402 22.11 -9.32 -43.07
CA GLY A 402 20.74 -9.65 -43.38
C GLY A 402 20.11 -8.62 -44.29
N PHE A 403 18.87 -8.89 -44.69
CA PHE A 403 18.14 -8.01 -45.58
C PHE A 403 16.68 -7.94 -45.17
N ARG A 404 16.07 -6.79 -45.40
CA ARG A 404 14.61 -6.64 -45.37
C ARG A 404 14.12 -6.39 -46.78
N PHE A 405 13.05 -7.06 -47.17
CA PHE A 405 12.45 -6.90 -48.50
C PHE A 405 11.13 -6.15 -48.34
N ASP A 406 11.10 -4.91 -48.82
CA ASP A 406 9.93 -4.07 -48.64
C ASP A 406 8.75 -4.63 -49.42
N LEU A 407 7.56 -4.59 -48.81
CA LEU A 407 6.32 -5.09 -49.39
C LEU A 407 6.43 -6.56 -49.80
N ALA A 408 7.26 -7.34 -49.11
CA ALA A 408 7.41 -8.76 -49.42
C ALA A 408 6.72 -9.60 -48.34
N LEU A 444 12.46 -16.93 -57.68
CA LEU A 444 13.38 -16.02 -57.00
C LEU A 444 13.50 -16.37 -55.53
N ILE A 445 12.36 -16.46 -54.84
CA ILE A 445 12.37 -16.71 -53.40
C ILE A 445 13.08 -18.03 -53.11
N ASP A 446 12.73 -19.08 -53.86
CA ASP A 446 13.35 -20.38 -53.65
C ASP A 446 14.84 -20.33 -53.97
N MET A 447 15.22 -19.64 -55.04
CA MET A 447 16.62 -19.53 -55.39
C MET A 447 17.41 -18.86 -54.26
N ILE A 448 16.91 -17.72 -53.76
CA ILE A 448 17.60 -17.02 -52.69
C ILE A 448 17.69 -17.92 -51.46
N SER A 449 16.58 -18.57 -51.10
CA SER A 449 16.58 -19.41 -49.91
C SER A 449 17.50 -20.61 -50.05
N ASN A 450 17.67 -21.13 -51.27
CA ASN A 450 18.51 -22.30 -51.51
C ASN A 450 19.93 -21.94 -51.91
N ASP A 451 20.26 -20.65 -52.02
CA ASP A 451 21.61 -20.29 -52.44
C ASP A 451 22.62 -20.70 -51.36
N PRO A 452 23.83 -21.10 -51.74
CA PRO A 452 24.83 -21.46 -50.71
C PRO A 452 25.13 -20.35 -49.73
N ILE A 453 25.18 -19.10 -50.19
CA ILE A 453 25.54 -17.96 -49.34
C ILE A 453 24.31 -17.29 -48.77
N LEU A 454 23.36 -16.90 -49.63
CA LEU A 454 22.17 -16.21 -49.17
C LEU A 454 21.28 -17.11 -48.32
N GLY A 455 21.54 -18.42 -48.29
CA GLY A 455 20.78 -19.31 -47.44
C GLY A 455 21.03 -19.13 -45.96
N ASP A 456 22.23 -18.69 -45.58
CA ASP A 456 22.58 -18.43 -44.19
C ASP A 456 22.39 -16.97 -43.79
N VAL A 457 21.86 -16.14 -44.68
CA VAL A 457 21.65 -14.73 -44.41
C VAL A 457 20.25 -14.56 -43.84
N LYS A 458 20.11 -13.58 -42.94
CA LYS A 458 18.82 -13.32 -42.31
C LYS A 458 17.90 -12.63 -43.32
N LEU A 459 16.94 -13.37 -43.84
CA LEU A 459 15.97 -12.85 -44.81
C LEU A 459 14.68 -12.52 -44.07
N ILE A 460 14.28 -11.24 -44.11
CA ILE A 460 13.09 -10.77 -43.42
C ILE A 460 12.20 -10.12 -44.46
N ALA A 461 10.92 -10.50 -44.46
CA ALA A 461 9.94 -9.97 -45.39
C ALA A 461 8.89 -9.18 -44.64
N GLU A 462 8.52 -8.02 -45.20
CA GLU A 462 7.47 -7.21 -44.60
C GLU A 462 6.21 -8.05 -44.42
N GLY A 473 2.31 -15.14 -42.38
CA GLY A 473 1.91 -16.52 -42.57
C GLY A 473 1.50 -16.84 -43.99
N GLN A 474 1.34 -15.79 -44.81
CA GLN A 474 0.98 -15.96 -46.21
C GLN A 474 2.17 -15.89 -47.15
N PHE A 475 3.24 -15.22 -46.76
CA PHE A 475 4.43 -15.15 -47.61
C PHE A 475 5.09 -16.52 -47.65
N PRO A 476 5.58 -16.98 -48.82
CA PRO A 476 6.28 -18.26 -48.86
C PRO A 476 7.30 -18.39 -47.76
N HIS A 477 7.31 -19.53 -47.05
CA HIS A 477 8.13 -19.69 -45.86
C HIS A 477 9.49 -20.32 -46.13
N TRP A 478 9.52 -21.56 -46.59
CA TRP A 478 10.75 -22.33 -46.74
C TRP A 478 11.52 -22.45 -45.43
N LYS A 479 10.85 -22.22 -44.30
CA LYS A 479 11.44 -22.30 -42.97
C LYS A 479 12.59 -21.31 -42.78
N ILE A 480 12.67 -20.27 -43.60
CA ILE A 480 13.74 -19.30 -43.51
C ILE A 480 13.19 -17.89 -43.35
N TRP A 481 12.20 -17.54 -44.17
CA TRP A 481 11.80 -16.15 -44.35
C TRP A 481 11.02 -15.70 -43.12
N SER A 482 11.63 -14.83 -42.31
CA SER A 482 10.92 -14.20 -41.21
C SER A 482 9.90 -13.21 -41.76
N GLU A 483 8.97 -12.80 -40.92
CA GLU A 483 7.91 -11.90 -41.32
C GLU A 483 7.72 -10.80 -40.29
N TRP A 484 7.37 -9.61 -40.77
CA TRP A 484 6.94 -8.54 -39.90
C TRP A 484 5.53 -8.82 -39.41
N ASN A 485 5.36 -8.94 -38.10
CA ASN A 485 4.08 -9.33 -37.52
C ASN A 485 3.24 -8.06 -37.38
N GLY A 486 2.44 -7.78 -38.42
CA GLY A 486 1.54 -6.65 -38.40
C GLY A 486 0.27 -6.86 -37.62
N LYS A 487 -0.09 -8.12 -37.37
CA LYS A 487 -1.25 -8.41 -36.53
C LYS A 487 -0.94 -8.18 -35.06
N TYR A 488 0.31 -8.45 -34.66
CA TYR A 488 0.74 -8.19 -33.29
C TYR A 488 0.56 -6.72 -32.95
N ARG A 489 0.95 -5.83 -33.87
CA ARG A 489 0.89 -4.40 -33.60
C ARG A 489 -0.54 -3.94 -33.40
N ASP A 490 -1.50 -4.49 -34.15
CA ASP A 490 -2.89 -4.11 -34.02
C ASP A 490 -3.52 -4.60 -32.72
N ILE A 491 -3.24 -5.84 -32.32
CA ILE A 491 -3.81 -6.38 -31.09
C ILE A 491 -3.21 -5.70 -29.87
N VAL A 492 -1.89 -5.50 -29.87
CA VAL A 492 -1.24 -4.94 -28.69
C VAL A 492 -1.62 -3.49 -28.49
N ARG A 493 -1.80 -2.73 -29.57
CA ARG A 493 -2.24 -1.36 -29.43
C ARG A 493 -3.66 -1.25 -28.90
N GLN A 494 -4.50 -2.25 -29.13
CA GLN A 494 -5.89 -2.21 -28.71
C GLN A 494 -6.11 -2.77 -27.32
N PHE A 495 -5.34 -3.78 -26.92
CA PHE A 495 -5.42 -4.24 -25.54
C PHE A 495 -4.92 -3.18 -24.57
N ILE A 496 -3.76 -2.59 -24.86
CA ILE A 496 -3.12 -1.71 -23.89
C ILE A 496 -3.96 -0.46 -23.65
N LYS A 497 -4.59 0.06 -24.70
CA LYS A 497 -5.43 1.25 -24.54
C LYS A 497 -6.73 0.93 -23.82
N GLY A 498 -7.14 -0.34 -23.79
CA GLY A 498 -8.40 -0.72 -23.17
C GLY A 498 -9.49 -0.93 -24.19
N THR A 499 -9.79 -2.17 -24.52
CA THR A 499 -10.81 -2.49 -25.51
C THR A 499 -11.29 -3.91 -25.26
N ASP A 500 -12.56 -4.17 -25.56
CA ASP A 500 -13.16 -5.45 -25.23
C ASP A 500 -12.87 -6.51 -26.29
N GLY A 501 -12.52 -7.72 -25.84
CA GLY A 501 -12.35 -8.86 -26.69
C GLY A 501 -10.92 -9.22 -27.03
N PHE A 502 -9.94 -8.46 -26.54
CA PHE A 502 -8.54 -8.64 -26.93
C PHE A 502 -7.71 -9.34 -25.87
N ALA A 503 -8.33 -9.89 -24.83
CA ALA A 503 -7.56 -10.65 -23.85
C ALA A 503 -7.00 -11.94 -24.46
N GLY A 504 -7.83 -12.67 -25.21
CA GLY A 504 -7.33 -13.88 -25.85
C GLY A 504 -6.29 -13.59 -26.90
N GLY A 505 -6.51 -12.59 -27.73
CA GLY A 505 -5.53 -12.23 -28.74
C GLY A 505 -4.22 -11.77 -28.13
N PHE A 506 -4.29 -10.99 -27.06
CA PHE A 506 -3.07 -10.55 -26.38
C PHE A 506 -2.33 -11.73 -25.80
N ALA A 507 -3.04 -12.65 -25.14
CA ALA A 507 -2.40 -13.84 -24.61
C ALA A 507 -1.75 -14.66 -25.72
N GLU A 508 -2.39 -14.71 -26.88
CA GLU A 508 -1.79 -15.38 -28.03
C GLU A 508 -0.51 -14.68 -28.46
N CYS A 509 -0.53 -13.36 -28.51
CA CYS A 509 0.64 -12.59 -28.94
C CYS A 509 1.80 -12.81 -27.98
N LEU A 510 1.54 -12.89 -26.68
CA LEU A 510 2.63 -13.09 -25.72
C LEU A 510 3.35 -14.41 -25.97
N CYS A 511 2.69 -15.37 -26.63
CA CYS A 511 3.28 -16.67 -26.89
C CYS A 511 3.85 -16.79 -28.30
N GLY A 512 4.01 -15.68 -29.01
CA GLY A 512 4.63 -15.72 -30.32
C GLY A 512 3.68 -16.05 -31.46
N SER A 513 2.38 -15.87 -31.27
CA SER A 513 1.39 -16.14 -32.30
C SER A 513 1.50 -17.57 -32.82
N PRO A 514 1.29 -18.57 -31.98
CA PRO A 514 1.34 -19.96 -32.47
C PRO A 514 0.41 -20.23 -33.64
N HIS A 515 -0.79 -19.65 -33.63
CA HIS A 515 -1.77 -19.96 -34.67
C HIS A 515 -1.31 -19.57 -36.06
N LEU A 516 -0.29 -18.72 -36.18
CA LEU A 516 0.22 -18.30 -37.47
C LEU A 516 1.49 -19.02 -37.89
N TYR A 517 2.35 -19.37 -36.95
CA TYR A 517 3.68 -19.88 -37.23
C TYR A 517 3.88 -21.33 -36.82
N GLN A 518 3.34 -21.76 -35.68
CA GLN A 518 3.44 -23.16 -35.30
C GLN A 518 2.71 -24.04 -36.31
N ALA A 519 1.53 -23.61 -36.76
CA ALA A 519 0.76 -24.39 -37.71
C ALA A 519 1.50 -24.56 -39.04
N GLY A 520 2.23 -23.53 -39.49
CA GLY A 520 2.95 -23.58 -40.73
C GLY A 520 4.31 -24.22 -40.66
N GLY A 521 4.74 -24.67 -39.49
CA GLY A 521 6.05 -25.28 -39.35
C GLY A 521 7.17 -24.32 -39.02
N ARG A 522 6.86 -23.16 -38.44
CA ARG A 522 7.85 -22.15 -38.12
C ARG A 522 8.11 -22.11 -36.62
N LYS A 523 8.93 -21.15 -36.21
CA LYS A 523 9.37 -20.95 -34.84
C LYS A 523 8.89 -19.60 -34.34
N PRO A 524 8.75 -19.43 -33.01
CA PRO A 524 8.31 -18.12 -32.50
C PRO A 524 9.26 -16.99 -32.88
N TRP A 525 10.55 -17.28 -33.01
CA TRP A 525 11.52 -16.26 -33.39
C TRP A 525 11.51 -15.95 -34.88
N HIS A 526 10.60 -16.54 -35.66
CA HIS A 526 10.37 -16.08 -37.02
C HIS A 526 9.33 -14.98 -37.08
N SER A 527 8.84 -14.49 -35.95
CA SER A 527 7.90 -13.38 -35.90
C SER A 527 8.63 -12.15 -35.38
N ILE A 528 8.59 -11.06 -36.14
CA ILE A 528 9.20 -9.80 -35.75
C ILE A 528 8.11 -8.93 -35.16
N ASN A 529 8.19 -8.67 -33.86
CA ASN A 529 7.16 -7.93 -33.14
C ASN A 529 7.54 -6.46 -33.06
N PHE A 530 6.56 -5.59 -33.27
CA PHE A 530 6.76 -4.16 -33.12
C PHE A 530 5.41 -3.53 -32.84
N VAL A 531 5.43 -2.31 -32.32
CA VAL A 531 4.22 -1.52 -32.15
C VAL A 531 4.37 -0.20 -32.87
N CYS A 532 5.60 0.15 -33.25
CA CYS A 532 5.88 1.39 -33.95
C CYS A 532 6.98 1.18 -34.99
N ALA A 533 6.93 2.01 -36.03
CA ALA A 533 7.88 1.93 -37.13
C ALA A 533 8.10 3.34 -37.65
N HIS A 534 8.75 3.44 -38.81
CA HIS A 534 9.03 4.75 -39.40
C HIS A 534 7.79 5.42 -39.95
N ASP A 535 6.78 4.64 -40.36
CA ASP A 535 5.49 5.17 -40.82
C ASP A 535 4.45 4.89 -39.74
N GLY A 536 3.63 5.88 -39.46
CA GLY A 536 2.64 5.79 -38.41
C GLY A 536 3.06 6.64 -37.24
N PHE A 537 2.24 6.60 -36.19
CA PHE A 537 2.56 7.32 -34.96
C PHE A 537 3.81 6.72 -34.31
N THR A 538 4.59 7.60 -33.68
CA THR A 538 5.64 7.14 -32.79
C THR A 538 5.02 6.62 -31.50
N LEU A 539 5.87 6.16 -30.58
CA LEU A 539 5.36 5.67 -29.31
C LEU A 539 4.71 6.78 -28.51
N ALA A 540 5.35 7.96 -28.47
CA ALA A 540 4.80 9.08 -27.72
C ALA A 540 3.50 9.58 -28.33
N ASP A 541 3.35 9.44 -29.66
CA ASP A 541 2.13 9.88 -30.30
C ASP A 541 0.98 8.91 -30.08
N LEU A 542 1.26 7.60 -29.93
CA LEU A 542 0.19 6.66 -29.63
C LEU A 542 -0.58 7.02 -28.38
N VAL A 543 0.06 7.69 -27.42
CA VAL A 543 -0.55 8.02 -26.14
C VAL A 543 -0.88 9.50 -26.05
N THR A 544 -0.76 10.24 -27.15
CA THR A 544 -0.91 11.70 -27.15
C THR A 544 -2.02 12.20 -28.05
N TYR A 545 -2.17 11.63 -29.25
CA TYR A 545 -3.12 12.12 -30.23
C TYR A 545 -4.11 11.03 -30.60
N ASN A 546 -5.33 11.45 -30.91
CA ASN A 546 -6.37 10.56 -31.41
C ASN A 546 -6.54 10.68 -32.92
N LYS A 547 -6.20 11.83 -33.48
CA LYS A 547 -6.24 12.06 -34.92
C LYS A 547 -4.83 12.21 -35.47
N LYS A 548 -4.72 12.05 -36.79
CA LYS A 548 -3.48 12.30 -37.49
C LYS A 548 -3.42 13.75 -37.97
N TYR A 549 -2.23 14.33 -37.92
CA TYR A 549 -2.01 15.73 -38.33
C TYR A 549 -0.92 15.76 -39.40
N ASN A 550 -1.33 15.56 -40.65
CA ASN A 550 -0.42 15.55 -41.79
C ASN A 550 -0.56 16.79 -42.66
N SER A 551 -1.16 17.86 -42.13
CA SER A 551 -1.38 19.05 -42.93
C SER A 551 -0.06 19.68 -43.39
N SER A 552 1.05 19.38 -42.71
CA SER A 552 2.35 19.87 -43.15
C SER A 552 2.87 19.12 -44.37
N ASN A 553 2.23 18.03 -44.77
CA ASN A 553 2.62 17.33 -46.00
C ASN A 553 2.05 17.98 -47.25
N GLY A 554 1.18 18.98 -47.10
CA GLY A 554 0.59 19.63 -48.25
C GLY A 554 -0.26 18.71 -49.11
N GLU A 555 -1.14 17.93 -48.46
CA GLU A 555 -2.02 17.01 -49.17
C GLU A 555 -3.40 17.01 -48.55
N ASP A 556 -3.82 18.15 -47.99
CA ASP A 556 -5.13 18.29 -47.35
C ASP A 556 -5.33 17.28 -46.23
N ASN A 557 -4.24 16.84 -45.59
CA ASN A 557 -4.32 15.87 -44.51
C ASN A 557 -5.07 14.62 -44.97
N ARG A 558 -4.76 14.18 -46.20
CA ARG A 558 -5.37 12.99 -46.76
C ARG A 558 -4.39 11.83 -46.90
N ASP A 559 -3.08 12.11 -46.91
CA ASP A 559 -2.07 11.07 -47.04
C ASP A 559 -1.66 10.63 -45.63
N GLY A 560 -2.02 9.40 -45.27
CA GLY A 560 -1.67 8.87 -43.97
C GLY A 560 -2.62 7.78 -43.51
N GLU A 561 -2.16 6.93 -42.60
CA GLU A 561 -3.03 5.91 -42.03
C GLU A 561 -4.11 6.58 -41.20
N ASN A 562 -5.34 6.11 -41.34
CA ASN A 562 -6.47 6.69 -40.63
C ASN A 562 -6.88 5.89 -39.39
N HIS A 563 -6.50 4.62 -39.30
CA HIS A 563 -6.83 3.77 -38.16
C HIS A 563 -5.56 3.59 -37.34
N ASN A 564 -5.31 4.53 -36.43
CA ASN A 564 -4.10 4.52 -35.64
C ASN A 564 -4.25 3.72 -34.35
N LEU A 565 -5.47 3.41 -33.93
CA LEU A 565 -5.71 2.64 -32.72
C LEU A 565 -5.01 3.28 -31.52
N SER A 566 -5.06 4.60 -31.44
CA SER A 566 -4.41 5.35 -30.37
C SER A 566 -5.44 5.83 -29.36
N TRP A 567 -4.95 6.61 -28.39
CA TRP A 567 -5.79 7.21 -27.37
C TRP A 567 -4.99 8.30 -26.69
N ASN A 568 -5.54 9.50 -26.62
CA ASN A 568 -4.79 10.62 -26.05
C ASN A 568 -4.70 10.58 -24.54
N CYS A 569 -5.12 9.49 -23.90
CA CYS A 569 -5.08 9.38 -22.43
C CYS A 569 -5.85 10.51 -21.76
N GLY A 570 -6.97 10.91 -22.35
CA GLY A 570 -7.74 12.01 -21.81
C GLY A 570 -7.71 13.23 -22.72
N GLU A 571 -7.01 14.29 -22.29
CA GLU A 571 -6.93 15.51 -23.08
C GLU A 571 -5.91 15.34 -24.20
N GLU A 572 -6.29 15.77 -25.40
CA GLU A 572 -5.48 15.58 -26.60
C GLU A 572 -4.47 16.70 -26.75
N GLY A 573 -3.27 16.36 -27.17
CA GLY A 573 -2.19 17.30 -27.38
C GLY A 573 -1.16 17.26 -26.27
N GLU A 574 -0.09 18.00 -26.49
CA GLU A 574 1.03 18.01 -25.54
C GLU A 574 0.77 18.89 -24.33
N PHE A 575 -0.35 19.59 -24.28
CA PHE A 575 -0.69 20.48 -23.17
C PHE A 575 -1.90 19.90 -22.45
N ALA A 576 -1.64 19.07 -21.45
CA ALA A 576 -2.66 18.41 -20.65
C ALA A 576 -2.32 18.57 -19.16
N GLY A 577 -3.15 17.94 -18.32
CA GLY A 577 -2.94 18.01 -16.89
C GLY A 577 -1.81 17.10 -16.43
N LEU A 578 -1.65 17.02 -15.12
CA LEU A 578 -0.62 16.15 -14.55
C LEU A 578 -1.04 14.69 -14.62
N SER A 579 -2.31 14.40 -14.33
CA SER A 579 -2.77 13.02 -14.37
C SER A 579 -2.66 12.43 -15.76
N VAL A 580 -2.96 13.23 -16.80
CA VAL A 580 -2.84 12.74 -18.17
C VAL A 580 -1.39 12.38 -18.47
N LYS A 581 -0.45 13.22 -18.04
CA LYS A 581 0.96 12.94 -18.32
C LYS A 581 1.43 11.70 -17.57
N ARG A 582 1.00 11.53 -16.32
CA ARG A 582 1.35 10.32 -15.59
C ARG A 582 0.82 9.08 -16.30
N LEU A 583 -0.42 9.15 -16.77
CA LEU A 583 -0.99 8.02 -17.49
C LEU A 583 -0.20 7.74 -18.78
N ARG A 584 0.26 8.79 -19.44
CA ARG A 584 1.03 8.61 -20.67
C ARG A 584 2.35 7.91 -20.39
N LYS A 585 3.03 8.30 -19.31
CA LYS A 585 4.27 7.61 -18.93
C LYS A 585 4.00 6.14 -18.64
N ARG A 586 2.92 5.87 -17.88
CA ARG A 586 2.55 4.47 -17.63
C ARG A 586 2.35 3.73 -18.94
N GLN A 587 1.65 4.34 -19.90
CA GLN A 587 1.30 3.65 -21.13
C GLN A 587 2.54 3.34 -21.97
N MET A 588 3.47 4.29 -22.04
CA MET A 588 4.70 4.05 -22.78
C MET A 588 5.50 2.91 -22.16
N ARG A 589 5.63 2.91 -20.83
CA ARG A 589 6.33 1.81 -20.18
C ARG A 589 5.61 0.48 -20.39
N ASN A 590 4.28 0.50 -20.40
CA ASN A 590 3.51 -0.73 -20.61
C ASN A 590 3.74 -1.29 -21.99
N PHE A 591 3.77 -0.43 -23.01
CA PHE A 591 4.06 -0.89 -24.35
C PHE A 591 5.43 -1.54 -24.43
N PHE A 592 6.44 -0.91 -23.80
CA PHE A 592 7.78 -1.50 -23.87
C PHE A 592 7.86 -2.82 -23.13
N VAL A 593 7.18 -2.93 -21.98
CA VAL A 593 7.15 -4.21 -21.27
C VAL A 593 6.49 -5.29 -22.12
N SER A 594 5.37 -4.93 -22.77
CA SER A 594 4.71 -5.87 -23.68
C SER A 594 5.68 -6.38 -24.72
N LEU A 595 6.43 -5.46 -25.34
CA LEU A 595 7.40 -5.88 -26.35
C LEU A 595 8.45 -6.81 -25.77
N MET A 596 8.97 -6.50 -24.59
CA MET A 596 10.14 -7.21 -24.11
C MET A 596 9.82 -8.52 -23.39
N VAL A 597 8.56 -8.80 -23.08
CA VAL A 597 8.21 -10.09 -22.48
C VAL A 597 7.63 -11.08 -23.48
N SER A 598 7.48 -10.70 -24.74
CA SER A 598 6.82 -11.57 -25.71
C SER A 598 7.83 -12.51 -26.36
N GLN A 599 7.33 -13.68 -26.77
CA GLN A 599 8.16 -14.63 -27.52
C GLN A 599 8.24 -14.18 -28.97
N GLY A 600 9.47 -14.09 -29.47
CA GLY A 600 9.76 -13.52 -30.76
C GLY A 600 10.93 -12.56 -30.68
N VAL A 601 11.11 -11.79 -31.75
CA VAL A 601 12.21 -10.84 -31.87
C VAL A 601 11.63 -9.44 -31.78
N PRO A 602 11.94 -8.66 -30.74
CA PRO A 602 11.40 -7.31 -30.66
C PRO A 602 12.17 -6.33 -31.54
N MET A 603 11.44 -5.35 -32.09
CA MET A 603 12.04 -4.27 -32.85
C MET A 603 11.49 -2.95 -32.36
N PHE A 604 12.36 -1.95 -32.26
CA PHE A 604 11.97 -0.58 -31.92
C PHE A 604 12.40 0.33 -33.05
N TYR A 605 11.88 1.56 -33.03
CA TYR A 605 12.26 2.59 -33.98
C TYR A 605 13.03 3.70 -33.30
N MET A 606 14.01 4.25 -34.01
CA MET A 606 14.88 5.29 -33.51
C MET A 606 14.10 6.38 -32.77
N GLY A 607 14.40 6.55 -31.49
CA GLY A 607 13.86 7.64 -30.70
C GLY A 607 12.73 7.25 -29.77
N ASP A 608 12.20 6.02 -29.89
CA ASP A 608 11.10 5.62 -29.01
C ASP A 608 11.54 5.56 -27.56
N GLU A 609 12.82 5.25 -27.32
CA GLU A 609 13.30 5.06 -25.96
C GLU A 609 13.30 6.34 -25.14
N TYR A 610 13.19 7.51 -25.76
CA TYR A 610 13.14 8.76 -25.02
C TYR A 610 11.88 9.56 -25.28
N GLY A 611 10.91 9.02 -26.01
CA GLY A 611 9.66 9.72 -26.25
C GLY A 611 9.68 10.65 -27.42
N HIS A 612 10.25 10.24 -28.56
CA HIS A 612 10.26 11.08 -29.74
C HIS A 612 8.85 11.29 -30.27
N THR A 613 8.57 12.50 -30.74
CA THR A 613 7.25 12.87 -31.23
C THR A 613 7.37 13.55 -32.58
N LYS A 614 6.46 13.21 -33.49
CA LYS A 614 6.35 13.83 -34.79
C LYS A 614 5.41 15.03 -34.80
N GLY A 615 4.86 15.40 -33.63
CA GLY A 615 3.88 16.45 -33.59
C GLY A 615 2.51 16.04 -34.09
N GLY A 616 2.21 14.74 -34.07
CA GLY A 616 0.95 14.22 -34.56
C GLY A 616 0.99 13.76 -36.00
N ASN A 617 2.04 14.11 -36.74
CA ASN A 617 2.19 13.69 -38.13
C ASN A 617 2.61 12.24 -38.16
N ASN A 618 1.82 11.39 -38.81
CA ASN A 618 2.14 9.97 -38.92
C ASN A 618 2.73 9.60 -40.27
N ASN A 619 3.17 10.59 -41.05
CA ASN A 619 3.79 10.32 -42.34
C ASN A 619 4.70 11.51 -42.64
N THR A 620 6.00 11.36 -42.36
CA THR A 620 6.98 12.42 -42.52
C THR A 620 8.01 12.07 -43.58
N TYR A 621 7.56 11.41 -44.66
CA TYR A 621 8.48 10.94 -45.69
C TYR A 621 9.20 12.08 -46.39
N CYS A 622 8.73 13.32 -46.25
CA CYS A 622 9.20 14.42 -47.07
C CYS A 622 9.63 15.62 -46.22
N HIS A 623 10.22 15.37 -45.06
CA HIS A 623 10.63 16.44 -44.15
C HIS A 623 12.06 16.20 -43.71
N ASP A 624 12.99 16.94 -44.31
CA ASP A 624 14.38 17.00 -43.81
C ASP A 624 14.44 18.06 -42.72
N HIS A 625 13.71 17.80 -41.65
CA HIS A 625 13.53 18.76 -40.56
C HIS A 625 13.78 18.08 -39.23
N TYR A 626 13.80 18.90 -38.17
CA TYR A 626 14.03 18.40 -36.82
C TYR A 626 13.02 17.32 -36.42
N VAL A 627 11.87 17.24 -37.07
CA VAL A 627 10.89 16.22 -36.71
C VAL A 627 11.37 14.81 -37.04
N ASN A 628 12.33 14.68 -37.96
CA ASN A 628 12.84 13.38 -38.36
C ASN A 628 14.23 13.09 -37.81
N TYR A 629 14.77 13.98 -36.97
CA TYR A 629 16.11 13.81 -36.44
C TYR A 629 16.05 13.19 -35.05
N PHE A 630 17.18 12.64 -34.63
CA PHE A 630 17.30 12.13 -33.27
C PHE A 630 17.66 13.29 -32.35
N ARG A 631 16.69 13.76 -31.58
CA ARG A 631 16.88 14.93 -30.72
C ARG A 631 17.69 14.51 -29.51
N TRP A 632 19.02 14.53 -29.66
CA TRP A 632 19.88 14.21 -28.53
C TRP A 632 19.69 15.18 -27.38
N ASP A 633 19.14 16.36 -27.65
CA ASP A 633 18.83 17.30 -26.58
C ASP A 633 17.76 16.72 -25.66
N LYS A 634 16.70 16.14 -26.22
CA LYS A 634 15.59 15.65 -25.42
C LYS A 634 15.92 14.37 -24.68
N LYS A 635 16.78 13.52 -25.24
CA LYS A 635 17.13 12.29 -24.56
C LYS A 635 17.80 12.57 -23.22
N GLU A 636 18.33 13.76 -23.01
CA GLU A 636 18.91 14.17 -21.74
C GLU A 636 17.86 14.68 -20.76
N GLU A 637 16.62 14.84 -21.20
CA GLU A 637 15.53 15.28 -20.34
C GLU A 637 14.58 14.17 -19.95
N SER A 638 14.43 13.15 -20.79
CA SER A 638 13.62 11.97 -20.50
C SER A 638 14.51 10.75 -20.26
N SER A 639 15.62 10.96 -19.54
CA SER A 639 16.56 9.88 -19.28
C SER A 639 15.95 8.78 -18.42
N ASP A 640 14.88 9.06 -17.69
CA ASP A 640 14.22 8.01 -16.92
C ASP A 640 13.60 6.95 -17.82
N LEU A 641 12.95 7.35 -18.89
CA LEU A 641 12.38 6.36 -19.80
C LEU A 641 13.48 5.57 -20.50
N GLN A 642 14.59 6.22 -20.87
CA GLN A 642 15.70 5.49 -21.44
C GLN A 642 16.29 4.49 -20.45
N ARG A 643 16.42 4.89 -19.18
CA ARG A 643 16.85 3.97 -18.15
C ARG A 643 15.94 2.76 -18.08
N PHE A 644 14.62 3.00 -18.07
CA PHE A 644 13.67 1.90 -18.00
C PHE A 644 13.82 0.97 -19.20
N CYS A 645 13.98 1.53 -20.39
CA CYS A 645 14.04 0.72 -21.60
C CYS A 645 15.32 -0.11 -21.64
N SER A 646 16.45 0.50 -21.28
CA SER A 646 17.70 -0.25 -21.24
C SER A 646 17.66 -1.37 -20.20
N LEU A 647 17.08 -1.09 -19.03
CA LEU A 647 16.96 -2.12 -18.01
C LEU A 647 16.05 -3.25 -18.48
N MET A 648 14.95 -2.93 -19.17
CA MET A 648 14.10 -3.99 -19.70
C MET A 648 14.83 -4.84 -20.73
N THR A 649 15.62 -4.21 -21.61
CA THR A 649 16.40 -4.99 -22.56
C THR A 649 17.41 -5.89 -21.86
N LYS A 650 18.06 -5.40 -20.80
CA LYS A 650 18.91 -6.27 -20.01
C LYS A 650 18.11 -7.44 -19.43
N PHE A 651 16.92 -7.17 -18.91
CA PHE A 651 16.12 -8.21 -18.29
C PHE A 651 15.76 -9.30 -19.28
N ARG A 652 15.38 -8.92 -20.50
CA ARG A 652 15.01 -9.93 -21.49
C ARG A 652 16.18 -10.86 -21.78
N LYS A 653 17.39 -10.32 -21.91
CA LYS A 653 18.52 -11.09 -22.37
C LYS A 653 19.14 -11.95 -21.28
N GLN A 654 18.63 -11.89 -20.05
CA GLN A 654 19.05 -12.76 -18.97
C GLN A 654 18.12 -13.93 -18.76
N CYS A 655 16.81 -13.71 -18.88
CA CYS A 655 15.85 -14.78 -18.68
C CYS A 655 15.93 -15.81 -19.80
N GLU A 656 15.70 -17.07 -19.44
CA GLU A 656 15.58 -18.15 -20.39
C GLU A 656 14.17 -18.26 -20.96
N SER A 657 13.16 -17.89 -20.19
CA SER A 657 11.78 -18.10 -20.60
C SER A 657 11.32 -17.11 -21.66
N LEU A 658 12.03 -15.99 -21.82
CA LEU A 658 11.57 -14.93 -22.71
C LEU A 658 12.16 -15.02 -24.12
N GLY A 659 13.22 -15.80 -24.30
CA GLY A 659 13.81 -15.97 -25.61
C GLY A 659 13.74 -17.41 -26.09
N LEU A 660 12.61 -18.07 -25.86
CA LEU A 660 12.48 -19.49 -26.15
C LEU A 660 12.64 -19.77 -27.63
N ALA A 661 13.35 -20.86 -27.94
CA ALA A 661 13.50 -21.30 -29.32
C ALA A 661 12.25 -22.00 -29.84
N ASP A 662 11.46 -22.60 -28.95
CA ASP A 662 10.24 -23.28 -29.33
C ASP A 662 9.07 -22.73 -28.52
N PHE A 663 7.87 -22.97 -29.03
CA PHE A 663 6.69 -22.34 -28.47
C PHE A 663 6.50 -22.78 -27.01
N PRO A 664 6.02 -21.89 -26.14
CA PRO A 664 5.84 -22.27 -24.73
C PRO A 664 4.88 -23.46 -24.61
N THR A 665 5.16 -24.31 -23.63
CA THR A 665 4.33 -25.47 -23.35
C THR A 665 3.59 -25.26 -22.04
N ALA A 666 2.48 -25.98 -21.89
CA ALA A 666 1.63 -25.81 -20.71
C ALA A 666 2.36 -26.17 -19.43
N GLN A 667 3.46 -26.91 -19.52
CA GLN A 667 4.21 -27.32 -18.34
C GLN A 667 5.00 -26.17 -17.71
N ARG A 668 5.28 -25.11 -18.45
CA ARG A 668 6.13 -24.04 -17.94
C ARG A 668 5.39 -22.70 -17.85
N LEU A 669 4.40 -22.49 -18.71
CA LEU A 669 3.63 -21.24 -18.74
C LEU A 669 2.27 -21.49 -18.14
N HIS A 670 1.86 -20.65 -17.18
CA HIS A 670 0.57 -20.75 -16.54
C HIS A 670 -0.14 -19.41 -16.61
N TRP A 671 -1.47 -19.46 -16.78
CA TRP A 671 -2.29 -18.28 -16.94
C TRP A 671 -3.11 -18.03 -15.67
N HIS A 672 -3.10 -16.80 -15.19
CA HIS A 672 -3.80 -16.42 -13.98
C HIS A 672 -4.72 -15.25 -14.28
N GLY A 673 -5.59 -14.95 -13.33
CA GLY A 673 -6.43 -13.77 -13.35
C GLY A 673 -6.20 -12.97 -12.07
N HIS A 674 -7.25 -12.30 -11.63
CA HIS A 674 -7.17 -11.64 -10.33
C HIS A 674 -6.94 -12.65 -9.22
N GLN A 675 -7.25 -13.93 -9.47
CA GLN A 675 -6.95 -15.01 -8.55
C GLN A 675 -6.11 -16.07 -9.24
N PRO A 676 -5.06 -16.58 -8.59
CA PRO A 676 -4.17 -17.52 -9.28
C PRO A 676 -4.92 -18.71 -9.86
N GLY A 677 -4.68 -18.96 -11.14
CA GLY A 677 -5.26 -20.10 -11.83
C GLY A 677 -6.65 -19.89 -12.35
N LYS A 678 -7.18 -18.67 -12.34
CA LYS A 678 -8.55 -18.38 -12.75
C LYS A 678 -8.56 -17.21 -13.73
N PRO A 679 -8.05 -17.42 -14.94
CA PRO A 679 -8.04 -16.34 -15.93
C PRO A 679 -9.44 -16.02 -16.43
N ASP A 680 -9.64 -14.76 -16.82
CA ASP A 680 -10.91 -14.29 -17.36
C ASP A 680 -10.71 -14.01 -18.85
N TRP A 681 -11.19 -14.91 -19.70
CA TRP A 681 -11.07 -14.75 -21.15
C TRP A 681 -12.32 -14.13 -21.77
N SER A 682 -13.30 -13.75 -20.96
CA SER A 682 -14.55 -13.25 -21.50
C SER A 682 -14.33 -11.92 -22.22
N GLU A 683 -15.38 -11.44 -22.88
CA GLU A 683 -15.29 -10.21 -23.65
C GLU A 683 -15.19 -8.96 -22.79
N THR A 684 -15.48 -9.04 -21.51
CA THR A 684 -15.29 -7.91 -20.60
C THR A 684 -13.94 -7.93 -19.91
N SER A 685 -13.08 -8.89 -20.24
CA SER A 685 -11.79 -9.01 -19.56
C SER A 685 -10.82 -7.95 -20.06
N ARG A 686 -10.08 -7.36 -19.12
CA ARG A 686 -9.05 -6.37 -19.44
C ARG A 686 -7.83 -6.57 -18.54
N PHE A 687 -7.58 -7.81 -18.14
CA PHE A 687 -6.48 -8.15 -17.25
C PHE A 687 -5.86 -9.45 -17.74
N VAL A 688 -4.54 -9.47 -17.91
CA VAL A 688 -3.83 -10.65 -18.39
C VAL A 688 -2.60 -10.88 -17.53
N ALA A 689 -2.51 -12.05 -16.92
CA ALA A 689 -1.37 -12.36 -16.07
C ALA A 689 -0.91 -13.79 -16.35
N PHE A 690 0.40 -14.00 -16.24
CA PHE A 690 0.95 -15.34 -16.39
C PHE A 690 2.18 -15.47 -15.49
N SER A 691 2.56 -16.72 -15.27
CA SER A 691 3.80 -17.04 -14.56
C SER A 691 4.55 -18.11 -15.34
N THR A 692 5.86 -17.97 -15.36
CA THR A 692 6.73 -18.84 -16.15
C THR A 692 7.88 -19.36 -15.30
N LYS A 693 8.24 -20.61 -15.55
CA LYS A 693 9.33 -21.28 -14.85
C LYS A 693 10.63 -21.00 -15.60
N ASP A 694 11.53 -20.26 -14.96
CA ASP A 694 12.82 -19.90 -15.55
C ASP A 694 13.88 -20.86 -14.99
N GLU A 695 15.16 -20.74 -15.37
CA GLU A 695 16.20 -21.59 -14.80
C GLU A 695 17.37 -20.75 -14.33
N THR A 696 17.25 -19.43 -14.46
CA THR A 696 18.22 -18.50 -13.91
C THR A 696 17.61 -17.53 -12.90
N LYS A 697 16.28 -17.42 -12.88
CA LYS A 697 15.58 -16.62 -11.88
C LYS A 697 14.54 -17.43 -11.11
N GLY A 698 14.48 -18.74 -11.33
CA GLY A 698 13.52 -19.57 -10.64
C GLY A 698 12.15 -19.51 -11.28
N GLU A 699 11.44 -18.41 -11.09
CA GLU A 699 10.10 -18.25 -11.63
C GLU A 699 9.74 -16.77 -11.65
N ILE A 700 9.02 -16.35 -12.68
CA ILE A 700 8.67 -14.95 -12.87
C ILE A 700 7.17 -14.83 -13.07
N TYR A 701 6.59 -13.77 -12.53
CA TYR A 701 5.17 -13.48 -12.65
C TYR A 701 4.99 -12.12 -13.31
N VAL A 702 4.24 -12.08 -14.41
CA VAL A 702 4.00 -10.86 -15.17
C VAL A 702 2.50 -10.61 -15.21
N ALA A 703 2.10 -9.35 -15.03
CA ALA A 703 0.68 -9.00 -15.07
C ALA A 703 0.47 -7.66 -15.75
N PHE A 704 -0.60 -7.58 -16.55
CA PHE A 704 -1.03 -6.36 -17.24
C PHE A 704 -2.45 -6.06 -16.82
N ASN A 705 -2.69 -4.81 -16.43
CA ASN A 705 -3.99 -4.31 -16.00
C ASN A 705 -4.35 -3.15 -16.90
N ALA A 706 -5.14 -3.42 -17.94
CA ALA A 706 -5.61 -2.41 -18.87
C ALA A 706 -6.97 -1.85 -18.49
N SER A 707 -7.49 -2.24 -17.33
CA SER A 707 -8.74 -1.68 -16.82
C SER A 707 -8.51 -0.29 -16.26
N HIS A 708 -9.59 0.49 -16.22
CA HIS A 708 -9.54 1.83 -15.68
C HIS A 708 -9.66 1.88 -14.17
N LEU A 709 -9.82 0.72 -13.51
CA LEU A 709 -9.95 0.64 -12.06
C LEU A 709 -8.76 -0.08 -11.46
N PRO A 710 -8.22 0.40 -10.34
CA PRO A 710 -7.13 -0.32 -9.68
C PRO A 710 -7.61 -1.66 -9.14
N ALA A 711 -6.65 -2.48 -8.71
CA ALA A 711 -7.02 -3.83 -8.30
C ALA A 711 -5.93 -4.42 -7.43
N VAL A 712 -6.34 -5.19 -6.43
CA VAL A 712 -5.43 -6.00 -5.63
C VAL A 712 -5.50 -7.42 -6.16
N VAL A 713 -4.36 -7.94 -6.60
CA VAL A 713 -4.31 -9.24 -7.26
C VAL A 713 -3.57 -10.22 -6.36
N GLY A 714 -4.09 -11.44 -6.29
CA GLY A 714 -3.46 -12.49 -5.52
C GLY A 714 -2.46 -13.25 -6.36
N LEU A 715 -1.30 -13.49 -5.78
CA LEU A 715 -0.19 -14.12 -6.46
C LEU A 715 -0.19 -15.63 -6.22
N PRO A 716 0.39 -16.42 -7.12
CA PRO A 716 0.40 -17.88 -6.91
C PRO A 716 1.06 -18.25 -5.60
N GLU A 717 0.51 -19.27 -4.94
CA GLU A 717 1.01 -19.70 -3.64
C GLU A 717 2.17 -20.67 -3.82
N ARG A 718 3.32 -20.35 -3.23
CA ARG A 718 4.53 -21.14 -3.35
C ARG A 718 5.10 -21.38 -1.96
N PRO A 719 4.74 -22.50 -1.32
CA PRO A 719 5.24 -22.75 0.04
C PRO A 719 6.76 -22.66 0.15
N GLY A 720 7.24 -21.85 1.08
CA GLY A 720 8.66 -21.66 1.30
C GLY A 720 9.31 -20.61 0.43
N TYR A 721 8.54 -19.88 -0.38
CA TYR A 721 9.06 -18.85 -1.26
C TYR A 721 8.20 -17.61 -1.14
N ARG A 722 8.74 -16.48 -1.60
CA ARG A 722 8.01 -15.24 -1.63
C ARG A 722 8.29 -14.51 -2.94
N TRP A 723 7.32 -13.73 -3.40
CA TRP A 723 7.47 -12.93 -4.60
C TRP A 723 8.07 -11.58 -4.25
N GLU A 724 9.02 -11.11 -5.05
CA GLU A 724 9.70 -9.87 -4.78
C GLU A 724 9.51 -8.89 -5.92
N PRO A 725 9.19 -7.62 -5.63
CA PRO A 725 8.99 -6.64 -6.71
C PRO A 725 10.23 -6.49 -7.58
N LEU A 726 10.02 -6.46 -8.90
CA LEU A 726 11.06 -6.03 -9.83
C LEU A 726 10.62 -4.82 -10.65
N VAL A 727 9.48 -4.90 -11.33
CA VAL A 727 9.04 -3.86 -12.23
C VAL A 727 7.62 -3.46 -11.86
N ASP A 728 7.37 -2.15 -11.83
CA ASP A 728 6.04 -1.60 -11.55
C ASP A 728 5.95 -0.25 -12.27
N THR A 729 5.23 -0.22 -13.39
CA THR A 729 5.25 0.98 -14.23
C THR A 729 4.47 2.14 -13.64
N GLY A 730 3.72 1.93 -12.56
CA GLY A 730 3.00 3.01 -11.94
C GLY A 730 3.81 3.85 -10.97
N LYS A 731 4.94 3.36 -10.53
CA LYS A 731 5.74 4.03 -9.52
C LYS A 731 6.60 5.11 -10.17
N PRO A 732 7.02 6.11 -9.40
CA PRO A 732 7.89 7.14 -9.96
C PRO A 732 9.33 6.66 -10.06
N ALA A 733 10.03 7.17 -11.06
CA ALA A 733 11.42 6.80 -11.25
C ALA A 733 12.25 7.30 -10.07
N PRO A 734 13.31 6.58 -9.70
CA PRO A 734 13.85 5.35 -10.32
C PRO A 734 13.21 4.07 -9.80
N TYR A 735 12.08 4.15 -9.09
CA TYR A 735 11.49 2.98 -8.46
C TYR A 735 10.57 2.20 -9.39
N ASP A 736 10.43 2.64 -10.64
CA ASP A 736 9.72 1.85 -11.64
C ASP A 736 10.50 0.63 -12.07
N PHE A 737 11.81 0.58 -11.82
CA PHE A 737 12.60 -0.62 -12.06
C PHE A 737 13.65 -0.66 -10.95
N LEU A 738 13.64 -1.72 -10.15
CA LEU A 738 14.54 -1.84 -9.02
C LEU A 738 15.82 -2.56 -9.41
N THR A 739 16.95 -1.98 -9.01
CA THR A 739 18.26 -2.53 -9.29
C THR A 739 19.16 -2.37 -8.05
N ASP A 740 20.18 -3.22 -7.97
CA ASP A 740 21.11 -3.14 -6.86
C ASP A 740 21.83 -1.80 -6.79
N ASP A 741 21.90 -1.07 -7.90
CA ASP A 741 22.52 0.24 -7.88
C ASP A 741 21.70 1.24 -7.06
N LEU A 742 20.48 0.86 -6.70
CA LEU A 742 19.59 1.74 -5.94
C LEU A 742 19.82 1.48 -4.45
N PRO A 743 20.39 2.42 -3.69
CA PRO A 743 20.72 2.11 -2.29
C PRO A 743 19.52 1.88 -1.40
N ASP A 744 18.33 2.28 -1.83
CA ASP A 744 17.13 2.23 -0.99
C ASP A 744 16.27 1.02 -1.29
N ARG A 745 16.78 0.05 -2.06
CA ARG A 745 15.92 -1.02 -2.55
C ARG A 745 15.31 -1.81 -1.42
N ALA A 746 16.11 -2.15 -0.41
CA ALA A 746 15.63 -3.00 0.68
C ALA A 746 14.50 -2.33 1.45
N HIS A 747 14.64 -1.03 1.73
CA HIS A 747 13.59 -0.31 2.44
C HIS A 747 12.33 -0.21 1.59
N ALA A 748 12.48 0.01 0.29
CA ALA A 748 11.32 0.08 -0.59
C ALA A 748 10.56 -1.25 -0.61
N VAL A 749 11.28 -2.37 -0.67
CA VAL A 749 10.61 -3.66 -0.61
C VAL A 749 9.96 -3.88 0.74
N HIS A 750 10.62 -3.41 1.81
CA HIS A 750 10.06 -3.58 3.15
C HIS A 750 8.74 -2.86 3.28
N LEU A 751 8.61 -1.68 2.67
CA LEU A 751 7.39 -0.91 2.82
C LEU A 751 6.20 -1.53 2.10
N PHE A 752 6.41 -2.53 1.24
CA PHE A 752 5.33 -3.31 0.65
C PHE A 752 5.34 -4.76 1.14
N SER A 753 6.24 -5.09 2.04
CA SER A 753 6.27 -6.43 2.61
C SER A 753 4.94 -6.86 3.21
N HIS A 754 4.12 -5.94 3.73
CA HIS A 754 2.89 -6.38 4.37
C HIS A 754 1.83 -6.85 3.38
N PHE A 755 1.82 -6.32 2.16
CA PHE A 755 1.06 -6.92 1.07
C PHE A 755 1.74 -8.18 0.56
N LEU A 756 3.07 -8.14 0.41
CA LEU A 756 3.77 -9.25 -0.24
C LEU A 756 3.69 -10.54 0.57
N ASN A 757 3.76 -10.43 1.90
CA ASN A 757 3.75 -11.61 2.77
C ASN A 757 2.49 -12.45 2.63
N SER A 758 1.36 -11.84 2.30
CA SER A 758 0.09 -12.54 2.17
C SER A 758 -0.21 -12.94 0.73
N ASN A 759 0.75 -12.75 -0.18
CA ASN A 759 0.57 -13.05 -1.60
C ASN A 759 -0.46 -12.13 -2.24
N LEU A 760 -0.25 -10.83 -2.09
CA LEU A 760 -1.08 -9.80 -2.69
C LEU A 760 -0.21 -8.75 -3.34
N TYR A 761 -0.79 -8.05 -4.31
CA TYR A 761 -0.11 -6.88 -4.88
C TYR A 761 -1.13 -5.86 -5.34
N PRO A 762 -0.99 -4.59 -4.96
CA PRO A 762 -1.90 -3.56 -5.48
C PRO A 762 -1.39 -2.98 -6.79
N MET A 763 -2.32 -2.73 -7.72
CA MET A 763 -1.99 -2.22 -9.04
C MET A 763 -2.90 -1.04 -9.36
N LEU A 764 -2.31 -0.01 -9.95
CA LEU A 764 -3.07 1.10 -10.49
C LEU A 764 -3.74 0.68 -11.79
N SER A 765 -4.64 1.54 -12.27
CA SER A 765 -5.24 1.36 -13.58
C SER A 765 -4.21 1.60 -14.67
N TYR A 766 -4.26 0.78 -15.71
CA TYR A 766 -3.35 0.90 -16.85
C TYR A 766 -1.89 0.79 -16.38
N SER A 767 -1.56 -0.39 -15.85
CA SER A 767 -0.19 -0.60 -15.37
C SER A 767 0.14 -2.08 -15.46
N SER A 768 1.43 -2.38 -15.45
CA SER A 768 1.90 -3.75 -15.48
C SER A 768 3.00 -3.93 -14.43
N ILE A 769 3.17 -5.18 -14.01
CA ILE A 769 4.14 -5.51 -12.96
C ILE A 769 4.86 -6.80 -13.32
N ILE A 770 6.12 -6.89 -12.86
CA ILE A 770 6.94 -8.09 -12.98
C ILE A 770 7.54 -8.39 -11.62
N LEU A 771 7.39 -9.64 -11.17
CA LEU A 771 7.88 -10.10 -9.88
C LEU A 771 8.69 -11.38 -10.07
N GLU A 772 9.61 -11.63 -9.14
CA GLU A 772 10.44 -12.83 -9.13
C GLU A 772 10.22 -13.63 -7.87
N LEU A 773 10.22 -14.97 -8.00
CA LEU A 773 10.06 -15.87 -6.87
C LEU A 773 11.43 -16.12 -6.22
N GLN A 774 11.55 -15.73 -4.96
CA GLN A 774 12.78 -15.91 -4.21
C GLN A 774 12.59 -16.90 -3.08
N PRO A 775 13.62 -17.64 -2.68
CA PRO A 775 13.49 -18.56 -1.54
C PRO A 775 13.58 -17.81 -0.20
N ASP A 776 12.44 -17.31 0.24
CA ASP A 776 12.35 -16.60 1.52
C ASP A 776 11.59 -17.42 2.54
N ARG B 61 -20.18 9.52 85.94
CA ARG B 61 -19.43 8.28 86.27
C ARG B 61 -17.95 8.45 85.93
N TYR B 62 -17.22 7.34 85.87
CA TYR B 62 -15.85 7.33 85.39
C TYR B 62 -15.61 6.07 84.59
N ALA B 63 -14.74 6.17 83.58
CA ALA B 63 -14.54 5.10 82.60
C ALA B 63 -13.27 4.30 82.84
N LEU B 64 -12.14 4.97 83.08
CA LEU B 64 -10.84 4.31 83.20
C LEU B 64 -10.20 4.72 84.53
N GLY B 65 -10.56 4.00 85.60
CA GLY B 65 -9.96 4.23 86.89
C GLY B 65 -10.11 5.64 87.42
N GLY B 66 -11.18 6.34 87.06
CA GLY B 66 -11.43 7.69 87.53
C GLY B 66 -10.81 8.78 86.71
N ALA B 67 -9.96 8.44 85.73
CA ALA B 67 -9.29 9.46 84.94
C ALA B 67 -10.22 10.08 83.91
N CYS B 68 -11.22 9.35 83.43
CA CYS B 68 -12.10 9.80 82.37
C CYS B 68 -13.51 9.95 82.93
N ARG B 69 -14.11 11.13 82.74
CA ARG B 69 -15.49 11.35 83.11
C ARG B 69 -16.42 10.91 82.00
N VAL B 70 -17.57 10.34 82.39
CA VAL B 70 -18.59 9.90 81.46
C VAL B 70 -19.77 10.85 81.56
N LEU B 71 -20.22 11.37 80.42
CA LEU B 71 -21.31 12.32 80.39
C LEU B 71 -22.42 11.87 79.44
N ALA B 72 -23.42 12.71 79.22
CA ALA B 72 -24.55 12.33 78.38
C ALA B 72 -24.18 12.31 76.90
N GLY B 73 -23.50 13.36 76.43
CA GLY B 73 -23.13 13.43 75.03
C GLY B 73 -24.21 14.04 74.16
N MET B 74 -24.02 13.88 72.84
CA MET B 74 -24.87 14.44 71.81
C MET B 74 -25.22 13.37 70.77
N PRO B 75 -26.44 13.37 70.24
CA PRO B 75 -26.80 12.33 69.26
C PRO B 75 -26.26 12.60 67.87
N ALA B 76 -25.63 13.73 67.62
CA ALA B 76 -25.07 14.03 66.30
C ALA B 76 -23.76 14.77 66.48
N PRO B 77 -22.81 14.63 65.54
CA PRO B 77 -22.86 13.78 64.34
C PRO B 77 -22.60 12.32 64.67
N LEU B 78 -23.10 11.40 63.85
CA LEU B 78 -22.92 9.97 64.14
C LEU B 78 -21.46 9.57 64.00
N GLY B 79 -21.10 8.50 64.68
CA GLY B 79 -19.73 8.04 64.74
C GLY B 79 -19.03 8.49 66.00
N ALA B 80 -17.71 8.50 65.93
CA ALA B 80 -16.86 8.98 67.00
C ALA B 80 -16.18 10.27 66.58
N THR B 81 -16.26 11.29 67.42
CA THR B 81 -15.72 12.60 67.08
C THR B 81 -15.00 13.20 68.28
N ALA B 82 -13.83 13.78 68.01
CA ALA B 82 -13.00 14.37 69.06
C ALA B 82 -13.33 15.85 69.19
N LEU B 83 -13.55 16.30 70.42
CA LEU B 83 -13.92 17.68 70.71
C LEU B 83 -13.96 17.88 72.21
N ASP B 84 -13.75 19.12 72.63
CA ASP B 84 -13.92 19.51 74.04
C ASP B 84 -13.06 18.65 74.97
N GLY B 85 -11.83 18.36 74.56
CA GLY B 85 -10.96 17.55 75.38
C GLY B 85 -11.47 16.15 75.63
N GLY B 86 -12.34 15.65 74.78
CA GLY B 86 -12.88 14.31 74.93
C GLY B 86 -13.35 13.78 73.60
N VAL B 87 -14.05 12.65 73.64
CA VAL B 87 -14.58 12.00 72.46
C VAL B 87 -16.06 11.71 72.67
N ASN B 88 -16.87 12.08 71.69
CA ASN B 88 -18.30 11.82 71.69
C ASN B 88 -18.61 10.70 70.71
N PHE B 89 -19.33 9.69 71.19
CA PHE B 89 -19.74 8.55 70.38
C PHE B 89 -21.25 8.58 70.22
N ALA B 90 -21.72 8.30 69.01
CA ALA B 90 -23.15 8.26 68.73
C ALA B 90 -23.44 7.20 67.68
N VAL B 91 -24.47 6.40 67.92
CA VAL B 91 -24.90 5.38 66.95
C VAL B 91 -26.42 5.30 66.93
N TYR B 92 -26.95 4.71 65.87
CA TYR B 92 -28.37 4.56 65.67
C TYR B 92 -28.74 3.08 65.77
N SER B 93 -29.66 2.76 66.68
CA SER B 93 -30.17 1.39 66.79
C SER B 93 -31.60 1.48 67.33
N ALA B 94 -32.56 1.34 66.42
CA ALA B 94 -33.96 1.45 66.81
C ALA B 94 -34.42 0.23 67.60
N GLY B 95 -33.95 -0.96 67.21
CA GLY B 95 -34.40 -2.20 67.80
C GLY B 95 -33.61 -2.67 69.01
N ALA B 96 -32.73 -1.85 69.56
CA ALA B 96 -31.92 -2.24 70.70
C ALA B 96 -32.61 -1.88 72.00
N SER B 97 -32.51 -2.79 72.99
CA SER B 97 -33.02 -2.53 74.32
C SER B 97 -31.92 -2.14 75.31
N ALA B 98 -30.67 -2.49 75.03
CA ALA B 98 -29.55 -2.13 75.90
C ALA B 98 -28.29 -2.04 75.04
N ALA B 99 -27.45 -1.06 75.36
CA ALA B 99 -26.23 -0.82 74.60
C ALA B 99 -25.12 -0.40 75.55
N SER B 100 -23.90 -0.81 75.20
CA SER B 100 -22.72 -0.42 75.97
C SER B 100 -21.56 -0.20 75.02
N LEU B 101 -20.64 0.66 75.43
CA LEU B 101 -19.47 1.02 74.64
C LEU B 101 -18.28 0.20 75.11
N CYS B 102 -17.71 -0.61 74.23
CA CYS B 102 -16.56 -1.45 74.56
C CYS B 102 -15.29 -0.78 74.05
N LEU B 103 -14.25 -0.78 74.89
CA LEU B 103 -12.96 -0.22 74.54
C LEU B 103 -11.90 -1.29 74.62
N PHE B 104 -11.10 -1.42 73.56
CA PHE B 104 -9.98 -2.34 73.49
C PHE B 104 -8.69 -1.56 73.50
N THR B 105 -7.58 -2.29 73.48
CA THR B 105 -6.26 -1.76 73.21
C THR B 105 -5.58 -2.61 72.15
N PRO B 106 -4.55 -2.09 71.49
CA PRO B 106 -3.91 -2.87 70.42
C PRO B 106 -3.47 -4.26 70.85
N ASP B 107 -3.04 -4.42 72.10
CA ASP B 107 -2.59 -5.72 72.59
C ASP B 107 -3.74 -6.63 72.96
N ASP B 108 -4.77 -6.10 73.62
CA ASP B 108 -5.92 -6.90 74.02
C ASP B 108 -6.84 -7.23 72.85
N LEU B 109 -6.90 -6.39 71.82
CA LEU B 109 -7.69 -6.73 70.66
C LEU B 109 -7.20 -8.02 70.03
N GLU B 110 -5.89 -8.24 70.04
CA GLU B 110 -5.36 -9.52 69.58
C GLU B 110 -5.33 -10.50 70.75
N ALA B 111 -6.41 -10.52 71.53
CA ALA B 111 -6.67 -11.58 72.48
C ALA B 111 -8.16 -11.85 72.57
N ASP B 112 -8.97 -11.14 71.78
CA ASP B 112 -10.42 -11.16 71.91
C ASP B 112 -10.84 -10.83 73.33
N GLU B 113 -10.19 -9.83 73.93
CA GLU B 113 -10.44 -9.42 75.31
C GLU B 113 -10.77 -7.94 75.37
N VAL B 114 -11.88 -7.62 76.01
CA VAL B 114 -12.33 -6.23 76.13
C VAL B 114 -11.68 -5.63 77.37
N THR B 115 -10.92 -4.54 77.17
CA THR B 115 -10.24 -3.90 78.29
C THR B 115 -11.18 -3.07 79.15
N GLU B 116 -12.16 -2.40 78.55
CA GLU B 116 -13.08 -1.61 79.35
C GLU B 116 -14.47 -1.67 78.71
N GLU B 117 -15.49 -1.40 79.53
CA GLU B 117 -16.86 -1.39 79.06
C GLU B 117 -17.64 -0.33 79.82
N VAL B 118 -18.36 0.51 79.10
CA VAL B 118 -19.19 1.57 79.68
C VAL B 118 -20.64 1.28 79.33
N PRO B 119 -21.44 0.82 80.28
CA PRO B 119 -22.88 0.68 80.02
C PRO B 119 -23.53 2.04 79.77
N LEU B 120 -24.52 2.05 78.87
CA LEU B 120 -25.22 3.27 78.51
C LEU B 120 -26.59 3.32 79.17
N ASP B 121 -26.96 4.50 79.64
CA ASP B 121 -28.23 4.69 80.35
C ASP B 121 -29.32 4.96 79.32
N PRO B 122 -30.39 4.16 79.27
CA PRO B 122 -31.45 4.42 78.30
C PRO B 122 -32.10 5.78 78.46
N LEU B 123 -31.92 6.42 79.61
CA LEU B 123 -32.53 7.73 79.85
C LEU B 123 -31.63 8.87 79.37
N PHE B 124 -30.43 8.97 79.94
CA PHE B 124 -29.55 10.10 79.65
C PHE B 124 -28.57 9.85 78.52
N ASN B 125 -28.44 8.61 78.06
CA ASN B 125 -27.54 8.27 76.96
C ASN B 125 -28.32 7.73 75.75
N ARG B 126 -29.48 8.32 75.48
CA ARG B 126 -30.25 7.93 74.30
C ARG B 126 -31.23 9.07 73.98
N THR B 127 -31.28 9.46 72.70
CA THR B 127 -32.24 10.43 72.20
C THR B 127 -32.89 9.83 70.96
N GLY B 128 -34.17 9.54 71.04
CA GLY B 128 -34.85 8.84 69.96
C GLY B 128 -34.31 7.43 69.82
N ASN B 129 -33.79 7.10 68.65
CA ASN B 129 -33.13 5.82 68.42
C ASN B 129 -31.60 5.94 68.44
N VAL B 130 -31.07 7.08 68.84
CA VAL B 130 -29.63 7.34 68.79
C VAL B 130 -29.06 7.25 70.20
N TRP B 131 -28.28 6.20 70.44
CA TRP B 131 -27.47 6.09 71.65
C TRP B 131 -26.27 7.01 71.52
N HIS B 132 -25.85 7.60 72.64
CA HIS B 132 -24.68 8.46 72.59
C HIS B 132 -24.04 8.52 73.98
N VAL B 133 -22.77 8.91 74.00
CA VAL B 133 -22.03 9.04 75.25
C VAL B 133 -20.76 9.83 74.99
N PHE B 134 -20.39 10.67 75.94
CA PHE B 134 -19.18 11.48 75.86
C PHE B 134 -18.21 11.05 76.94
N ILE B 135 -16.98 10.72 76.54
CA ILE B 135 -15.94 10.27 77.46
C ILE B 135 -14.80 11.27 77.39
N GLU B 136 -14.44 11.84 78.53
CA GLU B 136 -13.36 12.82 78.59
C GLU B 136 -12.02 12.12 78.72
N GLY B 137 -11.04 12.56 77.94
CA GLY B 137 -9.69 12.03 78.00
C GLY B 137 -9.13 11.80 76.62
N GLU B 138 -7.92 11.25 76.60
CA GLU B 138 -7.20 10.96 75.36
C GLU B 138 -7.30 9.46 75.08
N LEU B 139 -8.29 9.07 74.29
CA LEU B 139 -8.52 7.69 73.92
C LEU B 139 -7.99 7.35 72.54
N HIS B 140 -7.24 8.25 71.91
CA HIS B 140 -6.89 8.11 70.51
C HIS B 140 -5.94 6.95 70.23
N ASN B 141 -5.44 6.28 71.27
CA ASN B 141 -4.64 5.08 71.12
C ASN B 141 -5.42 3.81 71.40
N MET B 142 -6.75 3.88 71.46
CA MET B 142 -7.60 2.73 71.75
C MET B 142 -8.55 2.48 70.60
N LEU B 143 -9.12 1.28 70.60
CA LEU B 143 -10.10 0.86 69.61
C LEU B 143 -11.41 0.53 70.32
N TYR B 144 -12.53 0.78 69.64
CA TYR B 144 -13.83 0.73 70.29
C TYR B 144 -14.80 -0.12 69.48
N GLY B 145 -15.91 -0.48 70.12
CA GLY B 145 -16.98 -1.23 69.51
C GLY B 145 -18.23 -1.05 70.35
N TYR B 146 -19.28 -1.78 69.99
CA TYR B 146 -20.54 -1.70 70.69
C TYR B 146 -21.07 -3.10 71.02
N ARG B 147 -21.75 -3.19 72.15
CA ARG B 147 -22.49 -4.37 72.55
C ARG B 147 -23.96 -4.01 72.68
N PHE B 148 -24.82 -4.73 71.95
CA PHE B 148 -26.25 -4.46 71.96
C PHE B 148 -27.00 -5.70 72.42
N ASP B 149 -28.16 -5.48 73.03
CA ASP B 149 -29.06 -6.55 73.42
C ASP B 149 -30.45 -6.25 72.87
N GLY B 150 -31.23 -7.32 72.71
CA GLY B 150 -32.60 -7.17 72.26
C GLY B 150 -33.18 -8.45 71.71
N MET B 151 -34.22 -8.32 70.90
CA MET B 151 -34.93 -9.46 70.37
C MET B 151 -34.06 -10.24 69.39
N PHE B 152 -34.28 -11.55 69.34
CA PHE B 152 -33.57 -12.41 68.40
C PHE B 152 -34.57 -13.30 67.69
N ALA B 153 -34.72 -13.10 66.38
CA ALA B 153 -35.68 -13.88 65.61
C ALA B 153 -35.33 -13.85 64.12
N PRO B 154 -34.49 -14.78 63.65
CA PRO B 154 -34.17 -14.80 62.21
C PRO B 154 -35.40 -14.88 61.31
N HIS B 155 -36.39 -15.68 61.70
CA HIS B 155 -37.63 -15.78 60.91
C HIS B 155 -38.47 -14.50 61.00
N CYS B 156 -38.11 -13.57 61.87
CA CYS B 156 -38.77 -12.27 61.94
C CYS B 156 -37.86 -11.12 61.53
N GLY B 157 -36.54 -11.34 61.47
CA GLY B 157 -35.61 -10.31 61.06
C GLY B 157 -34.89 -9.60 62.18
N GLN B 158 -34.66 -10.24 63.32
CA GLN B 158 -33.92 -9.65 64.42
C GLN B 158 -32.71 -10.52 64.76
N TYR B 159 -31.55 -9.89 64.92
CA TYR B 159 -30.29 -10.59 65.07
C TYR B 159 -29.44 -9.96 66.19
N PHE B 160 -30.07 -9.61 67.30
CA PHE B 160 -29.36 -9.04 68.43
C PHE B 160 -28.78 -10.13 69.31
N ASP B 161 -27.57 -9.90 69.81
CA ASP B 161 -26.90 -10.86 70.70
C ASP B 161 -25.86 -10.09 71.50
N VAL B 162 -25.78 -10.37 72.81
CA VAL B 162 -24.85 -9.66 73.66
C VAL B 162 -23.43 -10.20 73.53
N SER B 163 -23.27 -11.42 73.04
CA SER B 163 -21.95 -12.02 72.94
C SER B 163 -21.13 -11.45 71.79
N ASN B 164 -21.72 -10.65 70.92
CA ASN B 164 -21.03 -10.07 69.78
C ASN B 164 -20.71 -8.61 70.03
N VAL B 165 -19.49 -8.22 69.70
CA VAL B 165 -19.05 -6.82 69.71
C VAL B 165 -18.94 -6.38 68.26
N VAL B 166 -19.75 -5.40 67.87
CA VAL B 166 -19.86 -5.00 66.47
C VAL B 166 -19.02 -3.74 66.25
N VAL B 167 -18.81 -3.42 64.98
CA VAL B 167 -18.01 -2.28 64.57
C VAL B 167 -18.93 -1.16 64.13
N ASP B 168 -18.61 0.06 64.55
CA ASP B 168 -19.40 1.22 64.16
C ASP B 168 -19.40 1.37 62.64
N PRO B 169 -20.55 1.54 61.99
CA PRO B 169 -20.54 1.81 60.55
C PRO B 169 -19.80 3.08 60.16
N TYR B 170 -19.72 4.06 61.05
CA TYR B 170 -19.05 5.32 60.78
C TYR B 170 -17.57 5.29 61.14
N ALA B 171 -17.04 4.15 61.56
CA ALA B 171 -15.63 4.06 61.89
C ALA B 171 -14.77 4.25 60.64
N LYS B 172 -13.71 5.02 60.77
CA LYS B 172 -12.86 5.37 59.64
C LYS B 172 -11.67 4.44 59.48
N ALA B 173 -11.59 3.38 60.27
CA ALA B 173 -10.57 2.36 60.10
C ALA B 173 -10.98 1.14 60.90
N VAL B 174 -10.79 -0.05 60.34
CA VAL B 174 -11.15 -1.29 61.00
C VAL B 174 -9.88 -2.13 61.13
N ILE B 175 -9.55 -2.50 62.36
CA ILE B 175 -8.27 -3.12 62.68
C ILE B 175 -8.52 -4.57 63.06
N SER B 176 -8.17 -5.49 62.17
CA SER B 176 -8.20 -6.91 62.48
C SER B 176 -6.94 -7.68 62.06
N ARG B 177 -6.26 -7.27 60.99
CA ARG B 177 -5.09 -7.97 60.49
C ARG B 177 -4.24 -6.96 59.73
N GLY B 178 -2.96 -7.28 59.55
CA GLY B 178 -2.04 -6.41 58.87
C GLY B 178 -1.37 -6.97 57.64
N GLU B 179 -1.52 -8.26 57.37
CA GLU B 179 -0.80 -8.92 56.28
C GLU B 179 -1.80 -9.53 55.32
N TYR B 180 -1.56 -9.37 54.03
CA TYR B 180 -2.50 -9.84 53.02
C TYR B 180 -2.40 -11.35 52.86
N GLY B 181 -3.55 -12.02 52.93
CA GLY B 181 -3.60 -13.45 52.69
C GLY B 181 -3.09 -14.31 53.82
N VAL B 182 -2.86 -13.73 54.99
CA VAL B 182 -2.30 -14.43 56.15
C VAL B 182 -3.41 -14.63 57.17
N PRO B 183 -3.80 -15.87 57.48
CA PRO B 183 -4.89 -16.07 58.45
C PRO B 183 -4.59 -15.45 59.80
N GLY B 184 -5.59 -15.48 60.67
CA GLY B 184 -5.50 -14.89 61.98
C GLY B 184 -4.78 -15.78 62.97
N PRO B 185 -4.89 -15.45 64.26
CA PRO B 185 -4.15 -16.21 65.28
C PRO B 185 -4.68 -17.62 65.48
N GLY B 186 -4.24 -18.56 64.65
CA GLY B 186 -4.61 -19.94 64.81
C GLY B 186 -5.39 -20.50 63.63
N GLY B 187 -5.13 -19.96 62.44
CA GLY B 187 -5.86 -20.38 61.26
C GLY B 187 -7.23 -19.77 61.10
N ASP B 188 -7.53 -18.73 61.87
CA ASP B 188 -8.82 -18.06 61.78
C ASP B 188 -8.85 -17.09 60.60
N CYS B 189 -10.04 -16.90 60.04
CA CYS B 189 -10.25 -15.96 58.96
C CYS B 189 -11.14 -14.78 59.32
N TRP B 190 -11.84 -14.83 60.45
CA TRP B 190 -12.74 -13.77 60.90
C TRP B 190 -12.45 -13.44 62.35
N PRO B 191 -11.29 -12.84 62.64
CA PRO B 191 -11.01 -12.41 64.00
C PRO B 191 -11.81 -11.18 64.40
N GLN B 192 -11.68 -10.81 65.68
CA GLN B 192 -12.40 -9.65 66.19
C GLN B 192 -11.87 -8.38 65.55
N MET B 193 -12.80 -7.47 65.21
CA MET B 193 -12.47 -6.19 64.61
C MET B 193 -12.85 -5.06 65.56
N ALA B 194 -12.18 -3.93 65.39
CA ALA B 194 -12.47 -2.74 66.19
C ALA B 194 -12.16 -1.51 65.37
N GLY B 195 -12.81 -0.40 65.71
CA GLY B 195 -12.69 0.83 64.96
C GLY B 195 -11.73 1.80 65.61
N MET B 196 -11.32 2.80 64.83
CA MET B 196 -10.33 3.77 65.29
C MET B 196 -11.01 4.94 65.98
N ILE B 197 -10.43 5.40 67.08
CA ILE B 197 -10.90 6.60 67.78
C ILE B 197 -10.14 7.80 67.22
N PRO B 198 -10.83 8.84 66.75
CA PRO B 198 -10.11 9.94 66.09
C PRO B 198 -9.15 10.67 67.02
N LEU B 199 -8.46 11.64 66.43
CA LEU B 199 -7.58 12.60 67.08
C LEU B 199 -8.17 14.00 66.95
N PRO B 200 -7.82 14.91 67.86
CA PRO B 200 -8.39 16.27 67.78
C PRO B 200 -8.00 17.02 66.52
N TYR B 201 -6.94 16.61 65.83
CA TYR B 201 -6.38 17.38 64.74
C TYR B 201 -5.98 16.45 63.60
N SER B 202 -5.85 17.03 62.41
CA SER B 202 -5.37 16.31 61.24
C SER B 202 -3.84 16.33 61.21
N THR B 203 -3.28 15.34 60.52
CA THR B 203 -1.83 15.11 60.51
C THR B 203 -1.34 14.86 59.08
N PHE B 204 -1.96 15.52 58.11
CA PHE B 204 -1.53 15.39 56.71
C PHE B 204 -1.45 16.78 56.10
N ASP B 205 -0.44 16.99 55.28
CA ASP B 205 -0.26 18.25 54.55
C ASP B 205 -0.58 18.01 53.09
N TRP B 206 -1.53 18.76 52.56
CA TRP B 206 -1.93 18.61 51.17
C TRP B 206 -1.06 19.44 50.23
N GLN B 207 -0.23 20.34 50.75
CA GLN B 207 0.66 21.15 49.93
C GLN B 207 -0.13 21.99 48.92
N GLY B 208 -1.26 22.53 49.38
CA GLY B 208 -2.06 23.38 48.54
C GLY B 208 -2.87 22.65 47.49
N ASP B 209 -3.12 21.35 47.68
CA ASP B 209 -3.86 20.58 46.69
C ASP B 209 -5.24 21.16 46.48
N LEU B 210 -5.65 21.24 45.21
CA LEU B 210 -6.97 21.71 44.83
C LEU B 210 -7.57 20.78 43.79
N PRO B 211 -8.89 20.72 43.67
CA PRO B 211 -9.50 19.88 42.63
C PRO B 211 -9.03 20.29 41.25
N LEU B 212 -8.77 19.30 40.39
CA LEU B 212 -8.39 19.59 39.02
C LEU B 212 -9.58 20.07 38.21
N ARG B 213 -10.73 19.43 38.36
CA ARG B 213 -11.96 19.84 37.68
C ARG B 213 -11.76 19.88 36.16
N TYR B 214 -11.41 18.73 35.60
CA TYR B 214 -11.37 18.57 34.15
C TYR B 214 -12.79 18.49 33.59
N PRO B 215 -13.06 19.11 32.45
CA PRO B 215 -14.30 18.78 31.73
C PRO B 215 -14.32 17.29 31.42
N GLN B 216 -15.49 16.67 31.60
CA GLN B 216 -15.56 15.22 31.43
C GLN B 216 -15.26 14.81 29.99
N LYS B 217 -15.42 15.71 29.04
CA LYS B 217 -15.18 15.37 27.64
C LYS B 217 -13.70 15.19 27.33
N ASP B 218 -12.82 15.65 28.22
CA ASP B 218 -11.38 15.59 27.99
C ASP B 218 -10.72 14.39 28.66
N LEU B 219 -11.50 13.49 29.25
CA LEU B 219 -10.94 12.42 30.07
C LEU B 219 -10.59 11.20 29.23
N VAL B 220 -9.52 10.53 29.64
CA VAL B 220 -9.19 9.18 29.19
C VAL B 220 -8.99 8.36 30.46
N ILE B 221 -9.85 7.36 30.67
CA ILE B 221 -9.92 6.64 31.94
C ILE B 221 -9.11 5.37 31.83
N TYR B 222 -8.53 4.94 32.94
CA TYR B 222 -7.69 3.75 33.01
C TYR B 222 -8.12 2.97 34.26
N GLU B 223 -8.62 1.76 34.06
CA GLU B 223 -9.11 0.95 35.17
C GLU B 223 -7.96 0.13 35.74
N MET B 224 -7.69 0.31 37.03
CA MET B 224 -6.51 -0.25 37.66
C MET B 224 -6.93 -1.04 38.91
N HIS B 225 -6.25 -2.16 39.13
CA HIS B 225 -6.30 -2.89 40.39
C HIS B 225 -5.07 -2.51 41.20
N LEU B 226 -5.28 -2.03 42.43
CA LEU B 226 -4.17 -1.50 43.19
C LEU B 226 -3.11 -2.56 43.50
N ARG B 227 -3.52 -3.74 43.94
CA ARG B 227 -2.53 -4.77 44.23
C ARG B 227 -1.88 -5.30 42.97
N GLY B 228 -2.68 -5.61 41.95
CA GLY B 228 -2.13 -6.22 40.76
C GLY B 228 -1.31 -5.27 39.92
N PHE B 229 -1.39 -3.98 40.19
CA PHE B 229 -0.68 -3.01 39.38
C PHE B 229 0.83 -3.14 39.54
N THR B 230 1.31 -3.37 40.77
CA THR B 230 2.74 -3.47 41.03
C THR B 230 3.14 -4.69 41.84
N LYS B 231 2.28 -5.69 41.98
CA LYS B 231 2.62 -6.82 42.84
C LYS B 231 3.56 -7.81 42.15
N HIS B 232 3.65 -7.76 40.83
CA HIS B 232 4.58 -8.65 40.15
C HIS B 232 6.02 -8.19 40.38
N SER B 233 6.93 -9.16 40.48
CA SER B 233 8.31 -8.85 40.84
C SER B 233 8.95 -7.90 39.83
N SER B 234 8.49 -7.93 38.57
CA SER B 234 9.07 -7.08 37.54
C SER B 234 8.80 -5.61 37.78
N SER B 235 7.92 -5.26 38.72
CA SER B 235 7.62 -3.86 38.99
C SER B 235 8.84 -3.14 39.55
N ASN B 236 9.69 -3.84 40.31
CA ASN B 236 10.87 -3.24 40.91
C ASN B 236 10.53 -1.98 41.71
N VAL B 237 9.56 -2.13 42.61
CA VAL B 237 9.16 -1.05 43.49
C VAL B 237 9.51 -1.44 44.93
N GLU B 238 9.64 -0.41 45.77
CA GLU B 238 10.04 -0.65 47.15
C GLU B 238 8.97 -1.43 47.91
N HIS B 239 7.70 -1.10 47.68
CA HIS B 239 6.58 -1.72 48.38
C HIS B 239 5.58 -2.28 47.36
N PRO B 240 5.81 -3.49 46.88
CA PRO B 240 4.97 -4.02 45.79
C PRO B 240 3.59 -4.43 46.27
N GLY B 241 2.57 -3.83 45.66
CA GLY B 241 1.18 -4.15 45.96
C GLY B 241 0.49 -3.21 46.91
N THR B 242 1.06 -2.03 47.17
CA THR B 242 0.56 -1.09 48.15
C THR B 242 0.23 0.25 47.49
N TYR B 243 -0.23 1.21 48.29
CA TYR B 243 -0.50 2.55 47.77
C TYR B 243 0.79 3.28 47.41
N ILE B 244 1.90 2.95 48.04
CA ILE B 244 3.16 3.64 47.78
C ILE B 244 3.89 3.00 46.60
N GLY B 245 3.70 1.70 46.39
CA GLY B 245 4.23 1.08 45.19
C GLY B 245 3.61 1.66 43.93
N ALA B 246 2.35 2.08 44.02
CA ALA B 246 1.65 2.62 42.86
C ALA B 246 2.21 3.98 42.46
N ILE B 247 2.65 4.78 43.44
CA ILE B 247 3.06 6.14 43.16
C ILE B 247 4.25 6.14 42.20
N SER B 248 5.21 5.26 42.43
CA SER B 248 6.41 5.25 41.59
C SER B 248 6.09 5.01 40.13
N LYS B 249 4.93 4.46 39.81
CA LYS B 249 4.55 4.15 38.44
C LYS B 249 3.63 5.21 37.83
N LEU B 250 3.22 6.23 38.60
CA LEU B 250 2.24 7.17 38.06
C LEU B 250 2.74 7.86 36.82
N ASP B 251 4.02 8.25 36.78
CA ASP B 251 4.56 8.89 35.58
C ASP B 251 4.36 8.03 34.35
N TYR B 252 4.48 6.72 34.46
CA TYR B 252 4.21 5.87 33.31
C TYR B 252 2.83 6.17 32.74
N LEU B 253 1.82 6.17 33.59
CA LEU B 253 0.48 6.46 33.12
C LEU B 253 0.41 7.85 32.50
N LYS B 254 1.13 8.81 33.08
CA LYS B 254 1.12 10.15 32.53
C LYS B 254 1.67 10.15 31.10
N GLU B 255 2.67 9.32 30.82
CA GLU B 255 3.20 9.27 29.47
C GLU B 255 2.30 8.46 28.55
N LEU B 256 1.43 7.64 29.13
CA LEU B 256 0.53 6.82 28.31
C LEU B 256 -0.63 7.66 27.77
N GLY B 257 -0.85 8.84 28.34
CA GLY B 257 -1.94 9.69 27.91
C GLY B 257 -3.13 9.61 28.84
N VAL B 258 -3.00 8.88 29.93
CA VAL B 258 -4.07 8.73 30.91
C VAL B 258 -4.09 9.95 31.82
N ASN B 259 -5.27 10.55 31.98
CA ASN B 259 -5.45 11.64 32.94
C ASN B 259 -6.55 11.33 33.94
N CYS B 260 -6.95 10.06 34.06
CA CYS B 260 -7.93 9.65 35.05
C CYS B 260 -7.72 8.17 35.37
N VAL B 261 -7.74 7.83 36.65
CA VAL B 261 -7.57 6.45 37.10
C VAL B 261 -8.84 6.03 37.82
N GLU B 262 -9.34 4.85 37.50
CA GLU B 262 -10.47 4.26 38.19
C GLU B 262 -9.98 3.09 39.02
N LEU B 263 -10.08 3.23 40.34
CA LEU B 263 -9.61 2.23 41.27
C LEU B 263 -10.69 1.20 41.53
N MET B 264 -10.34 -0.07 41.38
CA MET B 264 -11.22 -1.15 41.79
C MET B 264 -11.35 -1.11 43.31
N PRO B 265 -12.40 -1.73 43.87
CA PRO B 265 -12.79 -1.44 45.25
C PRO B 265 -11.64 -1.40 46.25
N CYS B 266 -11.43 -0.23 46.85
CA CYS B 266 -10.41 0.01 47.85
C CYS B 266 -11.03 0.33 49.20
N HIS B 267 -12.20 -0.24 49.48
CA HIS B 267 -12.79 -0.22 50.81
C HIS B 267 -12.47 -1.52 51.52
N GLU B 268 -12.49 -1.46 52.85
CA GLU B 268 -12.16 -2.61 53.67
C GLU B 268 -12.96 -3.83 53.24
N PHE B 269 -12.27 -4.93 52.96
CA PHE B 269 -12.92 -6.19 52.65
C PHE B 269 -12.02 -7.33 53.10
N ASN B 270 -12.59 -8.51 53.24
CA ASN B 270 -11.87 -9.70 53.68
C ASN B 270 -11.54 -10.54 52.45
N GLU B 271 -10.25 -10.66 52.16
CA GLU B 271 -9.82 -11.51 51.05
C GLU B 271 -9.89 -12.98 51.40
N LEU B 272 -10.14 -13.32 52.67
CA LEU B 272 -10.20 -14.69 53.13
C LEU B 272 -11.65 -15.14 53.40
N GLU B 273 -12.62 -14.56 52.69
CA GLU B 273 -14.00 -15.00 52.85
C GLU B 273 -14.16 -16.46 52.47
N TYR B 274 -13.61 -16.85 51.32
CA TYR B 274 -13.79 -18.20 50.80
C TYR B 274 -12.64 -19.13 51.19
N PHE B 275 -11.57 -18.61 51.80
CA PHE B 275 -10.37 -19.41 51.98
C PHE B 275 -10.66 -20.64 52.84
N SER B 276 -11.41 -20.47 53.92
CA SER B 276 -11.73 -21.60 54.78
C SER B 276 -12.49 -22.68 54.02
N CYS B 277 -13.49 -22.28 53.23
CA CYS B 277 -14.36 -23.25 52.57
C CYS B 277 -13.61 -24.00 51.48
N SER B 278 -12.93 -23.28 50.59
CA SER B 278 -12.37 -23.90 49.39
C SER B 278 -10.97 -23.40 49.04
N SER B 279 -10.32 -22.65 49.92
CA SER B 279 -8.96 -22.18 49.70
C SER B 279 -8.87 -21.18 48.55
N LYS B 280 -9.97 -20.49 48.26
CA LYS B 280 -9.99 -19.39 47.30
C LYS B 280 -9.77 -18.07 48.03
N MET B 281 -9.54 -17.01 47.26
CA MET B 281 -9.40 -15.67 47.82
C MET B 281 -10.26 -14.70 47.03
N ASN B 282 -10.75 -13.67 47.71
CA ASN B 282 -11.54 -12.61 47.09
C ASN B 282 -10.57 -11.57 46.55
N PHE B 283 -10.06 -11.80 45.34
CA PHE B 283 -9.05 -10.92 44.79
C PHE B 283 -9.62 -9.57 44.39
N TRP B 284 -10.75 -9.56 43.67
CA TRP B 284 -11.27 -8.31 43.12
C TRP B 284 -11.76 -7.38 44.23
N GLY B 285 -12.45 -7.92 45.24
CA GLY B 285 -12.83 -7.12 46.39
C GLY B 285 -14.23 -6.57 46.37
N TYR B 286 -15.16 -7.20 45.66
CA TYR B 286 -16.53 -6.71 45.57
C TYR B 286 -17.37 -7.30 46.70
N SER B 287 -16.87 -7.13 47.92
CA SER B 287 -17.63 -7.49 49.12
C SER B 287 -17.15 -6.67 50.30
N THR B 288 -17.87 -5.61 50.66
CA THR B 288 -17.33 -4.57 51.52
C THR B 288 -17.72 -4.79 52.97
N ILE B 289 -16.80 -4.49 53.88
CA ILE B 289 -17.08 -4.56 55.31
C ILE B 289 -17.47 -3.19 55.86
N ASN B 290 -16.64 -2.18 55.61
CA ASN B 290 -16.91 -0.81 56.04
C ASN B 290 -16.71 0.11 54.86
N PHE B 291 -17.46 1.22 54.83
CA PHE B 291 -17.44 2.12 53.70
C PHE B 291 -16.72 3.43 53.96
N PHE B 292 -16.39 3.73 55.22
CA PHE B 292 -15.62 4.92 55.54
C PHE B 292 -14.11 4.66 55.58
N SER B 293 -13.67 3.40 55.48
CA SER B 293 -12.27 3.09 55.75
C SER B 293 -11.60 2.50 54.53
N PRO B 294 -10.33 2.79 54.30
CA PRO B 294 -9.61 2.14 53.19
C PRO B 294 -9.08 0.77 53.59
N MET B 295 -8.79 -0.03 52.57
CA MET B 295 -8.26 -1.37 52.78
C MET B 295 -6.87 -1.27 53.42
N ILE B 296 -6.76 -1.79 54.65
CA ILE B 296 -5.52 -1.63 55.41
C ILE B 296 -4.45 -2.62 54.96
N ARG B 297 -4.81 -3.65 54.20
CA ARG B 297 -3.85 -4.59 53.68
C ARG B 297 -3.39 -4.21 52.27
N TYR B 298 -3.82 -3.06 51.76
CA TYR B 298 -3.22 -2.44 50.58
C TYR B 298 -2.25 -1.34 50.95
N SER B 299 -1.88 -1.22 52.21
CA SER B 299 -0.95 -0.20 52.67
C SER B 299 0.28 -0.86 53.29
N SER B 300 1.40 -0.15 53.24
CA SER B 300 2.63 -0.62 53.86
C SER B 300 2.60 -0.48 55.38
N GLY B 301 1.90 0.53 55.89
CA GLY B 301 1.84 0.73 57.32
C GLY B 301 1.13 -0.40 58.05
N GLY B 302 0.04 -0.89 57.47
CA GLY B 302 -0.71 -1.96 58.12
C GLY B 302 -1.53 -1.41 59.28
N ILE B 303 -1.76 -2.26 60.29
CA ILE B 303 -2.50 -1.84 61.48
C ILE B 303 -1.68 -0.92 62.37
N ARG B 304 -0.44 -0.60 61.98
CA ARG B 304 0.38 0.31 62.75
C ARG B 304 -0.37 1.60 63.06
N ASN B 305 -0.08 2.17 64.23
CA ASN B 305 -0.62 3.47 64.61
C ASN B 305 -2.14 3.50 64.48
N CYS B 306 -2.78 2.41 64.91
CA CYS B 306 -4.24 2.26 64.92
C CYS B 306 -4.87 2.51 63.56
N GLY B 307 -4.09 2.39 62.48
CA GLY B 307 -4.61 2.59 61.15
C GLY B 307 -4.38 3.97 60.57
N ARG B 308 -4.06 4.97 61.40
CA ARG B 308 -3.87 6.31 60.87
C ARG B 308 -2.89 6.32 59.72
N ASP B 309 -1.76 5.63 59.87
CA ASP B 309 -0.79 5.58 58.79
C ASP B 309 -1.44 5.15 57.48
N ALA B 310 -2.21 4.06 57.50
CA ALA B 310 -2.86 3.61 56.28
C ALA B 310 -3.65 4.75 55.64
N ILE B 311 -4.44 5.46 56.45
CA ILE B 311 -5.21 6.58 55.90
C ILE B 311 -4.29 7.54 55.19
N ASN B 312 -3.24 7.98 55.88
CA ASN B 312 -2.32 8.94 55.26
C ASN B 312 -1.76 8.37 53.97
N GLU B 313 -1.42 7.09 53.96
CA GLU B 313 -0.91 6.49 52.73
C GLU B 313 -1.88 6.71 51.58
N PHE B 314 -3.16 6.39 51.79
CA PHE B 314 -4.14 6.66 50.75
C PHE B 314 -4.08 8.11 50.35
N LYS B 315 -4.14 9.01 51.32
CA LYS B 315 -4.11 10.43 50.99
C LYS B 315 -2.89 10.73 50.14
N THR B 316 -1.72 10.20 50.53
CA THR B 316 -0.52 10.47 49.76
C THR B 316 -0.75 10.13 48.29
N PHE B 317 -1.23 8.90 48.03
CA PHE B 317 -1.53 8.51 46.66
C PHE B 317 -2.29 9.62 45.95
N VAL B 318 -3.44 10.01 46.49
CA VAL B 318 -4.29 10.98 45.81
C VAL B 318 -3.49 12.25 45.53
N ARG B 319 -2.80 12.77 46.55
CA ARG B 319 -2.09 14.02 46.36
C ARG B 319 -1.10 13.89 45.21
N GLU B 320 -0.33 12.81 45.19
CA GLU B 320 0.66 12.68 44.13
C GLU B 320 -0.01 12.65 42.77
N ALA B 321 -1.15 11.95 42.67
CA ALA B 321 -1.83 11.85 41.39
C ALA B 321 -2.25 13.23 40.89
N HIS B 322 -2.54 14.15 41.80
CA HIS B 322 -2.99 15.47 41.37
C HIS B 322 -1.82 16.32 40.90
N LYS B 323 -0.60 15.98 41.34
CA LYS B 323 0.57 16.75 40.90
C LYS B 323 1.03 16.32 39.52
N ARG B 324 0.58 15.17 39.05
CA ARG B 324 0.84 14.70 37.69
C ARG B 324 -0.34 14.94 36.77
N GLY B 325 -1.37 15.65 37.22
CA GLY B 325 -2.52 15.91 36.39
C GLY B 325 -3.43 14.74 36.17
N ILE B 326 -3.49 13.81 37.12
CA ILE B 326 -4.32 12.61 37.01
C ILE B 326 -5.40 12.70 38.07
N GLU B 327 -6.64 12.37 37.70
CA GLU B 327 -7.73 12.35 38.64
C GLU B 327 -8.00 10.94 39.14
N VAL B 328 -8.61 10.85 40.32
CA VAL B 328 -8.86 9.58 40.99
C VAL B 328 -10.37 9.42 41.13
N ILE B 329 -10.89 8.30 40.63
CA ILE B 329 -12.30 7.95 40.74
C ILE B 329 -12.40 6.61 41.45
N MET B 330 -13.23 6.56 42.49
CA MET B 330 -13.35 5.38 43.34
C MET B 330 -14.50 4.50 42.89
N ASP B 331 -14.26 3.19 42.89
CA ASP B 331 -15.29 2.21 42.60
C ASP B 331 -15.91 1.77 43.93
N VAL B 332 -17.22 2.01 44.09
CA VAL B 332 -17.91 1.71 45.33
C VAL B 332 -18.95 0.62 45.08
N VAL B 333 -19.20 -0.19 46.10
CA VAL B 333 -20.17 -1.26 46.03
C VAL B 333 -21.13 -1.15 47.21
N PHE B 334 -22.23 -0.43 47.04
CA PHE B 334 -23.24 -0.26 48.08
C PHE B 334 -24.37 -1.27 47.99
N ASN B 335 -24.38 -2.13 46.98
CA ASN B 335 -25.53 -3.00 46.76
C ASN B 335 -25.48 -4.28 47.58
N HIS B 336 -24.42 -4.50 48.36
CA HIS B 336 -24.36 -5.66 49.23
C HIS B 336 -23.18 -5.49 50.18
N THR B 337 -23.08 -6.41 51.13
CA THR B 337 -22.10 -6.33 52.20
C THR B 337 -21.54 -7.73 52.45
N ALA B 338 -20.40 -7.78 53.14
CA ALA B 338 -19.70 -9.04 53.39
C ALA B 338 -20.47 -9.97 54.30
N GLU B 339 -21.52 -9.50 54.98
CA GLU B 339 -22.19 -10.31 55.97
C GLU B 339 -22.99 -11.45 55.34
N GLY B 340 -23.24 -11.38 54.03
CA GLY B 340 -23.92 -12.47 53.37
C GLY B 340 -25.37 -12.61 53.81
N ASN B 341 -25.91 -13.80 53.58
CA ASN B 341 -27.28 -14.11 53.99
C ASN B 341 -27.31 -14.51 55.46
N GLU B 342 -28.41 -15.13 55.89
CA GLU B 342 -28.56 -15.50 57.30
C GLU B 342 -27.45 -16.41 57.79
N LYS B 343 -26.74 -17.10 56.91
CA LYS B 343 -25.60 -17.95 57.27
C LYS B 343 -24.32 -17.20 56.94
N GLY B 344 -23.90 -16.33 57.85
CA GLY B 344 -22.71 -15.55 57.63
C GLY B 344 -22.31 -14.69 58.82
N PRO B 345 -21.17 -14.02 58.71
CA PRO B 345 -20.64 -13.28 59.85
C PRO B 345 -21.58 -12.15 60.28
N ILE B 346 -21.50 -11.81 61.56
CA ILE B 346 -22.12 -10.61 62.11
C ILE B 346 -20.99 -9.69 62.51
N LEU B 347 -20.71 -8.70 61.68
CA LEU B 347 -19.61 -7.76 61.88
C LEU B 347 -20.11 -6.36 62.14
N SER B 348 -21.26 -6.03 61.57
CA SER B 348 -21.65 -4.67 61.23
C SER B 348 -23.17 -4.60 61.23
N PHE B 349 -23.72 -3.75 60.36
CA PHE B 349 -25.14 -3.38 60.34
C PHE B 349 -26.07 -4.46 60.86
N ARG B 350 -25.90 -5.71 60.42
CA ARG B 350 -26.81 -6.77 60.87
C ARG B 350 -26.91 -6.83 62.39
N GLY B 351 -25.79 -6.64 63.07
CA GLY B 351 -25.77 -6.69 64.51
C GLY B 351 -26.24 -5.44 65.21
N ILE B 352 -26.46 -4.35 64.49
CA ILE B 352 -26.90 -3.09 65.05
C ILE B 352 -28.39 -2.87 64.85
N ASP B 353 -28.84 -2.82 63.59
CA ASP B 353 -30.26 -2.90 63.30
C ASP B 353 -30.52 -3.52 61.93
N ASN B 354 -30.68 -4.85 61.90
CA ASN B 354 -30.81 -5.55 60.64
C ASN B 354 -31.98 -5.00 59.82
N SER B 355 -33.15 -4.91 60.43
CA SER B 355 -34.33 -4.48 59.69
C SER B 355 -34.12 -3.11 59.05
N THR B 356 -33.28 -2.27 59.64
CA THR B 356 -33.09 -0.92 59.09
C THR B 356 -32.20 -0.94 57.86
N TYR B 357 -31.26 -1.88 57.77
CA TYR B 357 -30.21 -1.76 56.77
C TYR B 357 -30.37 -2.74 55.62
N TYR B 358 -31.06 -3.85 55.83
CA TYR B 358 -31.16 -4.89 54.82
C TYR B 358 -32.60 -5.04 54.35
N MET B 359 -32.73 -5.41 53.08
CA MET B 359 -34.03 -5.53 52.42
C MET B 359 -34.48 -6.98 52.54
N LEU B 360 -35.51 -7.21 53.35
CA LEU B 360 -36.00 -8.54 53.68
C LEU B 360 -37.39 -8.74 53.11
N ALA B 361 -37.74 -10.00 52.89
CA ALA B 361 -39.09 -10.38 52.52
C ALA B 361 -39.96 -10.45 53.77
N PRO B 362 -41.29 -10.49 53.61
CA PRO B 362 -42.17 -10.51 54.78
C PRO B 362 -41.90 -11.66 55.74
N LYS B 363 -41.50 -12.83 55.23
CA LYS B 363 -41.24 -14.00 56.06
C LYS B 363 -39.84 -13.98 56.68
N GLY B 364 -39.04 -12.96 56.39
CA GLY B 364 -37.69 -12.87 56.90
C GLY B 364 -36.60 -13.30 55.94
N GLU B 365 -36.93 -13.65 54.71
CA GLU B 365 -35.95 -14.04 53.71
C GLU B 365 -35.34 -12.80 53.08
N PHE B 366 -34.02 -12.80 52.93
CA PHE B 366 -33.31 -11.66 52.35
C PHE B 366 -33.54 -11.60 50.85
N TYR B 367 -33.89 -10.41 50.36
CA TYR B 367 -33.96 -10.19 48.93
C TYR B 367 -32.55 -10.18 48.35
N ASN B 368 -32.36 -10.93 47.27
CA ASN B 368 -31.04 -11.15 46.69
C ASN B 368 -31.11 -10.83 45.20
N TYR B 369 -30.92 -9.55 44.85
CA TYR B 369 -30.86 -9.10 43.47
C TYR B 369 -29.42 -8.78 43.07
N SER B 370 -28.47 -9.42 43.72
CA SER B 370 -27.06 -9.29 43.39
C SER B 370 -26.31 -10.63 43.30
N GLY B 371 -26.88 -11.72 43.80
CA GLY B 371 -26.21 -13.00 43.82
C GLY B 371 -25.23 -13.20 44.96
N CYS B 372 -25.09 -12.21 45.83
CA CYS B 372 -24.11 -12.25 46.91
C CYS B 372 -24.73 -12.53 48.28
N GLY B 373 -26.04 -12.78 48.35
CA GLY B 373 -26.71 -13.22 49.56
C GLY B 373 -27.72 -12.23 50.12
N ASN B 374 -27.42 -10.94 50.09
CA ASN B 374 -28.33 -9.92 50.62
C ASN B 374 -28.42 -8.77 49.63
N THR B 375 -29.21 -7.77 50.00
CA THR B 375 -29.38 -6.56 49.21
C THR B 375 -29.50 -5.38 50.15
N PHE B 376 -28.57 -4.44 50.06
CA PHE B 376 -28.55 -3.29 50.95
C PHE B 376 -29.81 -2.44 50.73
N ASN B 377 -30.40 -1.95 51.81
CA ASN B 377 -31.63 -1.16 51.73
C ASN B 377 -31.24 0.28 51.43
N CYS B 378 -30.95 0.53 50.15
CA CYS B 378 -30.34 1.79 49.76
C CYS B 378 -31.30 2.97 49.92
N ASN B 379 -32.60 2.75 49.76
CA ASN B 379 -33.56 3.84 49.72
C ASN B 379 -34.25 4.11 51.06
N HIS B 380 -33.87 3.40 52.11
CA HIS B 380 -34.42 3.65 53.43
C HIS B 380 -33.94 5.00 53.94
N PRO B 381 -34.76 5.74 54.71
CA PRO B 381 -34.35 7.09 55.10
C PRO B 381 -33.00 7.18 55.79
N VAL B 382 -32.66 6.22 56.65
CA VAL B 382 -31.37 6.26 57.34
C VAL B 382 -30.24 5.86 56.40
N VAL B 383 -30.49 4.88 55.55
CA VAL B 383 -29.44 4.38 54.66
C VAL B 383 -29.04 5.44 53.67
N ARG B 384 -30.00 6.24 53.18
CA ARG B 384 -29.66 7.31 52.26
C ARG B 384 -28.74 8.33 52.91
N GLU B 385 -29.03 8.71 54.15
CA GLU B 385 -28.16 9.64 54.86
C GLU B 385 -26.77 9.03 55.06
N PHE B 386 -26.70 7.75 55.41
CA PHE B 386 -25.42 7.08 55.56
C PHE B 386 -24.60 7.15 54.27
N ILE B 387 -25.23 6.83 53.14
CA ILE B 387 -24.51 6.80 51.87
C ILE B 387 -24.05 8.20 51.48
N VAL B 388 -24.91 9.19 51.65
CA VAL B 388 -24.53 10.56 51.29
C VAL B 388 -23.36 11.02 52.15
N ASP B 389 -23.36 10.65 53.44
CA ASP B 389 -22.25 11.03 54.29
C ASP B 389 -20.96 10.31 53.91
N CYS B 390 -21.05 9.04 53.51
CA CYS B 390 -19.87 8.35 53.01
C CYS B 390 -19.27 9.11 51.82
N LEU B 391 -20.11 9.45 50.85
CA LEU B 391 -19.60 10.10 49.65
C LEU B 391 -19.00 11.47 49.97
N ARG B 392 -19.67 12.25 50.83
CA ARG B 392 -19.12 13.54 51.19
C ARG B 392 -17.81 13.42 51.96
N TYR B 393 -17.68 12.38 52.79
CA TYR B 393 -16.42 12.16 53.49
C TYR B 393 -15.30 11.87 52.51
N TRP B 394 -15.55 10.97 51.55
CA TRP B 394 -14.50 10.63 50.60
C TRP B 394 -14.17 11.80 49.68
N VAL B 395 -15.08 12.75 49.51
CA VAL B 395 -14.78 13.90 48.65
C VAL B 395 -14.05 14.98 49.44
N THR B 396 -14.59 15.38 50.59
CA THR B 396 -14.11 16.56 51.29
C THR B 396 -12.83 16.33 52.08
N GLU B 397 -12.53 15.08 52.47
CA GLU B 397 -11.36 14.81 53.29
C GLU B 397 -10.28 14.03 52.56
N MET B 398 -10.66 13.07 51.72
CA MET B 398 -9.70 12.33 50.92
C MET B 398 -9.54 12.90 49.51
N HIS B 399 -10.24 13.98 49.20
CA HIS B 399 -10.07 14.71 47.94
C HIS B 399 -10.19 13.80 46.72
N VAL B 400 -11.20 12.96 46.73
CA VAL B 400 -11.52 12.12 45.58
C VAL B 400 -12.33 12.96 44.59
N ASP B 401 -12.28 12.56 43.32
CA ASP B 401 -12.85 13.35 42.24
C ASP B 401 -14.16 12.81 41.69
N GLY B 402 -14.51 11.57 41.99
CA GLY B 402 -15.74 10.99 41.47
C GLY B 402 -15.84 9.54 41.87
N PHE B 403 -16.98 8.93 41.55
CA PHE B 403 -17.31 7.59 42.00
C PHE B 403 -17.91 6.78 40.86
N ARG B 404 -17.70 5.47 40.93
CA ARG B 404 -18.37 4.51 40.06
C ARG B 404 -19.19 3.57 40.93
N PHE B 405 -20.44 3.37 40.57
CA PHE B 405 -21.37 2.58 41.36
C PHE B 405 -21.59 1.23 40.66
N ASP B 406 -21.18 0.16 41.31
CA ASP B 406 -21.35 -1.17 40.75
C ASP B 406 -22.82 -1.58 40.82
N LEU B 407 -23.28 -2.28 39.79
CA LEU B 407 -24.67 -2.71 39.66
C LEU B 407 -25.61 -1.62 40.13
N ALA B 408 -25.54 -0.48 39.43
CA ALA B 408 -26.15 0.76 39.91
C ALA B 408 -27.66 0.67 40.03
N SER B 409 -28.32 -0.25 39.33
CA SER B 409 -29.78 -0.29 39.34
C SER B 409 -30.30 -1.10 40.53
N ILE B 410 -29.72 -0.85 41.71
CA ILE B 410 -30.24 -1.36 42.97
C ILE B 410 -30.46 -0.14 43.87
N MET B 411 -29.85 0.98 43.50
CA MET B 411 -30.13 2.25 44.16
C MET B 411 -31.40 2.91 43.62
N THR B 412 -31.98 2.36 42.55
CA THR B 412 -33.23 2.85 41.99
C THR B 412 -34.41 1.95 42.34
N ARG B 413 -34.26 1.09 43.34
CA ARG B 413 -35.30 0.16 43.74
C ARG B 413 -36.00 0.65 45.00
N GLY B 414 -37.21 0.16 45.23
CA GLY B 414 -37.95 0.55 46.42
C GLY B 414 -37.36 -0.07 47.67
N CYS B 415 -37.57 0.62 48.80
CA CYS B 415 -36.98 0.19 50.07
C CYS B 415 -37.78 -0.93 50.73
N SER B 416 -38.64 -1.63 50.00
CA SER B 416 -39.34 -2.79 50.51
C SER B 416 -38.36 -3.75 51.21
N GLY B 436 -38.33 -2.70 46.37
CA GLY B 436 -38.15 -3.74 45.37
C GLY B 436 -38.59 -3.31 43.99
N THR B 437 -39.58 -2.42 43.94
CA THR B 437 -40.11 -1.91 42.69
C THR B 437 -39.21 -0.79 42.16
N PRO B 438 -38.75 -0.86 40.91
CA PRO B 438 -37.94 0.25 40.39
C PRO B 438 -38.67 1.57 40.50
N LEU B 439 -37.93 2.61 40.88
CA LEU B 439 -38.49 3.92 41.12
C LEU B 439 -38.16 4.85 39.96
N ALA B 440 -39.15 5.65 39.56
CA ALA B 440 -38.94 6.63 38.50
C ALA B 440 -38.01 7.75 38.96
N THR B 441 -38.18 8.20 40.20
CA THR B 441 -37.31 9.23 40.79
C THR B 441 -36.88 8.74 42.18
N PRO B 442 -35.89 7.86 42.25
CA PRO B 442 -35.49 7.31 43.54
C PRO B 442 -35.06 8.40 44.49
N PRO B 443 -35.43 8.31 45.78
CA PRO B 443 -34.99 9.34 46.72
C PRO B 443 -33.48 9.42 46.87
N LEU B 444 -32.76 8.28 46.80
CA LEU B 444 -31.32 8.32 47.01
C LEU B 444 -30.62 9.08 45.89
N ILE B 445 -30.95 8.76 44.63
CA ILE B 445 -30.37 9.48 43.50
C ILE B 445 -30.74 10.95 43.58
N ASP B 446 -31.95 11.23 44.05
CA ASP B 446 -32.40 12.61 44.23
C ASP B 446 -31.48 13.35 45.19
N MET B 447 -31.20 12.76 46.35
CA MET B 447 -30.33 13.42 47.32
C MET B 447 -28.91 13.55 46.81
N ILE B 448 -28.41 12.52 46.13
CA ILE B 448 -27.04 12.56 45.64
C ILE B 448 -26.87 13.69 44.63
N SER B 449 -27.75 13.73 43.62
CA SER B 449 -27.57 14.67 42.52
C SER B 449 -27.90 16.11 42.92
N ASN B 450 -28.62 16.31 44.02
CA ASN B 450 -29.00 17.63 44.48
C ASN B 450 -28.04 18.21 45.52
N ASP B 451 -27.02 17.45 45.92
CA ASP B 451 -26.12 17.89 46.98
C ASP B 451 -25.20 19.01 46.48
N PRO B 452 -24.96 20.05 47.27
CA PRO B 452 -24.01 21.10 46.85
C PRO B 452 -22.59 20.62 46.66
N ILE B 453 -22.20 19.51 47.27
CA ILE B 453 -20.84 18.98 47.17
C ILE B 453 -20.74 17.87 46.14
N LEU B 454 -21.67 16.92 46.17
CA LEU B 454 -21.61 15.81 45.23
C LEU B 454 -22.10 16.20 43.84
N GLY B 455 -22.52 17.46 43.64
CA GLY B 455 -22.94 17.89 42.33
C GLY B 455 -21.80 18.29 41.42
N ASP B 456 -20.60 18.51 41.97
CA ASP B 456 -19.45 18.95 41.20
C ASP B 456 -18.51 17.79 40.84
N VAL B 457 -18.87 16.56 41.18
CA VAL B 457 -17.99 15.42 41.01
C VAL B 457 -18.62 14.44 40.02
N LYS B 458 -17.78 13.65 39.39
CA LYS B 458 -18.25 12.68 38.39
C LYS B 458 -19.05 11.59 39.07
N LEU B 459 -20.11 11.13 38.41
CA LEU B 459 -20.95 10.04 38.89
C LEU B 459 -21.22 9.12 37.71
N ILE B 460 -20.61 7.94 37.73
CA ILE B 460 -20.71 6.97 36.65
C ILE B 460 -21.49 5.77 37.18
N ALA B 461 -22.47 5.31 36.41
CA ALA B 461 -23.35 4.24 36.82
C ALA B 461 -23.20 3.04 35.89
N GLU B 462 -23.06 1.85 36.48
CA GLU B 462 -23.10 0.60 35.75
C GLU B 462 -24.53 0.10 35.82
N ALA B 463 -25.37 0.66 34.94
CA ALA B 463 -26.82 0.53 35.07
C ALA B 463 -27.28 -0.86 34.65
N TRP B 464 -27.18 -1.79 35.59
CA TRP B 464 -27.74 -3.13 35.45
C TRP B 464 -27.55 -3.85 36.79
N ASP B 465 -28.34 -4.91 36.99
CA ASP B 465 -28.23 -5.69 38.21
C ASP B 465 -28.41 -7.16 37.84
N ALA B 466 -28.28 -8.03 38.83
CA ALA B 466 -28.34 -9.47 38.64
C ALA B 466 -29.76 -10.02 38.65
N GLY B 467 -30.76 -9.16 38.83
CA GLY B 467 -32.13 -9.62 38.86
C GLY B 467 -32.82 -9.58 37.52
N GLY B 468 -32.35 -8.70 36.63
CA GLY B 468 -32.92 -8.62 35.29
C GLY B 468 -33.05 -7.22 34.75
N LEU B 469 -32.71 -6.21 35.54
CA LEU B 469 -32.85 -4.82 35.11
C LEU B 469 -31.66 -4.43 34.23
N TYR B 470 -31.97 -3.73 33.12
CA TYR B 470 -30.96 -3.22 32.20
C TYR B 470 -31.34 -1.78 31.85
N GLN B 471 -30.86 -0.85 32.67
CA GLN B 471 -31.24 0.56 32.56
C GLN B 471 -30.26 1.33 31.69
N VAL B 472 -29.55 0.64 30.81
CA VAL B 472 -28.59 1.28 29.93
C VAL B 472 -29.34 2.18 28.94
N GLY B 473 -29.11 3.48 29.04
CA GLY B 473 -29.81 4.46 28.23
C GLY B 473 -31.06 5.01 28.88
N GLN B 474 -31.63 4.31 29.87
CA GLN B 474 -32.80 4.75 30.62
C GLN B 474 -32.46 4.65 32.11
N PHE B 475 -31.85 5.72 32.64
CA PHE B 475 -31.44 5.76 34.03
C PHE B 475 -31.84 7.10 34.62
N PRO B 476 -32.31 7.14 35.87
CA PRO B 476 -32.73 8.42 36.44
C PRO B 476 -31.55 9.36 36.59
N HIS B 477 -31.11 9.91 35.46
CA HIS B 477 -29.83 10.60 35.36
C HIS B 477 -29.87 12.03 35.88
N TRP B 478 -31.03 12.67 35.94
CA TRP B 478 -31.12 14.07 36.38
C TRP B 478 -30.25 15.01 35.54
N LYS B 479 -29.84 14.55 34.36
CA LYS B 479 -28.95 15.29 33.47
C LYS B 479 -27.56 15.47 34.07
N ILE B 480 -27.17 14.56 34.97
CA ILE B 480 -25.87 14.62 35.61
C ILE B 480 -25.11 13.30 35.43
N TRP B 481 -25.80 12.19 35.66
CA TRP B 481 -25.11 10.90 35.74
C TRP B 481 -24.61 10.44 34.38
N SER B 482 -23.37 9.96 34.36
CA SER B 482 -22.80 9.26 33.22
C SER B 482 -23.23 7.80 33.26
N GLU B 483 -22.67 6.99 32.38
CA GLU B 483 -23.08 5.60 32.33
C GLU B 483 -22.16 4.77 31.43
N TRP B 484 -21.92 3.54 31.86
CA TRP B 484 -21.22 2.57 31.02
C TRP B 484 -22.10 2.18 29.84
N ASN B 485 -21.47 1.92 28.69
CA ASN B 485 -22.20 1.62 27.46
C ASN B 485 -21.83 0.21 27.03
N GLY B 486 -22.70 -0.76 27.35
CA GLY B 486 -22.48 -2.14 26.94
C GLY B 486 -22.90 -2.45 25.53
N LYS B 487 -23.87 -1.69 25.00
CA LYS B 487 -24.24 -1.82 23.61
C LYS B 487 -23.05 -1.48 22.72
N TYR B 488 -22.30 -0.44 23.08
CA TYR B 488 -21.06 -0.14 22.40
C TYR B 488 -20.17 -1.37 22.33
N ARG B 489 -19.97 -2.02 23.48
CA ARG B 489 -19.07 -3.17 23.53
C ARG B 489 -19.53 -4.26 22.57
N ASP B 490 -20.81 -4.64 22.65
CA ASP B 490 -21.30 -5.72 21.82
C ASP B 490 -21.20 -5.37 20.34
N ILE B 491 -21.63 -4.17 19.97
CA ILE B 491 -21.65 -3.78 18.56
C ILE B 491 -20.23 -3.72 18.00
N VAL B 492 -19.31 -3.09 18.73
CA VAL B 492 -17.94 -2.98 18.24
C VAL B 492 -17.32 -4.36 18.12
N ARG B 493 -17.51 -5.22 19.12
CA ARG B 493 -16.94 -6.55 19.03
C ARG B 493 -17.43 -7.27 17.79
N GLN B 494 -18.74 -7.30 17.57
CA GLN B 494 -19.26 -8.06 16.43
C GLN B 494 -18.85 -7.44 15.10
N PHE B 495 -18.89 -6.12 14.97
CA PHE B 495 -18.49 -5.51 13.71
C PHE B 495 -17.04 -5.83 13.39
N ILE B 496 -16.13 -5.55 14.33
CA ILE B 496 -14.72 -5.69 14.02
C ILE B 496 -14.35 -7.16 13.84
N LYS B 497 -15.07 -8.08 14.49
CA LYS B 497 -14.82 -9.48 14.18
C LYS B 497 -15.37 -9.87 12.83
N GLY B 498 -16.30 -9.08 12.27
CA GLY B 498 -16.73 -9.33 10.91
C GLY B 498 -18.10 -9.96 10.79
N THR B 499 -19.07 -9.41 11.51
CA THR B 499 -20.45 -9.88 11.50
C THR B 499 -21.28 -8.99 10.60
N ASP B 500 -22.25 -9.58 9.90
CA ASP B 500 -23.12 -8.82 9.02
C ASP B 500 -24.24 -8.15 9.81
N GLY B 501 -24.66 -6.99 9.33
CA GLY B 501 -25.74 -6.26 9.96
C GLY B 501 -25.32 -5.30 11.05
N PHE B 502 -24.04 -4.94 11.12
CA PHE B 502 -23.55 -4.09 12.20
C PHE B 502 -22.87 -2.82 11.72
N ALA B 503 -22.99 -2.49 10.43
CA ALA B 503 -22.39 -1.26 9.93
C ALA B 503 -23.12 -0.03 10.45
N GLY B 504 -24.45 -0.06 10.41
CA GLY B 504 -25.22 1.07 10.93
C GLY B 504 -25.04 1.24 12.43
N GLY B 505 -25.04 0.13 13.17
CA GLY B 505 -24.78 0.22 14.60
C GLY B 505 -23.40 0.75 14.91
N PHE B 506 -22.39 0.30 14.15
CA PHE B 506 -21.02 0.78 14.35
C PHE B 506 -20.93 2.28 14.05
N ALA B 507 -21.58 2.72 12.99
CA ALA B 507 -21.59 4.15 12.67
C ALA B 507 -22.29 4.95 13.76
N GLU B 508 -23.36 4.40 14.33
CA GLU B 508 -24.03 5.07 15.45
C GLU B 508 -23.13 5.13 16.67
N CYS B 509 -22.40 4.05 16.95
CA CYS B 509 -21.48 4.03 18.08
C CYS B 509 -20.38 5.09 17.91
N LEU B 510 -19.85 5.24 16.71
CA LEU B 510 -18.77 6.20 16.49
C LEU B 510 -19.19 7.64 16.78
N CYS B 511 -20.48 7.93 16.82
CA CYS B 511 -20.98 9.27 17.11
C CYS B 511 -21.47 9.41 18.55
N GLY B 512 -21.24 8.42 19.40
CA GLY B 512 -21.62 8.52 20.79
C GLY B 512 -23.03 8.10 21.10
N SER B 513 -23.66 7.32 20.23
CA SER B 513 -25.03 6.87 20.42
C SER B 513 -25.98 8.05 20.68
N PRO B 514 -26.19 8.91 19.69
CA PRO B 514 -27.14 10.01 19.89
C PRO B 514 -28.54 9.54 20.24
N HIS B 515 -28.96 8.39 19.73
CA HIS B 515 -30.32 7.93 19.96
C HIS B 515 -30.57 7.51 21.40
N LEU B 516 -29.52 7.35 22.22
CA LEU B 516 -29.70 7.00 23.62
C LEU B 516 -29.53 8.17 24.56
N TYR B 517 -28.68 9.13 24.23
CA TYR B 517 -28.33 10.21 25.15
C TYR B 517 -28.76 11.59 24.68
N GLN B 518 -28.96 11.78 23.36
CA GLN B 518 -29.42 13.07 22.88
C GLN B 518 -30.89 13.28 23.17
N ALA B 519 -31.69 12.22 23.03
CA ALA B 519 -33.13 12.37 23.21
C ALA B 519 -33.47 12.86 24.62
N GLY B 520 -32.85 12.29 25.64
CA GLY B 520 -33.13 12.64 27.01
C GLY B 520 -32.48 13.91 27.51
N GLY B 521 -31.67 14.56 26.68
CA GLY B 521 -31.03 15.81 27.07
C GLY B 521 -29.58 15.68 27.49
N ARG B 522 -28.93 14.56 27.20
CA ARG B 522 -27.56 14.33 27.63
C ARG B 522 -26.60 14.41 26.44
N LYS B 523 -25.35 14.73 26.76
CA LYS B 523 -24.27 14.98 25.82
C LYS B 523 -23.55 13.69 25.46
N PRO B 524 -22.78 13.66 24.37
CA PRO B 524 -22.13 12.40 23.99
C PRO B 524 -21.16 11.87 25.03
N TRP B 525 -20.58 12.75 25.85
CA TRP B 525 -19.59 12.32 26.82
C TRP B 525 -20.22 11.73 28.08
N HIS B 526 -21.54 11.71 28.19
CA HIS B 526 -22.17 10.97 29.27
C HIS B 526 -22.14 9.47 29.02
N SER B 527 -21.47 9.03 27.96
CA SER B 527 -21.29 7.61 27.67
C SER B 527 -19.83 7.25 27.85
N ILE B 528 -19.57 6.19 28.62
CA ILE B 528 -18.23 5.68 28.83
C ILE B 528 -18.08 4.47 27.92
N ASN B 529 -17.18 4.56 26.95
CA ASN B 529 -17.02 3.53 25.93
C ASN B 529 -15.92 2.56 26.34
N PHE B 530 -16.14 1.27 26.09
CA PHE B 530 -15.13 0.27 26.37
C PHE B 530 -15.46 -0.99 25.57
N VAL B 531 -14.43 -1.76 25.25
CA VAL B 531 -14.61 -3.08 24.66
C VAL B 531 -14.17 -4.20 25.59
N CYS B 532 -13.34 -3.92 26.59
CA CYS B 532 -12.92 -4.93 27.55
C CYS B 532 -12.81 -4.30 28.93
N ALA B 533 -13.14 -5.11 29.94
CA ALA B 533 -13.06 -4.67 31.33
C ALA B 533 -12.41 -5.77 32.17
N HIS B 534 -12.47 -5.66 33.48
CA HIS B 534 -11.90 -6.68 34.35
C HIS B 534 -12.65 -7.99 34.29
N ASP B 535 -13.93 -7.97 33.97
CA ASP B 535 -14.76 -9.17 33.89
C ASP B 535 -14.99 -9.48 32.41
N GLY B 536 -14.43 -10.59 31.95
CA GLY B 536 -14.53 -11.00 30.56
C GLY B 536 -13.16 -11.14 29.95
N PHE B 537 -13.16 -11.45 28.65
CA PHE B 537 -11.90 -11.57 27.93
C PHE B 537 -11.15 -10.25 27.93
N THR B 538 -9.83 -10.34 28.04
CA THR B 538 -8.97 -9.20 27.81
C THR B 538 -8.88 -8.92 26.31
N LEU B 539 -8.17 -7.85 25.95
CA LEU B 539 -8.07 -7.47 24.55
C LEU B 539 -7.38 -8.56 23.74
N ALA B 540 -6.37 -9.20 24.34
CA ALA B 540 -5.65 -10.26 23.64
C ALA B 540 -6.48 -11.52 23.52
N ASP B 541 -7.18 -11.89 24.60
CA ASP B 541 -8.01 -13.09 24.56
C ASP B 541 -9.22 -12.90 23.64
N LEU B 542 -9.62 -11.64 23.42
CA LEU B 542 -10.76 -11.38 22.55
C LEU B 542 -10.48 -11.77 21.10
N VAL B 543 -9.22 -11.86 20.72
CA VAL B 543 -8.83 -12.21 19.36
C VAL B 543 -8.09 -13.55 19.31
N THR B 544 -8.12 -14.33 20.39
CA THR B 544 -7.39 -15.58 20.48
C THR B 544 -8.25 -16.79 20.79
N TYR B 545 -9.37 -16.63 21.48
CA TYR B 545 -10.18 -17.75 21.92
C TYR B 545 -11.62 -17.54 21.47
N ASN B 546 -12.24 -18.63 21.00
CA ASN B 546 -13.66 -18.65 20.71
C ASN B 546 -14.52 -18.82 21.95
N LYS B 547 -14.01 -19.50 22.98
CA LYS B 547 -14.82 -19.88 24.12
C LYS B 547 -14.00 -19.66 25.39
N LYS B 548 -14.68 -19.71 26.53
CA LYS B 548 -14.07 -19.49 27.82
C LYS B 548 -13.38 -20.76 28.32
N TYR B 549 -12.41 -20.58 29.22
CA TYR B 549 -11.70 -21.70 29.81
C TYR B 549 -11.63 -21.57 31.33
N ASN B 550 -12.78 -21.35 31.97
CA ASN B 550 -12.85 -21.14 33.42
C ASN B 550 -12.86 -22.48 34.17
N SER B 551 -11.79 -23.25 33.98
CA SER B 551 -11.67 -24.53 34.66
C SER B 551 -10.91 -24.46 35.97
N SER B 552 -9.93 -23.55 36.08
CA SER B 552 -9.23 -23.34 37.32
C SER B 552 -10.06 -22.61 38.37
N ASN B 553 -11.23 -22.09 38.00
CA ASN B 553 -12.12 -21.47 38.97
C ASN B 553 -12.79 -22.51 39.87
N GLY B 554 -12.79 -23.77 39.48
CA GLY B 554 -13.38 -24.82 40.29
C GLY B 554 -14.87 -25.02 40.12
N GLU B 555 -15.51 -24.27 39.24
CA GLU B 555 -16.95 -24.37 39.01
C GLU B 555 -17.31 -25.29 37.86
N ASP B 556 -16.32 -25.94 37.24
CA ASP B 556 -16.57 -26.80 36.08
C ASP B 556 -17.18 -25.99 34.94
N ASN B 557 -16.52 -24.87 34.61
CA ASN B 557 -16.89 -23.95 33.54
C ASN B 557 -18.29 -23.37 33.71
N ARG B 558 -18.94 -23.59 34.85
CA ARG B 558 -20.30 -23.11 35.07
C ARG B 558 -20.30 -21.69 35.63
N ASP B 559 -19.54 -20.82 34.98
CA ASP B 559 -19.41 -19.44 35.42
C ASP B 559 -18.92 -18.58 34.28
N GLY B 560 -19.11 -17.28 34.42
CA GLY B 560 -18.67 -16.33 33.42
C GLY B 560 -19.61 -16.24 32.24
N GLU B 561 -19.29 -15.32 31.34
CA GLU B 561 -20.09 -15.10 30.15
C GLU B 561 -19.97 -16.28 29.20
N ASN B 562 -21.08 -16.63 28.55
CA ASN B 562 -21.08 -17.68 27.55
C ASN B 562 -21.02 -17.14 26.13
N HIS B 563 -21.47 -15.90 25.91
CA HIS B 563 -21.49 -15.27 24.59
C HIS B 563 -20.47 -14.14 24.62
N ASN B 564 -19.24 -14.46 24.24
CA ASN B 564 -18.14 -13.51 24.31
C ASN B 564 -17.99 -12.68 23.05
N LEU B 565 -18.57 -13.13 21.93
CA LEU B 565 -18.48 -12.42 20.66
C LEU B 565 -17.03 -12.30 20.19
N SER B 566 -16.26 -13.37 20.40
CA SER B 566 -14.84 -13.40 20.05
C SER B 566 -14.60 -14.25 18.82
N TRP B 567 -13.45 -14.04 18.19
CA TRP B 567 -13.02 -14.81 17.04
C TRP B 567 -11.54 -15.13 17.22
N ASN B 568 -11.19 -16.41 17.16
CA ASN B 568 -9.80 -16.82 17.34
C ASN B 568 -8.92 -16.53 16.12
N CYS B 569 -9.41 -15.76 15.15
CA CYS B 569 -8.63 -15.36 13.98
C CYS B 569 -8.13 -16.56 13.18
N GLY B 570 -8.87 -17.65 13.20
CA GLY B 570 -8.62 -18.77 12.33
C GLY B 570 -7.95 -19.97 12.99
N GLU B 571 -7.34 -19.80 14.16
CA GLU B 571 -6.68 -20.91 14.83
C GLU B 571 -6.68 -20.62 16.33
N GLU B 572 -7.11 -21.60 17.13
CA GLU B 572 -7.35 -21.35 18.55
C GLU B 572 -6.09 -21.57 19.37
N GLY B 573 -5.91 -20.76 20.40
CA GLY B 573 -4.79 -20.85 21.29
C GLY B 573 -3.70 -19.85 20.94
N GLU B 574 -2.65 -19.88 21.76
CA GLU B 574 -1.52 -18.98 21.56
C GLU B 574 -0.54 -19.48 20.50
N PHE B 575 -0.62 -20.75 20.10
CA PHE B 575 0.31 -21.34 19.15
C PHE B 575 -0.38 -21.41 17.79
N ALA B 576 -0.20 -20.34 17.02
CA ALA B 576 -0.81 -20.21 15.70
C ALA B 576 0.26 -19.79 14.69
N GLY B 577 -0.12 -19.83 13.41
CA GLY B 577 0.79 -19.46 12.36
C GLY B 577 1.04 -17.97 12.30
N LEU B 578 2.04 -17.60 11.49
CA LEU B 578 2.46 -16.21 11.42
C LEU B 578 1.37 -15.31 10.86
N SER B 579 0.62 -15.79 9.87
CA SER B 579 -0.50 -15.00 9.36
C SER B 579 -1.56 -14.75 10.42
N VAL B 580 -1.86 -15.78 11.22
CA VAL B 580 -2.83 -15.61 12.31
C VAL B 580 -2.33 -14.56 13.31
N LYS B 581 -1.04 -14.58 13.61
CA LYS B 581 -0.49 -13.61 14.56
C LYS B 581 -0.54 -12.20 14.01
N ARG B 582 -0.18 -12.02 12.74
CA ARG B 582 -0.27 -10.70 12.13
C ARG B 582 -1.71 -10.20 12.13
N LEU B 583 -2.66 -11.08 11.84
CA LEU B 583 -4.07 -10.71 11.86
C LEU B 583 -4.50 -10.29 13.26
N ARG B 584 -4.02 -11.01 14.28
CA ARG B 584 -4.37 -10.65 15.66
C ARG B 584 -3.82 -9.28 16.04
N LYS B 585 -2.59 -8.97 15.63
CA LYS B 585 -2.03 -7.65 15.89
C LYS B 585 -2.87 -6.57 15.22
N ARG B 586 -3.22 -6.77 13.95
CA ARG B 586 -4.09 -5.82 13.27
C ARG B 586 -5.39 -5.64 14.05
N GLN B 587 -5.98 -6.73 14.52
CA GLN B 587 -7.28 -6.65 15.18
C GLN B 587 -7.20 -5.86 16.48
N MET B 588 -6.16 -6.09 17.27
CA MET B 588 -5.99 -5.32 18.50
C MET B 588 -5.82 -3.83 18.21
N ARG B 589 -5.03 -3.50 17.18
CA ARG B 589 -4.89 -2.08 16.84
C ARG B 589 -6.21 -1.49 16.35
N ASN B 590 -7.00 -2.30 15.64
CA ASN B 590 -8.30 -1.82 15.16
C ASN B 590 -9.24 -1.52 16.32
N PHE B 591 -9.26 -2.39 17.33
CA PHE B 591 -10.08 -2.12 18.51
C PHE B 591 -9.64 -0.82 19.18
N PHE B 592 -8.33 -0.61 19.32
CA PHE B 592 -7.89 0.61 19.99
C PHE B 592 -8.24 1.86 19.17
N VAL B 593 -8.11 1.78 17.85
CA VAL B 593 -8.47 2.92 17.01
C VAL B 593 -9.95 3.23 17.13
N SER B 594 -10.78 2.18 17.12
CA SER B 594 -12.21 2.38 17.28
C SER B 594 -12.51 3.10 18.59
N LEU B 595 -11.86 2.68 19.68
CA LEU B 595 -12.04 3.38 20.94
C LEU B 595 -11.65 4.85 20.83
N MET B 596 -10.50 5.13 20.21
CA MET B 596 -9.95 6.47 20.31
C MET B 596 -10.54 7.46 19.32
N VAL B 597 -11.24 7.02 18.27
CA VAL B 597 -11.87 7.96 17.35
C VAL B 597 -13.35 8.17 17.64
N SER B 598 -13.91 7.49 18.63
CA SER B 598 -15.33 7.58 18.90
C SER B 598 -15.66 8.77 19.80
N GLN B 599 -16.87 9.30 19.64
CA GLN B 599 -17.38 10.31 20.56
C GLN B 599 -17.84 9.62 21.85
N GLY B 600 -17.48 10.23 22.96
CA GLY B 600 -17.64 9.61 24.27
C GLY B 600 -16.30 9.47 24.96
N VAL B 601 -16.34 9.06 26.21
CA VAL B 601 -15.15 8.99 27.06
C VAL B 601 -14.59 7.57 26.96
N PRO B 602 -13.38 7.39 26.40
CA PRO B 602 -12.84 6.04 26.26
C PRO B 602 -12.35 5.50 27.59
N MET B 603 -12.38 4.18 27.72
CA MET B 603 -11.91 3.51 28.92
C MET B 603 -11.37 2.14 28.54
N PHE B 604 -10.25 1.76 29.15
CA PHE B 604 -9.70 0.44 28.93
C PHE B 604 -9.01 -0.03 30.21
N TYR B 605 -8.96 -1.34 30.37
CA TYR B 605 -8.48 -1.98 31.58
C TYR B 605 -6.96 -2.10 31.53
N MET B 606 -6.34 -2.11 32.71
CA MET B 606 -4.89 -2.13 32.77
C MET B 606 -4.32 -3.39 32.13
N GLY B 607 -3.30 -3.21 31.31
CA GLY B 607 -2.64 -4.29 30.63
C GLY B 607 -3.09 -4.50 29.20
N ASP B 608 -4.11 -3.76 28.75
CA ASP B 608 -4.55 -3.89 27.37
C ASP B 608 -3.58 -3.21 26.42
N GLU B 609 -2.84 -2.21 26.89
CA GLU B 609 -1.92 -1.49 26.03
C GLU B 609 -0.72 -2.32 25.60
N TYR B 610 -0.46 -3.46 26.23
CA TYR B 610 0.61 -4.35 25.78
C TYR B 610 0.15 -5.77 25.51
N GLY B 611 -1.16 -6.03 25.50
CA GLY B 611 -1.64 -7.35 25.16
C GLY B 611 -1.67 -8.35 26.30
N HIS B 612 -2.13 -7.93 27.48
CA HIS B 612 -2.22 -8.85 28.60
C HIS B 612 -3.19 -9.98 28.30
N THR B 613 -2.85 -11.18 28.75
CA THR B 613 -3.67 -12.36 28.53
C THR B 613 -3.89 -13.08 29.85
N LYS B 614 -5.08 -13.66 30.00
CA LYS B 614 -5.41 -14.46 31.16
C LYS B 614 -5.56 -15.94 30.84
N GLY B 615 -5.07 -16.38 29.69
CA GLY B 615 -5.11 -17.78 29.33
C GLY B 615 -6.46 -18.29 28.90
N GLY B 616 -7.37 -17.41 28.49
CA GLY B 616 -8.70 -17.81 28.09
C GLY B 616 -9.70 -17.85 29.23
N ASN B 617 -9.29 -17.49 30.44
CA ASN B 617 -10.17 -17.42 31.60
C ASN B 617 -10.83 -16.05 31.61
N ASN B 618 -12.15 -16.01 31.46
CA ASN B 618 -12.88 -14.74 31.43
C ASN B 618 -13.53 -14.41 32.77
N ASN B 619 -13.19 -15.15 33.83
CA ASN B 619 -13.71 -14.86 35.16
C ASN B 619 -12.63 -15.28 36.16
N THR B 620 -11.79 -14.33 36.56
CA THR B 620 -10.64 -14.58 37.44
C THR B 620 -10.79 -13.86 38.77
N TYR B 621 -11.97 -13.93 39.36
CA TYR B 621 -12.26 -13.20 40.58
C TYR B 621 -11.51 -13.74 41.78
N CYS B 622 -10.89 -14.91 41.67
CA CYS B 622 -10.37 -15.61 42.84
C CYS B 622 -8.94 -16.09 42.63
N HIS B 623 -8.13 -15.32 41.90
CA HIS B 623 -6.76 -15.74 41.58
C HIS B 623 -5.80 -14.63 41.99
N ASP B 624 -5.19 -14.78 43.16
CA ASP B 624 -4.04 -13.95 43.55
C ASP B 624 -2.79 -14.52 42.89
N HIS B 625 -2.85 -14.55 41.56
CA HIS B 625 -1.86 -15.21 40.73
C HIS B 625 -1.36 -14.18 39.72
N TYR B 626 -0.31 -14.55 38.96
CA TYR B 626 0.25 -13.60 38.01
C TYR B 626 -0.70 -13.30 36.87
N VAL B 627 -1.77 -14.09 36.69
CA VAL B 627 -2.73 -13.79 35.64
C VAL B 627 -3.45 -12.47 35.87
N ASN B 628 -3.57 -12.05 37.13
CA ASN B 628 -4.22 -10.79 37.47
C ASN B 628 -3.23 -9.65 37.68
N TYR B 629 -1.94 -9.90 37.54
CA TYR B 629 -0.91 -8.91 37.79
C TYR B 629 -0.49 -8.23 36.50
N PHE B 630 -0.14 -6.96 36.61
CA PHE B 630 0.50 -6.23 35.51
C PHE B 630 1.90 -6.81 35.31
N ARG B 631 2.18 -7.28 34.10
CA ARG B 631 3.46 -7.91 33.79
C ARG B 631 4.39 -6.86 33.19
N TRP B 632 5.22 -6.24 34.03
CA TRP B 632 6.09 -5.18 33.55
C TRP B 632 7.21 -5.70 32.66
N ASP B 633 7.54 -7.00 32.76
CA ASP B 633 8.52 -7.57 31.82
C ASP B 633 7.90 -7.78 30.44
N LYS B 634 6.68 -8.29 30.39
CA LYS B 634 6.00 -8.48 29.11
C LYS B 634 5.69 -7.15 28.45
N LYS B 635 5.64 -6.06 29.22
CA LYS B 635 5.42 -4.74 28.63
C LYS B 635 6.57 -4.36 27.72
N GLU B 636 7.78 -4.83 28.02
CA GLU B 636 8.93 -4.49 27.20
C GLU B 636 8.95 -5.28 25.89
N GLU B 637 8.48 -6.53 25.91
CA GLU B 637 8.48 -7.33 24.69
C GLU B 637 7.51 -6.79 23.65
N SER B 638 6.41 -6.17 24.09
CA SER B 638 5.39 -5.64 23.19
C SER B 638 5.28 -4.13 23.30
N SER B 639 6.42 -3.44 23.24
CA SER B 639 6.42 -1.99 23.35
C SER B 639 5.94 -1.30 22.08
N ASP B 640 5.86 -2.02 20.96
CA ASP B 640 5.30 -1.43 19.75
C ASP B 640 3.82 -1.12 19.91
N LEU B 641 3.06 -2.05 20.48
CA LEU B 641 1.65 -1.79 20.74
C LEU B 641 1.46 -0.67 21.76
N GLN B 642 2.32 -0.63 22.77
CA GLN B 642 2.24 0.45 23.75
C GLN B 642 2.51 1.80 23.11
N ARG B 643 3.49 1.86 22.20
CA ARG B 643 3.75 3.09 21.46
C ARG B 643 2.54 3.48 20.62
N PHE B 644 1.94 2.50 19.94
CA PHE B 644 0.76 2.80 19.13
C PHE B 644 -0.35 3.38 19.98
N CYS B 645 -0.60 2.79 21.14
CA CYS B 645 -1.70 3.23 22.00
C CYS B 645 -1.43 4.63 22.57
N SER B 646 -0.19 4.88 23.02
CA SER B 646 0.11 6.21 23.55
C SER B 646 0.02 7.27 22.46
N LEU B 647 0.46 6.96 21.25
CA LEU B 647 0.32 7.91 20.15
C LEU B 647 -1.14 8.15 19.80
N MET B 648 -1.99 7.12 19.83
CA MET B 648 -3.41 7.32 19.58
C MET B 648 -4.05 8.21 20.64
N THR B 649 -3.70 8.01 21.91
CA THR B 649 -4.22 8.90 22.94
C THR B 649 -3.78 10.34 22.72
N LYS B 650 -2.50 10.53 22.39
CA LYS B 650 -2.03 11.89 22.09
C LYS B 650 -2.80 12.48 20.92
N PHE B 651 -3.01 11.69 19.86
CA PHE B 651 -3.72 12.19 18.69
C PHE B 651 -5.15 12.61 19.04
N ARG B 652 -5.84 11.81 19.85
CA ARG B 652 -7.16 12.22 20.30
C ARG B 652 -7.09 13.54 21.07
N LYS B 653 -6.07 13.70 21.90
CA LYS B 653 -5.95 14.95 22.65
C LYS B 653 -5.76 16.15 21.72
N GLN B 654 -4.93 15.99 20.68
CA GLN B 654 -4.66 17.13 19.80
C GLN B 654 -5.87 17.48 18.96
N CYS B 655 -6.50 16.48 18.35
CA CYS B 655 -7.62 16.70 17.43
C CYS B 655 -8.76 17.34 18.20
N GLU B 656 -9.22 18.50 17.73
CA GLU B 656 -10.32 19.18 18.39
C GLU B 656 -11.65 18.48 18.15
N SER B 657 -11.82 17.87 16.98
CA SER B 657 -13.11 17.32 16.60
C SER B 657 -13.43 15.99 17.28
N LEU B 658 -12.48 15.39 18.00
CA LEU B 658 -12.72 14.09 18.61
C LEU B 658 -13.17 14.16 20.07
N GLY B 659 -13.15 15.34 20.68
CA GLY B 659 -13.59 15.50 22.05
C GLY B 659 -14.78 16.43 22.16
N LEU B 660 -15.73 16.30 21.24
CA LEU B 660 -16.82 17.25 21.11
C LEU B 660 -17.68 17.31 22.37
N ALA B 661 -18.11 18.52 22.72
CA ALA B 661 -19.06 18.71 23.81
C ALA B 661 -20.49 18.37 23.40
N ASP B 662 -20.86 18.67 22.16
CA ASP B 662 -22.18 18.36 21.62
C ASP B 662 -22.04 17.28 20.55
N PHE B 663 -23.18 16.76 20.11
CA PHE B 663 -23.17 15.69 19.14
C PHE B 663 -22.73 16.21 17.77
N PRO B 664 -22.04 15.38 16.97
CA PRO B 664 -21.59 15.85 15.67
C PRO B 664 -22.76 16.11 14.74
N THR B 665 -22.58 17.06 13.82
CA THR B 665 -23.61 17.50 12.89
C THR B 665 -23.21 17.13 11.47
N ALA B 666 -24.22 17.06 10.60
CA ALA B 666 -23.99 16.67 9.21
C ALA B 666 -23.17 17.69 8.45
N GLN B 667 -23.01 18.89 9.00
CA GLN B 667 -22.16 19.90 8.38
C GLN B 667 -20.68 19.72 8.71
N ARG B 668 -20.35 18.94 9.74
CA ARG B 668 -18.98 18.63 10.10
C ARG B 668 -18.55 17.24 9.66
N LEU B 669 -19.44 16.26 9.75
CA LEU B 669 -19.11 14.85 9.55
C LEU B 669 -19.80 14.32 8.30
N HIS B 670 -19.03 13.64 7.45
CA HIS B 670 -19.56 13.03 6.24
C HIS B 670 -19.20 11.56 6.22
N TRP B 671 -20.10 10.74 5.66
CA TRP B 671 -19.91 9.30 5.59
C TRP B 671 -19.61 8.89 4.15
N HIS B 672 -18.62 8.01 3.99
CA HIS B 672 -18.16 7.56 2.68
C HIS B 672 -18.20 6.05 2.63
N GLY B 673 -18.12 5.50 1.42
CA GLY B 673 -17.97 4.07 1.23
C GLY B 673 -16.67 3.77 0.50
N HIS B 674 -16.64 2.71 -0.30
CA HIS B 674 -15.47 2.49 -1.14
C HIS B 674 -15.27 3.65 -2.11
N GLN B 675 -16.33 4.38 -2.42
CA GLN B 675 -16.26 5.60 -3.20
C GLN B 675 -16.76 6.77 -2.36
N PRO B 676 -16.13 7.94 -2.43
CA PRO B 676 -16.52 9.04 -1.55
C PRO B 676 -17.98 9.40 -1.71
N GLY B 677 -18.67 9.56 -0.56
CA GLY B 677 -20.04 10.01 -0.55
C GLY B 677 -21.08 8.96 -0.83
N LYS B 678 -20.71 7.68 -0.81
CA LYS B 678 -21.62 6.59 -1.15
C LYS B 678 -21.52 5.49 -0.10
N PRO B 679 -22.02 5.74 1.11
CA PRO B 679 -21.97 4.71 2.16
C PRO B 679 -22.79 3.50 1.79
N ASP B 680 -22.35 2.34 2.26
CA ASP B 680 -23.08 1.08 2.09
C ASP B 680 -23.64 0.69 3.46
N TRP B 681 -24.93 0.99 3.68
CA TRP B 681 -25.60 0.66 4.92
C TRP B 681 -26.35 -0.66 4.84
N SER B 682 -26.19 -1.40 3.75
CA SER B 682 -26.93 -2.64 3.58
C SER B 682 -26.48 -3.65 4.64
N GLU B 683 -27.09 -4.84 4.58
CA GLU B 683 -26.82 -5.88 5.56
C GLU B 683 -25.54 -6.65 5.30
N THR B 684 -25.00 -6.62 4.09
CA THR B 684 -23.76 -7.30 3.78
C THR B 684 -22.55 -6.37 3.86
N SER B 685 -22.75 -5.12 4.24
CA SER B 685 -21.65 -4.16 4.32
C SER B 685 -20.69 -4.55 5.44
N ARG B 686 -19.40 -4.36 5.20
CA ARG B 686 -18.39 -4.55 6.23
C ARG B 686 -17.31 -3.47 6.13
N PHE B 687 -17.68 -2.28 5.66
CA PHE B 687 -16.77 -1.17 5.49
C PHE B 687 -17.45 0.08 5.99
N VAL B 688 -16.75 0.87 6.80
CA VAL B 688 -17.29 2.11 7.34
C VAL B 688 -16.22 3.18 7.28
N ALA B 689 -16.54 4.32 6.67
CA ALA B 689 -15.57 5.39 6.51
C ALA B 689 -16.24 6.74 6.72
N PHE B 690 -15.48 7.69 7.27
CA PHE B 690 -16.01 9.03 7.43
C PHE B 690 -14.87 10.04 7.36
N SER B 691 -15.24 11.28 7.10
CA SER B 691 -14.31 12.40 7.11
C SER B 691 -14.93 13.56 7.86
N THR B 692 -14.10 14.25 8.62
CA THR B 692 -14.59 15.29 9.52
C THR B 692 -13.63 16.46 9.52
N LYS B 693 -14.21 17.67 9.48
CA LYS B 693 -13.43 18.89 9.53
C LYS B 693 -12.85 19.08 10.93
N ASP B 694 -11.81 19.92 11.01
CA ASP B 694 -11.10 20.10 12.26
C ASP B 694 -10.40 21.44 12.23
N GLU B 695 -10.55 22.22 13.30
CA GLU B 695 -9.99 23.57 13.33
C GLU B 695 -8.46 23.56 13.36
N THR B 696 -7.85 22.53 13.94
CA THR B 696 -6.40 22.47 14.07
C THR B 696 -5.72 21.62 13.01
N LYS B 697 -6.40 20.59 12.50
CA LYS B 697 -5.82 19.69 11.51
C LYS B 697 -6.44 19.83 10.13
N GLY B 698 -7.32 20.81 9.93
CA GLY B 698 -7.96 20.99 8.65
C GLY B 698 -9.07 19.97 8.46
N GLU B 699 -8.69 18.72 8.20
CA GLU B 699 -9.69 17.69 7.99
C GLU B 699 -9.02 16.33 8.09
N ILE B 700 -9.76 15.35 8.63
CA ILE B 700 -9.23 14.01 8.82
C ILE B 700 -10.19 13.00 8.22
N TYR B 701 -9.62 11.87 7.79
CA TYR B 701 -10.36 10.79 7.16
C TYR B 701 -10.03 9.49 7.88
N VAL B 702 -11.07 8.79 8.33
CA VAL B 702 -10.91 7.53 9.06
C VAL B 702 -11.69 6.45 8.31
N ALA B 703 -11.12 5.26 8.22
CA ALA B 703 -11.78 4.16 7.53
C ALA B 703 -11.49 2.84 8.21
N PHE B 704 -12.51 1.96 8.22
CA PHE B 704 -12.44 0.61 8.78
C PHE B 704 -12.88 -0.39 7.72
N ASN B 705 -12.04 -1.38 7.45
CA ASN B 705 -12.34 -2.48 6.52
C ASN B 705 -12.36 -3.77 7.32
N ALA B 706 -13.55 -4.23 7.66
CA ALA B 706 -13.72 -5.46 8.42
C ALA B 706 -14.13 -6.64 7.55
N SER B 707 -14.01 -6.52 6.24
CA SER B 707 -14.23 -7.65 5.35
C SER B 707 -12.95 -8.47 5.25
N HIS B 708 -13.08 -9.66 4.67
CA HIS B 708 -11.94 -10.58 4.58
C HIS B 708 -11.16 -10.42 3.30
N LEU B 709 -11.49 -9.45 2.46
CA LEU B 709 -10.82 -9.20 1.20
C LEU B 709 -10.25 -7.78 1.17
N PRO B 710 -9.07 -7.58 0.60
CA PRO B 710 -8.51 -6.23 0.54
C PRO B 710 -9.25 -5.36 -0.46
N ALA B 711 -8.99 -4.05 -0.38
CA ALA B 711 -9.74 -3.13 -1.22
C ALA B 711 -8.93 -1.85 -1.42
N VAL B 712 -8.97 -1.34 -2.64
CA VAL B 712 -8.45 -0.01 -2.95
C VAL B 712 -9.61 0.96 -2.87
N VAL B 713 -9.52 1.94 -1.97
CA VAL B 713 -10.62 2.85 -1.72
C VAL B 713 -10.25 4.22 -2.26
N GLY B 714 -11.27 4.94 -2.73
CA GLY B 714 -11.09 6.30 -3.22
C GLY B 714 -11.35 7.31 -2.13
N LEU B 715 -10.54 8.34 -2.10
CA LEU B 715 -10.59 9.36 -1.07
C LEU B 715 -11.35 10.58 -1.55
N PRO B 716 -11.88 11.40 -0.65
CA PRO B 716 -12.65 12.58 -1.08
C PRO B 716 -11.82 13.53 -1.94
N GLU B 717 -12.50 14.19 -2.87
CA GLU B 717 -11.86 15.14 -3.78
C GLU B 717 -11.78 16.50 -3.12
N ARG B 718 -10.56 17.00 -2.91
CA ARG B 718 -10.32 18.29 -2.28
C ARG B 718 -9.36 19.08 -3.15
N PRO B 719 -9.87 19.82 -4.14
CA PRO B 719 -8.98 20.57 -5.04
C PRO B 719 -8.01 21.49 -4.31
N GLY B 720 -6.72 21.37 -4.62
CA GLY B 720 -5.70 22.19 -4.00
C GLY B 720 -5.11 21.64 -2.72
N TYR B 721 -5.45 20.41 -2.34
CA TYR B 721 -4.93 19.77 -1.14
C TYR B 721 -4.62 18.32 -1.44
N ARG B 722 -3.96 17.66 -0.49
CA ARG B 722 -3.67 16.24 -0.62
C ARG B 722 -3.82 15.55 0.72
N TRP B 723 -4.21 14.28 0.68
CA TRP B 723 -4.31 13.47 1.89
C TRP B 723 -2.96 12.84 2.20
N GLU B 724 -2.51 13.02 3.44
CA GLU B 724 -1.23 12.48 3.87
C GLU B 724 -1.44 11.36 4.89
N PRO B 725 -0.78 10.23 4.73
CA PRO B 725 -1.03 9.09 5.64
C PRO B 725 -0.51 9.37 7.04
N LEU B 726 -1.31 8.96 8.03
CA LEU B 726 -0.89 9.02 9.43
C LEU B 726 -0.89 7.64 10.10
N VAL B 727 -2.00 6.90 10.03
CA VAL B 727 -2.14 5.63 10.72
C VAL B 727 -2.56 4.56 9.73
N ASP B 728 -1.91 3.41 9.81
CA ASP B 728 -2.27 2.24 9.01
C ASP B 728 -1.95 1.00 9.84
N THR B 729 -2.97 0.33 10.36
CA THR B 729 -2.75 -0.76 11.30
C THR B 729 -2.14 -2.00 10.66
N GLY B 730 -2.17 -2.11 9.33
CA GLY B 730 -1.58 -3.25 8.66
C GLY B 730 -0.09 -3.18 8.43
N LYS B 731 0.49 -1.99 8.53
CA LYS B 731 1.92 -1.83 8.30
C LYS B 731 2.73 -2.28 9.51
N PRO B 732 3.97 -2.71 9.29
CA PRO B 732 4.80 -3.09 10.43
C PRO B 732 5.35 -1.88 11.16
N ALA B 733 5.42 -1.98 12.48
CA ALA B 733 5.90 -0.87 13.28
C ALA B 733 7.37 -0.59 12.95
N PRO B 734 7.82 0.66 13.09
CA PRO B 734 7.10 1.83 13.60
C PRO B 734 6.27 2.55 12.55
N TYR B 735 5.95 1.92 11.43
CA TYR B 735 5.29 2.58 10.31
C TYR B 735 3.78 2.51 10.40
N ASP B 736 3.24 1.78 11.37
CA ASP B 736 1.81 1.78 11.63
C ASP B 736 1.33 3.10 12.22
N PHE B 737 2.23 3.95 12.67
CA PHE B 737 1.88 5.31 13.09
C PHE B 737 3.06 6.23 12.79
N LEU B 738 2.91 7.14 11.84
CA LEU B 738 4.01 7.98 11.42
C LEU B 738 4.10 9.24 12.26
N THR B 739 5.30 9.52 12.75
CA THR B 739 5.57 10.70 13.57
C THR B 739 6.80 11.40 13.03
N ASP B 740 7.01 12.64 13.48
CA ASP B 740 8.19 13.42 13.07
C ASP B 740 9.37 13.05 13.96
N ASP B 741 9.59 11.74 14.07
CA ASP B 741 10.74 11.20 14.80
C ASP B 741 11.38 10.10 13.98
N LEU B 742 10.62 9.53 13.06
CA LEU B 742 11.18 8.55 12.13
C LEU B 742 12.14 9.26 11.19
N PRO B 743 13.37 8.77 11.02
CA PRO B 743 14.32 9.47 10.15
C PRO B 743 13.88 9.54 8.69
N ASP B 744 13.04 8.60 8.24
CA ASP B 744 12.66 8.48 6.84
C ASP B 744 11.15 8.46 6.67
N ARG B 745 10.45 9.43 7.25
CA ARG B 745 9.02 9.52 7.06
C ARG B 745 8.69 9.98 5.64
N ALA B 746 9.45 10.95 5.14
CA ALA B 746 9.17 11.49 3.81
C ALA B 746 9.34 10.42 2.73
N HIS B 747 10.35 9.57 2.86
CA HIS B 747 10.54 8.49 1.91
C HIS B 747 9.36 7.51 1.95
N ALA B 748 8.87 7.21 3.16
CA ALA B 748 7.73 6.33 3.30
C ALA B 748 6.50 6.90 2.63
N VAL B 749 6.25 8.19 2.81
CA VAL B 749 5.10 8.81 2.16
C VAL B 749 5.30 8.82 0.64
N HIS B 750 6.53 9.06 0.19
CA HIS B 750 6.79 9.15 -1.24
C HIS B 750 6.52 7.82 -1.93
N LEU B 751 6.89 6.72 -1.28
CA LEU B 751 6.70 5.41 -1.92
C LEU B 751 5.24 4.98 -2.02
N PHE B 752 4.31 5.70 -1.39
CA PHE B 752 2.87 5.53 -1.63
C PHE B 752 2.27 6.73 -2.36
N SER B 753 3.08 7.73 -2.66
CA SER B 753 2.58 8.91 -3.37
C SER B 753 1.89 8.56 -4.69
N HIS B 754 2.29 7.49 -5.36
CA HIS B 754 1.67 7.21 -6.66
C HIS B 754 0.22 6.74 -6.53
N PHE B 755 -0.17 6.23 -5.36
CA PHE B 755 -1.58 6.03 -5.02
C PHE B 755 -2.20 7.30 -4.44
N LEU B 756 -1.45 8.02 -3.61
CA LEU B 756 -2.03 9.16 -2.90
C LEU B 756 -2.34 10.32 -3.83
N ASN B 757 -1.58 10.45 -4.93
CA ASN B 757 -1.83 11.49 -5.91
C ASN B 757 -3.12 11.26 -6.68
N SER B 758 -3.58 10.01 -6.77
CA SER B 758 -4.79 9.66 -7.48
C SER B 758 -6.01 9.62 -6.57
N ASN B 759 -5.87 10.05 -5.31
CA ASN B 759 -6.91 9.90 -4.31
C ASN B 759 -7.31 8.43 -4.17
N LEU B 760 -6.32 7.57 -3.97
CA LEU B 760 -6.54 6.15 -3.75
C LEU B 760 -5.74 5.70 -2.53
N TYR B 761 -6.17 4.58 -1.96
CA TYR B 761 -5.40 3.96 -0.89
C TYR B 761 -5.69 2.47 -0.82
N PRO B 762 -4.67 1.61 -0.88
CA PRO B 762 -4.91 0.17 -0.78
C PRO B 762 -4.93 -0.29 0.67
N MET B 763 -5.89 -1.15 1.00
CA MET B 763 -6.11 -1.62 2.36
C MET B 763 -6.17 -3.13 2.38
N LEU B 764 -5.57 -3.71 3.41
CA LEU B 764 -5.69 -5.14 3.67
C LEU B 764 -7.06 -5.45 4.24
N SER B 765 -7.37 -6.73 4.31
CA SER B 765 -8.55 -7.18 5.04
C SER B 765 -8.33 -7.00 6.53
N TYR B 766 -9.39 -6.62 7.23
CA TYR B 766 -9.36 -6.45 8.68
C TYR B 766 -8.34 -5.39 9.09
N SER B 767 -8.54 -4.17 8.62
CA SER B 767 -7.62 -3.08 8.94
C SER B 767 -8.38 -1.76 9.05
N SER B 768 -7.63 -0.69 9.26
CA SER B 768 -8.19 0.64 9.33
C SER B 768 -7.08 1.65 9.09
N ILE B 769 -7.46 2.82 8.60
CA ILE B 769 -6.51 3.86 8.26
C ILE B 769 -7.01 5.22 8.72
N ILE B 770 -6.07 6.11 9.02
CA ILE B 770 -6.35 7.51 9.32
C ILE B 770 -5.41 8.37 8.49
N LEU B 771 -5.99 9.36 7.80
CA LEU B 771 -5.24 10.29 6.95
C LEU B 771 -5.62 11.71 7.30
N GLU B 772 -4.72 12.65 6.98
CA GLU B 772 -4.91 14.06 7.29
C GLU B 772 -4.74 14.89 6.03
N LEU B 773 -5.58 15.92 5.87
CA LEU B 773 -5.55 16.76 4.69
C LEU B 773 -4.59 17.93 4.90
N GLN B 774 -3.68 18.11 3.96
CA GLN B 774 -2.67 19.16 4.02
C GLN B 774 -2.62 19.93 2.70
N PRO B 775 -2.22 21.20 2.73
CA PRO B 775 -2.13 21.95 1.48
C PRO B 775 -1.18 21.29 0.48
N ASP B 776 -1.58 21.31 -0.79
CA ASP B 776 -0.82 20.68 -1.87
C ASP B 776 0.18 21.69 -2.42
N ASP B 777 1.20 21.98 -1.61
CA ASP B 777 2.23 22.90 -2.01
C ASP B 777 3.36 22.93 -0.98
#